data_8YE4
#
_entry.id   8YE4
#
_cell.length_a   69.002
_cell.length_b   148.096
_cell.length_c   196.213
_cell.angle_alpha   90.00
_cell.angle_beta   90.00
_cell.angle_gamma   90.00
#
_symmetry.space_group_name_H-M   'P 21 21 21'
#
loop_
_entity.id
_entity.type
_entity.pdbx_description
1 polymer 'MHC class I antigen precusor'
2 polymer Beta-2-microglobulin
3 polymer 'Spike protein S1'
4 polymer 'TCR NYN-I alpha chain'
5 polymer 'TCR NYN-I beta chain'
6 water water
#
loop_
_entity_poly.entity_id
_entity_poly.type
_entity_poly.pdbx_seq_one_letter_code
_entity_poly.pdbx_strand_id
1 'polypeptide(L)'
;GSHSMRYFSTSVSRPGRGEPRFIAVGYVDDTQFVRFDSDAASQRMEPRAPWIEQEGPEYWDEETGKVKAHSQTDRENLRI
ALRYYNQSEAGSHTLQMMFGCDVGSDGRFLRGYHQYAYDGKDYIALKEDLRSWTAADMAAQITKRKWEAAHVAEQQRAYL
EGTCVDGLRRYLENGKETLQRTDPPKTHMTHHPISDHEATLRCWALGFYPAEITLTWQRDGEDQTQDTELVETRPAGDGT
FQKWAAVVVPSGEEQRYTCHVQHEGLPKPLTLRW
;
A,C
2 'polypeptide(L)'
;IQRTPKIQVYSRHPAENGKSNFLNCYVSGFHPSDIEVDLLKNGERIEKVEHSDLSFSKDWSFYLLYYTEFTPTEKDEYAC
RVNHVTLSQPKIVKWDRDM
;
B,D
3 'polypeptide(L)' NYNYLYRLF E,F
4 'polypeptide(L)'
;EVEQDPGPFNVPEGATVAFNCTYSNSASQSFFWYRQDCRKEPKLLMSVYSSGNEDGRFTAQLNRASQYISLLIRDSKLSD
SATYLCVVNAHSGAGSYQLTFGKGTKLSVIPIQNPDPAVYQLRDSKSSDKSVCLFTDFDSQTNVSQSKDSDVYITDKCVL
DMRSMDFKSNSAVAWSNKSDFACANAF
;
G,I
5 'polypeptide(L)'
;AGVTQTPKFQVLKTGQSMTLQCAQDMNHNSMYWYRQDPGMGLRLIYYSASEGTTDKGEVPNGYNVSRLNKREFSLRLESA
APSQTSVYFCASSETGGYEQYFGPGTRLTVTDLKNVFPPEVAVFEPSEAEISHTQKATLVCLATGFYPDHVELSWWVNGK
EVHSGVCTDPQPLKEQPALNDSRYALSSRLRVSATFWQNPRNHFRCQVQFYGLSENDEWTQDRAKPVTQIVSAEAWGR
;
H,J
#
# COMPACT_ATOMS: atom_id res chain seq x y z
N GLY A 1 -11.35 -3.93 53.00
CA GLY A 1 -11.08 -5.34 52.80
C GLY A 1 -11.24 -5.78 51.36
N SER A 2 -11.47 -4.83 50.47
CA SER A 2 -11.64 -5.14 49.06
C SER A 2 -10.33 -5.57 48.43
N HIS A 3 -10.43 -6.41 47.40
CA HIS A 3 -9.29 -6.94 46.67
C HIS A 3 -9.42 -6.59 45.20
N SER A 4 -8.32 -6.75 44.46
CA SER A 4 -8.30 -6.47 43.04
C SER A 4 -7.39 -7.46 42.33
N MET A 5 -7.86 -7.94 41.18
CA MET A 5 -6.99 -8.59 40.19
C MET A 5 -6.90 -7.69 38.98
N ARG A 6 -5.68 -7.50 38.47
CA ARG A 6 -5.45 -6.62 37.34
C ARG A 6 -4.39 -7.21 36.43
N TYR A 7 -4.58 -7.04 35.13
CA TYR A 7 -3.60 -7.39 34.12
C TYR A 7 -3.25 -6.14 33.34
N PHE A 8 -1.96 -5.78 33.31
CA PHE A 8 -1.48 -4.66 32.54
C PHE A 8 -0.68 -5.20 31.37
N SER A 9 -0.97 -4.73 30.16
CA SER A 9 -0.26 -5.16 28.97
C SER A 9 0.25 -3.95 28.21
N THR A 10 1.44 -4.08 27.63
CA THR A 10 2.06 -3.01 26.86
C THR A 10 2.56 -3.58 25.54
N SER A 11 2.05 -3.06 24.43
CA SER A 11 2.51 -3.41 23.10
C SER A 11 3.24 -2.20 22.51
N VAL A 12 4.45 -2.43 21.99
CA VAL A 12 5.33 -1.35 21.55
C VAL A 12 5.84 -1.69 20.15
N SER A 13 5.42 -0.92 19.15
CA SER A 13 5.92 -1.11 17.79
C SER A 13 7.40 -0.77 17.72
N ARG A 14 8.15 -1.52 16.91
CA ARG A 14 9.56 -1.29 16.67
C ARG A 14 9.82 -1.38 15.17
N PRO A 15 9.50 -0.32 14.41
CA PRO A 15 9.61 -0.42 12.95
C PRO A 15 11.04 -0.72 12.53
N GLY A 16 11.18 -1.61 11.54
CA GLY A 16 12.47 -2.06 11.09
C GLY A 16 13.11 -3.12 11.96
N ARG A 17 12.52 -3.43 13.11
CA ARG A 17 13.08 -4.40 14.05
C ARG A 17 12.06 -5.49 14.36
N GLY A 18 11.30 -5.90 13.35
CA GLY A 18 10.35 -6.98 13.50
C GLY A 18 9.04 -6.56 14.14
N GLU A 19 8.28 -7.57 14.52
CA GLU A 19 6.95 -7.35 15.09
C GLU A 19 7.05 -6.67 16.45
N PRO A 20 6.03 -5.91 16.84
CA PRO A 20 6.11 -5.16 18.10
C PRO A 20 6.29 -6.07 19.31
N ARG A 21 7.08 -5.59 20.27
CA ARG A 21 7.22 -6.29 21.53
C ARG A 21 5.94 -6.17 22.34
N PHE A 22 5.58 -7.25 23.03
CA PHE A 22 4.35 -7.30 23.82
C PHE A 22 4.68 -7.83 25.20
N ILE A 23 4.40 -7.04 26.23
CA ILE A 23 4.59 -7.45 27.61
C ILE A 23 3.23 -7.40 28.30
N ALA A 24 2.97 -8.42 29.12
CA ALA A 24 1.75 -8.46 29.93
C ALA A 24 2.11 -8.99 31.30
N VAL A 25 1.49 -8.42 32.34
CA VAL A 25 1.75 -8.80 33.71
C VAL A 25 0.43 -8.88 34.46
N GLY A 26 0.37 -9.76 35.45
CA GLY A 26 -0.84 -9.98 36.23
C GLY A 26 -0.59 -9.69 37.69
N TYR A 27 -1.53 -8.98 38.31
CA TYR A 27 -1.44 -8.59 39.72
C TYR A 27 -2.65 -9.11 40.48
N VAL A 28 -2.42 -9.45 41.75
CA VAL A 28 -3.47 -9.58 42.74
C VAL A 28 -3.19 -8.52 43.80
N ASP A 29 -4.04 -7.50 43.85
CA ASP A 29 -3.76 -6.28 44.61
C ASP A 29 -2.43 -5.69 44.17
N ASP A 30 -1.42 -5.70 45.05
CA ASP A 30 -0.11 -5.13 44.76
C ASP A 30 0.96 -6.19 44.55
N THR A 31 0.57 -7.44 44.33
CA THR A 31 1.51 -8.54 44.16
C THR A 31 1.40 -9.09 42.74
N GLN A 32 2.48 -8.94 41.96
CA GLN A 32 2.56 -9.58 40.66
C GLN A 32 2.65 -11.09 40.83
N PHE A 33 1.97 -11.83 39.94
CA PHE A 33 1.97 -13.29 40.01
C PHE A 33 2.19 -13.97 38.67
N VAL A 34 2.22 -13.25 37.55
CA VAL A 34 2.30 -13.88 36.24
C VAL A 34 2.78 -12.83 35.24
N ARG A 35 3.32 -13.30 34.12
CA ARG A 35 3.85 -12.41 33.10
C ARG A 35 3.87 -13.11 31.75
N PHE A 36 3.96 -12.30 30.69
CA PHE A 36 4.25 -12.80 29.36
C PHE A 36 5.11 -11.76 28.63
N ASP A 37 6.14 -12.25 27.95
CA ASP A 37 7.09 -11.38 27.24
C ASP A 37 7.36 -12.00 25.88
N SER A 38 6.96 -11.30 24.83
CA SER A 38 7.08 -11.86 23.48
C SER A 38 8.54 -12.08 23.10
N ASP A 39 9.46 -11.27 23.64
CA ASP A 39 10.88 -11.43 23.36
C ASP A 39 11.50 -12.62 24.09
N ALA A 40 10.84 -13.14 25.12
CA ALA A 40 11.38 -14.28 25.85
C ALA A 40 11.30 -15.55 25.02
N ALA A 41 12.24 -16.47 25.27
CA ALA A 41 12.34 -17.68 24.47
C ALA A 41 11.12 -18.58 24.64
N SER A 42 10.53 -18.61 25.84
CA SER A 42 9.52 -19.61 26.13
C SER A 42 8.27 -19.41 25.28
N GLN A 43 7.92 -18.17 24.96
CA GLN A 43 6.64 -17.85 24.33
C GLN A 43 5.49 -18.44 25.13
N ARG A 44 5.62 -18.39 26.46
CA ARG A 44 4.66 -18.98 27.38
C ARG A 44 4.31 -17.98 28.47
N MET A 45 3.09 -18.09 28.98
CA MET A 45 2.76 -17.39 30.21
C MET A 45 3.61 -17.95 31.34
N GLU A 46 4.17 -17.07 32.16
CA GLU A 46 5.17 -17.53 33.12
C GLU A 46 4.81 -17.13 34.54
N PRO A 47 4.97 -18.05 35.49
CA PRO A 47 4.71 -17.70 36.90
C PRO A 47 5.68 -16.65 37.40
N ARG A 48 5.18 -15.77 38.28
CA ARG A 48 6.01 -14.77 38.94
C ARG A 48 5.77 -14.71 40.45
N ALA A 49 4.93 -15.59 40.99
CA ALA A 49 4.72 -15.73 42.41
C ALA A 49 4.75 -17.21 42.79
N PRO A 50 5.21 -17.54 43.99
CA PRO A 50 5.32 -18.96 44.37
C PRO A 50 4.00 -19.72 44.34
N TRP A 51 2.86 -19.08 44.67
CA TRP A 51 1.63 -19.84 44.83
C TRP A 51 0.95 -20.18 43.51
N ILE A 52 1.31 -19.51 42.41
CA ILE A 52 0.74 -19.83 41.11
C ILE A 52 1.48 -20.97 40.43
N GLU A 53 2.60 -21.43 40.98
CA GLU A 53 3.50 -22.34 40.28
C GLU A 53 2.91 -23.74 40.11
N GLN A 54 1.93 -24.12 40.93
CA GLN A 54 1.41 -25.48 40.92
C GLN A 54 0.15 -25.65 40.07
N GLU A 55 -0.26 -24.61 39.33
CA GLU A 55 -1.36 -24.79 38.38
C GLU A 55 -0.94 -25.80 37.32
N GLY A 56 -1.88 -26.66 36.91
CA GLY A 56 -1.56 -27.77 36.07
C GLY A 56 -1.31 -27.34 34.64
N PRO A 57 -0.93 -28.31 33.79
CA PRO A 57 -0.62 -27.99 32.38
C PRO A 57 -1.76 -27.32 31.65
N GLU A 58 -3.01 -27.64 31.99
CA GLU A 58 -4.14 -26.99 31.34
C GLU A 58 -4.12 -25.49 31.55
N TYR A 59 -3.78 -25.04 32.76
CA TYR A 59 -3.84 -23.61 33.05
C TYR A 59 -2.79 -22.85 32.26
N TRP A 60 -1.54 -23.33 32.30
CA TRP A 60 -0.48 -22.64 31.58
C TRP A 60 -0.67 -22.71 30.08
N ASP A 61 -1.28 -23.79 29.57
CA ASP A 61 -1.58 -23.86 28.14
C ASP A 61 -2.68 -22.87 27.77
N GLU A 62 -3.75 -22.82 28.57
CA GLU A 62 -4.89 -21.97 28.23
C GLU A 62 -4.56 -20.49 28.43
N GLU A 63 -3.89 -20.16 29.53
CA GLU A 63 -3.52 -18.76 29.75
C GLU A 63 -2.50 -18.28 28.73
N THR A 64 -1.64 -19.18 28.24
CA THR A 64 -0.69 -18.80 27.20
C THR A 64 -1.41 -18.49 25.89
N GLY A 65 -2.46 -19.25 25.57
CA GLY A 65 -3.17 -19.01 24.33
C GLY A 65 -3.99 -17.74 24.37
N LYS A 66 -4.53 -17.38 25.53
CA LYS A 66 -5.30 -16.14 25.64
C LYS A 66 -4.38 -14.93 25.55
N VAL A 67 -3.21 -14.99 26.18
CA VAL A 67 -2.32 -13.84 26.16
C VAL A 67 -1.62 -13.73 24.80
N LYS A 68 -1.30 -14.85 24.15
CA LYS A 68 -0.76 -14.78 22.81
C LYS A 68 -1.80 -14.24 21.82
N ALA A 69 -3.07 -14.61 22.03
CA ALA A 69 -4.13 -14.07 21.18
C ALA A 69 -4.29 -12.58 21.38
N HIS A 70 -4.10 -12.09 22.61
CA HIS A 70 -4.13 -10.66 22.85
C HIS A 70 -2.96 -9.96 22.16
N SER A 71 -1.80 -10.61 22.11
CA SER A 71 -0.64 -9.97 21.49
C SER A 71 -0.85 -9.81 19.98
N GLN A 72 -1.47 -10.81 19.34
CA GLN A 72 -1.80 -10.67 17.93
C GLN A 72 -2.91 -9.65 17.71
N THR A 73 -3.87 -9.58 18.64
CA THR A 73 -4.94 -8.60 18.51
C THR A 73 -4.42 -7.18 18.65
N ASP A 74 -3.44 -6.97 19.53
CA ASP A 74 -2.89 -5.64 19.71
C ASP A 74 -1.79 -5.31 18.70
N ARG A 75 -1.32 -6.28 17.94
CA ARG A 75 -0.50 -5.96 16.78
C ARG A 75 -1.34 -5.30 15.69
N GLU A 76 -2.50 -5.88 15.40
CA GLU A 76 -3.40 -5.28 14.41
C GLU A 76 -3.95 -3.95 14.89
N ASN A 77 -4.21 -3.81 16.19
CA ASN A 77 -4.74 -2.55 16.70
C ASN A 77 -3.73 -1.43 16.58
N LEU A 78 -2.43 -1.74 16.68
CA LEU A 78 -1.41 -0.73 16.40
C LEU A 78 -1.44 -0.32 14.94
N ARG A 79 -1.63 -1.28 14.04
CA ARG A 79 -1.78 -0.96 12.62
C ARG A 79 -3.07 -0.20 12.34
N ILE A 80 -4.13 -0.48 13.10
CA ILE A 80 -5.39 0.23 12.90
C ILE A 80 -5.29 1.63 13.48
N ALA A 81 -4.67 1.78 14.64
CA ALA A 81 -4.49 3.11 15.23
C ALA A 81 -3.59 3.99 14.38
N LEU A 82 -2.63 3.39 13.68
CA LEU A 82 -1.80 4.17 12.75
C LEU A 82 -2.62 4.72 11.60
N ARG A 83 -3.68 4.01 11.20
CA ARG A 83 -4.54 4.47 10.13
C ARG A 83 -5.51 5.54 10.61
N TYR A 84 -6.06 5.39 11.82
CA TYR A 84 -7.03 6.35 12.32
C TYR A 84 -6.42 7.73 12.49
N TYR A 85 -5.14 7.81 12.85
CA TYR A 85 -4.46 9.08 13.00
C TYR A 85 -3.64 9.46 11.77
N ASN A 86 -3.66 8.62 10.72
CA ASN A 86 -2.97 8.90 9.46
C ASN A 86 -1.49 9.20 9.69
N GLN A 87 -0.86 8.37 10.52
CA GLN A 87 0.54 8.55 10.89
C GLN A 87 1.45 7.67 10.06
N SER A 88 2.70 8.11 9.94
CA SER A 88 3.72 7.38 9.19
C SER A 88 4.18 6.16 9.96
N GLU A 89 4.72 5.19 9.21
CA GLU A 89 5.34 4.02 9.82
C GLU A 89 6.58 4.38 10.62
N ALA A 90 7.19 5.53 10.35
CA ALA A 90 8.34 5.97 11.14
C ALA A 90 7.94 6.20 12.59
N GLY A 91 8.82 5.77 13.49
CA GLY A 91 8.62 6.00 14.92
C GLY A 91 7.86 4.88 15.60
N SER A 92 8.26 4.59 16.83
CA SER A 92 7.54 3.63 17.66
C SER A 92 6.28 4.25 18.24
N HIS A 93 5.29 3.39 18.53
CA HIS A 93 4.06 3.81 19.17
C HIS A 93 3.64 2.76 20.20
N THR A 94 2.94 3.20 21.22
CA THR A 94 2.59 2.36 22.36
C THR A 94 1.07 2.19 22.46
N LEU A 95 0.66 0.97 22.79
CA LEU A 95 -0.75 0.65 23.02
C LEU A 95 -0.86 -0.13 24.33
N GLN A 96 -1.33 0.52 25.38
CA GLN A 96 -1.48 -0.09 26.69
C GLN A 96 -2.92 -0.54 26.92
N MET A 97 -3.07 -1.49 27.84
CA MET A 97 -4.39 -1.95 28.24
C MET A 97 -4.38 -2.31 29.71
N MET A 98 -5.49 -2.02 30.39
CA MET A 98 -5.70 -2.40 31.78
C MET A 98 -7.08 -3.01 31.91
N PHE A 99 -7.16 -4.17 32.57
CA PHE A 99 -8.44 -4.79 32.83
C PHE A 99 -8.35 -5.60 34.11
N GLY A 100 -9.51 -5.86 34.71
CA GLY A 100 -9.56 -6.62 35.93
C GLY A 100 -10.87 -6.37 36.67
N CYS A 101 -10.92 -6.88 37.89
CA CYS A 101 -12.12 -6.80 38.71
C CYS A 101 -11.74 -6.51 40.15
N ASP A 102 -12.66 -5.91 40.88
CA ASP A 102 -12.48 -5.63 42.31
C ASP A 102 -13.57 -6.40 43.06
N VAL A 103 -13.29 -7.65 43.38
CA VAL A 103 -14.19 -8.38 44.27
C VAL A 103 -13.98 -7.89 45.70
N GLY A 104 -15.05 -7.91 46.49
CA GLY A 104 -14.97 -7.53 47.87
C GLY A 104 -14.49 -8.66 48.75
N SER A 105 -14.44 -8.38 50.06
CA SER A 105 -14.04 -9.38 51.05
C SER A 105 -15.23 -10.29 51.26
N ASP A 106 -15.41 -11.22 50.32
CA ASP A 106 -16.53 -12.14 50.26
C ASP A 106 -17.86 -11.43 50.11
N GLY A 107 -17.85 -10.11 49.89
CA GLY A 107 -18.99 -9.40 49.36
C GLY A 107 -19.10 -9.55 47.86
N ARG A 108 -18.15 -10.28 47.28
CA ARG A 108 -18.13 -10.70 45.88
C ARG A 108 -17.86 -9.54 44.94
N PHE A 109 -18.29 -9.70 43.70
CA PHE A 109 -17.95 -8.75 42.65
C PHE A 109 -18.48 -7.35 42.98
N LEU A 110 -17.64 -6.34 42.75
CA LEU A 110 -17.98 -4.94 42.98
C LEU A 110 -17.77 -4.08 41.75
N ARG A 111 -16.65 -4.26 41.04
CA ARG A 111 -16.36 -3.42 39.88
C ARG A 111 -15.51 -4.22 38.90
N GLY A 112 -15.62 -3.84 37.62
CA GLY A 112 -14.74 -4.37 36.60
C GLY A 112 -14.07 -3.23 35.84
N TYR A 113 -13.05 -3.58 35.06
CA TYR A 113 -12.27 -2.59 34.33
C TYR A 113 -11.86 -3.13 32.96
N HIS A 114 -11.87 -2.24 31.97
CA HIS A 114 -11.42 -2.58 30.62
C HIS A 114 -11.04 -1.26 29.95
N GLN A 115 -9.75 -0.99 29.84
CA GLN A 115 -9.28 0.29 29.35
C GLN A 115 -8.20 0.10 28.29
N TYR A 116 -8.06 1.11 27.43
CA TYR A 116 -7.02 1.17 26.41
C TYR A 116 -6.40 2.55 26.43
N ALA A 117 -5.14 2.61 26.00
CA ALA A 117 -4.44 3.88 25.84
C ALA A 117 -3.49 3.78 24.66
N TYR A 118 -3.43 4.85 23.86
CA TYR A 118 -2.54 4.92 22.71
C TYR A 118 -1.58 6.09 22.90
N ASP A 119 -0.28 5.80 22.94
CA ASP A 119 0.77 6.80 23.14
C ASP A 119 0.53 7.61 24.41
N GLY A 120 0.08 6.93 25.46
CA GLY A 120 -0.06 7.54 26.77
C GLY A 120 -1.33 8.32 26.99
N LYS A 121 -2.22 8.40 26.01
CA LYS A 121 -3.49 9.10 26.13
C LYS A 121 -4.62 8.09 26.23
N ASP A 122 -5.68 8.46 26.94
CA ASP A 122 -6.86 7.62 26.99
C ASP A 122 -7.41 7.40 25.60
N TYR A 123 -7.78 6.16 25.29
CA TYR A 123 -8.37 5.84 24.01
C TYR A 123 -9.82 5.39 24.15
N ILE A 124 -10.08 4.32 24.89
CA ILE A 124 -11.43 3.84 25.12
C ILE A 124 -11.45 3.09 26.44
N ALA A 125 -12.58 3.17 27.14
CA ALA A 125 -12.69 2.53 28.44
C ALA A 125 -14.13 2.11 28.67
N LEU A 126 -14.30 0.90 29.18
CA LEU A 126 -15.62 0.47 29.62
C LEU A 126 -16.03 1.28 30.84
N LYS A 127 -17.30 1.72 30.85
CA LYS A 127 -17.82 2.44 31.99
C LYS A 127 -18.14 1.45 33.12
N GLU A 128 -18.37 2.00 34.31
CA GLU A 128 -18.67 1.16 35.47
C GLU A 128 -19.90 0.30 35.26
N ASP A 129 -20.82 0.72 34.38
CA ASP A 129 -21.98 -0.10 34.06
C ASP A 129 -21.61 -1.41 33.39
N LEU A 130 -20.40 -1.49 32.81
CA LEU A 130 -19.99 -2.63 31.99
C LEU A 130 -20.92 -2.83 30.80
N ARG A 131 -21.56 -1.74 30.37
CA ARG A 131 -22.51 -1.78 29.28
C ARG A 131 -22.37 -0.61 28.31
N SER A 132 -21.44 0.31 28.56
CA SER A 132 -21.27 1.50 27.74
C SER A 132 -19.79 1.86 27.67
N TRP A 133 -19.41 2.51 26.58
CA TRP A 133 -18.02 2.81 26.29
C TRP A 133 -17.74 4.31 26.37
N THR A 134 -16.51 4.65 26.76
CA THR A 134 -16.04 6.02 26.83
C THR A 134 -14.89 6.18 25.82
N ALA A 135 -15.21 6.71 24.65
CA ALA A 135 -14.19 7.01 23.64
C ALA A 135 -13.65 8.41 23.87
N ALA A 136 -12.33 8.54 23.94
CA ALA A 136 -11.71 9.83 24.22
C ALA A 136 -11.46 10.67 22.99
N ASP A 137 -11.44 10.08 21.80
CA ASP A 137 -11.06 10.76 20.58
C ASP A 137 -12.17 10.66 19.54
N MET A 138 -12.03 11.44 18.47
CA MET A 138 -12.85 11.25 17.29
C MET A 138 -12.61 9.88 16.67
N ALA A 139 -11.37 9.39 16.74
CA ALA A 139 -11.04 8.10 16.17
C ALA A 139 -11.47 6.97 17.09
N ALA A 140 -11.38 7.18 18.40
CA ALA A 140 -11.90 6.20 19.35
C ALA A 140 -13.40 6.06 19.24
N GLN A 141 -14.09 7.13 18.82
CA GLN A 141 -15.53 7.03 18.58
C GLN A 141 -15.84 6.08 17.44
N ILE A 142 -14.92 5.93 16.48
CA ILE A 142 -15.10 4.93 15.43
C ILE A 142 -15.13 3.54 16.05
N THR A 143 -14.19 3.26 16.96
CA THR A 143 -14.20 1.99 17.66
C THR A 143 -15.43 1.85 18.56
N LYS A 144 -15.90 2.95 19.14
CA LYS A 144 -17.06 2.87 20.02
C LYS A 144 -18.32 2.50 19.24
N ARG A 145 -18.52 3.11 18.07
CA ARG A 145 -19.66 2.72 17.24
C ARG A 145 -19.54 1.28 16.75
N LYS A 146 -18.31 0.82 16.48
CA LYS A 146 -18.14 -0.56 16.02
C LYS A 146 -18.36 -1.54 17.18
N TRP A 147 -17.82 -1.22 18.35
CA TRP A 147 -18.00 -2.10 19.50
C TRP A 147 -19.44 -2.08 20.02
N GLU A 148 -20.16 -0.99 19.79
CA GLU A 148 -21.56 -0.95 20.22
C GLU A 148 -22.41 -1.92 19.41
N ALA A 149 -22.21 -1.97 18.09
CA ALA A 149 -23.00 -2.87 17.25
C ALA A 149 -22.70 -4.33 17.54
N ALA A 150 -21.46 -4.64 17.92
CA ALA A 150 -21.05 -6.02 18.17
C ALA A 150 -21.38 -6.49 19.57
N HIS A 151 -21.83 -5.60 20.46
CA HIS A 151 -22.15 -5.94 21.85
C HIS A 151 -20.97 -6.59 22.56
N VAL A 152 -19.76 -6.12 22.25
CA VAL A 152 -18.58 -6.65 22.94
C VAL A 152 -18.58 -6.27 24.41
N ALA A 153 -19.29 -5.20 24.79
CA ALA A 153 -19.38 -4.84 26.20
C ALA A 153 -20.07 -5.93 27.01
N GLU A 154 -20.99 -6.67 26.40
CA GLU A 154 -21.57 -7.83 27.08
C GLU A 154 -20.54 -8.94 27.27
N GLN A 155 -19.61 -9.08 26.32
CA GLN A 155 -18.55 -10.08 26.47
C GLN A 155 -17.66 -9.73 27.65
N GLN A 156 -17.25 -8.46 27.73
CA GLN A 156 -16.40 -8.02 28.84
C GLN A 156 -17.17 -8.06 30.15
N ARG A 157 -18.46 -7.71 30.13
CA ARG A 157 -19.25 -7.84 31.35
C ARG A 157 -19.40 -9.29 31.77
N ALA A 158 -19.51 -10.20 30.79
CA ALA A 158 -19.54 -11.62 31.11
C ALA A 158 -18.20 -12.09 31.66
N TYR A 159 -17.10 -11.49 31.22
CA TYR A 159 -15.80 -11.86 31.76
C TYR A 159 -15.54 -11.22 33.11
N LEU A 160 -15.81 -9.91 33.23
CA LEU A 160 -15.50 -9.20 34.47
C LEU A 160 -16.33 -9.69 35.63
N GLU A 161 -17.58 -10.07 35.39
CA GLU A 161 -18.42 -10.66 36.43
C GLU A 161 -18.27 -12.18 36.54
N GLY A 162 -17.60 -12.81 35.60
CA GLY A 162 -17.47 -14.26 35.67
C GLY A 162 -16.06 -14.77 35.87
N THR A 163 -15.33 -14.93 34.76
CA THR A 163 -14.02 -15.55 34.85
C THR A 163 -13.05 -14.71 35.68
N CYS A 164 -13.23 -13.39 35.67
CA CYS A 164 -12.35 -12.53 36.47
C CYS A 164 -12.54 -12.77 37.96
N VAL A 165 -13.79 -12.85 38.42
CA VAL A 165 -14.04 -13.07 39.83
C VAL A 165 -13.78 -14.52 40.22
N ASP A 166 -14.01 -15.47 39.29
CA ASP A 166 -13.76 -16.87 39.60
C ASP A 166 -12.27 -17.13 39.78
N GLY A 167 -11.43 -16.49 38.97
CA GLY A 167 -10.00 -16.63 39.13
C GLY A 167 -9.43 -15.83 40.28
N LEU A 168 -10.00 -14.65 40.56
CA LEU A 168 -9.47 -13.82 41.63
C LEU A 168 -9.70 -14.45 43.00
N ARG A 169 -10.88 -15.04 43.20
CA ARG A 169 -11.13 -15.73 44.46
C ARG A 169 -10.26 -16.98 44.58
N ARG A 170 -10.04 -17.68 43.46
CA ARG A 170 -9.21 -18.88 43.51
C ARG A 170 -7.75 -18.54 43.82
N TYR A 171 -7.25 -17.45 43.25
CA TYR A 171 -5.90 -17.02 43.57
C TYR A 171 -5.79 -16.55 45.02
N LEU A 172 -6.86 -15.97 45.56
CA LEU A 172 -6.81 -15.45 46.92
C LEU A 172 -6.67 -16.56 47.95
N GLU A 173 -7.20 -17.74 47.68
CA GLU A 173 -7.09 -18.82 48.65
C GLU A 173 -5.77 -19.57 48.51
N ASN A 174 -5.33 -19.82 47.27
CA ASN A 174 -4.03 -20.46 47.08
C ASN A 174 -2.88 -19.59 47.57
N GLY A 175 -3.05 -18.27 47.51
CA GLY A 175 -2.06 -17.35 48.03
C GLY A 175 -2.44 -16.74 49.37
N LYS A 176 -3.38 -17.37 50.08
CA LYS A 176 -3.92 -16.75 51.30
C LYS A 176 -2.86 -16.55 52.37
N GLU A 177 -1.82 -17.40 52.39
CA GLU A 177 -0.71 -17.19 53.31
C GLU A 177 0.11 -15.97 52.94
N THR A 178 -0.01 -15.49 51.71
CA THR A 178 0.72 -14.32 51.22
C THR A 178 -0.21 -13.15 50.89
N LEU A 179 -1.23 -13.37 50.08
CA LEU A 179 -2.07 -12.28 49.62
C LEU A 179 -2.89 -11.66 50.74
N GLN A 180 -3.32 -12.45 51.72
CA GLN A 180 -4.23 -11.96 52.75
C GLN A 180 -3.51 -11.41 53.98
N ARG A 181 -2.21 -11.60 54.09
CA ARG A 181 -1.46 -11.04 55.21
C ARG A 181 -1.26 -9.53 55.03
N THR A 182 -1.21 -8.83 56.15
CA THR A 182 -0.93 -7.40 56.17
C THR A 182 0.33 -7.14 56.97
N ASP A 183 1.23 -6.33 56.42
CA ASP A 183 2.47 -5.98 57.11
C ASP A 183 2.43 -4.52 57.52
N PRO A 184 2.40 -4.21 58.82
CA PRO A 184 2.44 -2.81 59.24
C PRO A 184 3.77 -2.20 58.88
N PRO A 185 3.81 -0.89 58.59
CA PRO A 185 5.08 -0.23 58.31
C PRO A 185 5.98 -0.25 59.54
N LYS A 186 7.28 -0.37 59.29
CA LYS A 186 8.30 -0.18 60.32
C LYS A 186 8.81 1.25 60.22
N THR A 187 8.83 1.95 61.36
CA THR A 187 9.00 3.39 61.39
C THR A 187 10.21 3.78 62.21
N HIS A 188 10.90 4.82 61.76
CA HIS A 188 12.03 5.40 62.47
C HIS A 188 12.26 6.80 61.92
N MET A 189 13.12 7.56 62.60
CA MET A 189 13.33 8.96 62.30
C MET A 189 14.82 9.28 62.31
N THR A 190 15.20 10.22 61.44
CA THR A 190 16.58 10.68 61.33
C THR A 190 16.62 12.20 61.46
N HIS A 191 17.81 12.72 61.80
CA HIS A 191 17.96 14.14 62.10
C HIS A 191 19.32 14.60 61.59
N HIS A 192 19.33 15.29 60.45
CA HIS A 192 20.56 15.81 59.85
C HIS A 192 20.48 17.32 59.73
N PRO A 193 21.34 18.08 60.41
CA PRO A 193 21.41 19.52 60.13
C PRO A 193 21.82 19.78 58.69
N ILE A 194 21.26 20.83 58.10
CA ILE A 194 21.55 21.21 56.72
C ILE A 194 22.18 22.60 56.72
N SER A 195 21.84 23.39 57.74
CA SER A 195 22.43 24.70 57.95
C SER A 195 22.64 24.88 59.45
N ASP A 196 23.08 26.07 59.85
CA ASP A 196 23.36 26.32 61.27
C ASP A 196 22.08 26.36 62.09
N HIS A 197 21.02 26.96 61.55
CA HIS A 197 19.78 27.19 62.30
C HIS A 197 18.64 26.28 61.87
N GLU A 198 18.86 25.36 60.95
CA GLU A 198 17.81 24.52 60.40
C GLU A 198 18.17 23.05 60.56
N ALA A 199 17.19 22.19 60.28
CA ALA A 199 17.40 20.75 60.33
C ALA A 199 16.37 20.06 59.45
N THR A 200 16.79 18.98 58.81
CA THR A 200 15.91 18.15 57.98
C THR A 200 15.57 16.89 58.77
N LEU A 201 14.36 16.85 59.34
CA LEU A 201 13.86 15.66 60.00
C LEU A 201 13.13 14.79 58.99
N ARG A 202 13.53 13.53 58.90
CA ARG A 202 12.99 12.58 57.93
C ARG A 202 12.24 11.48 58.64
N CYS A 203 10.96 11.33 58.28
CA CYS A 203 10.09 10.29 58.83
C CYS A 203 10.04 9.12 57.86
N TRP A 204 10.46 7.94 58.32
CA TRP A 204 10.60 6.77 57.47
C TRP A 204 9.50 5.76 57.70
N ALA A 205 9.13 5.05 56.62
CA ALA A 205 8.21 3.93 56.69
C ALA A 205 8.74 2.82 55.78
N LEU A 206 8.89 1.63 56.34
CA LEU A 206 9.51 0.52 55.63
C LEU A 206 8.77 -0.77 55.92
N GLY A 207 8.77 -1.67 54.94
CA GLY A 207 8.34 -3.04 55.13
C GLY A 207 6.84 -3.28 55.15
N PHE A 208 6.02 -2.30 54.79
CA PHE A 208 4.57 -2.51 54.76
C PHE A 208 4.15 -3.20 53.48
N TYR A 209 3.19 -4.14 53.59
CA TYR A 209 2.84 -4.95 52.42
C TYR A 209 1.95 -4.22 51.42
N PRO A 210 0.72 -3.81 51.76
CA PRO A 210 -0.06 -3.02 50.80
C PRO A 210 0.63 -1.70 50.49
N ALA A 211 0.58 -1.29 49.22
CA ALA A 211 1.24 -0.05 48.83
C ALA A 211 0.56 1.18 49.43
N GLU A 212 -0.75 1.10 49.66
CA GLU A 212 -1.47 2.26 50.17
C GLU A 212 -0.97 2.60 51.57
N ILE A 213 -0.69 3.90 51.79
CA ILE A 213 -0.20 4.37 53.08
C ILE A 213 -0.28 5.90 53.06
N THR A 214 -0.37 6.50 54.24
CA THR A 214 -0.43 7.96 54.36
C THR A 214 0.64 8.42 55.33
N LEU A 215 1.56 9.26 54.85
CA LEU A 215 2.56 9.91 55.66
C LEU A 215 2.24 11.40 55.73
N THR A 216 2.09 11.92 56.95
CA THR A 216 1.69 13.31 57.16
C THR A 216 2.59 13.95 58.18
N TRP A 217 3.10 15.13 57.86
CA TRP A 217 3.90 15.92 58.79
C TRP A 217 3.01 16.95 59.47
N GLN A 218 3.20 17.11 60.78
CA GLN A 218 2.45 18.09 61.55
C GLN A 218 3.40 18.94 62.39
N ARG A 219 3.18 20.25 62.36
CA ARG A 219 3.65 21.19 63.38
C ARG A 219 2.62 21.34 64.48
N ASP A 220 2.75 22.43 65.25
CA ASP A 220 1.77 22.73 66.28
C ASP A 220 0.37 22.83 65.67
N GLY A 221 0.28 23.15 64.39
CA GLY A 221 -0.95 23.34 63.62
C GLY A 221 -1.60 22.08 63.10
N GLU A 222 -1.03 20.91 63.37
CA GLU A 222 -1.56 19.60 63.03
C GLU A 222 -1.53 19.27 61.53
N ASP A 223 -1.09 20.19 60.67
CA ASP A 223 -0.87 19.86 59.26
C ASP A 223 -0.11 20.95 58.54
N GLN A 224 0.94 20.59 57.81
CA GLN A 224 1.69 21.55 57.01
C GLN A 224 2.08 20.90 55.68
N THR A 225 1.09 20.44 54.93
CA THR A 225 1.37 19.77 53.65
C THR A 225 1.61 20.80 52.56
N GLN A 226 2.54 21.71 52.82
CA GLN A 226 3.02 22.66 51.82
C GLN A 226 4.53 22.82 51.84
N ASP A 227 5.18 22.57 52.98
CA ASP A 227 6.63 22.49 53.07
C ASP A 227 7.12 21.06 53.23
N THR A 228 6.23 20.08 53.16
CA THR A 228 6.57 18.68 53.37
C THR A 228 7.05 18.04 52.08
N GLU A 229 8.16 17.31 52.16
CA GLU A 229 8.71 16.57 51.03
C GLU A 229 8.32 15.11 51.15
N LEU A 230 7.76 14.55 50.07
CA LEU A 230 7.24 13.18 50.10
C LEU A 230 7.64 12.45 48.83
N VAL A 231 8.25 11.27 48.98
CA VAL A 231 8.70 10.48 47.85
C VAL A 231 7.63 9.48 47.44
N GLU A 232 7.74 9.00 46.21
CA GLU A 232 6.84 7.96 45.71
C GLU A 232 7.04 6.67 46.47
N THR A 233 5.95 5.93 46.68
CA THR A 233 6.06 4.59 47.26
C THR A 233 6.86 3.69 46.33
N ARG A 234 7.74 2.88 46.91
CA ARG A 234 8.67 2.10 46.10
C ARG A 234 8.69 0.64 46.55
N PRO A 235 8.97 -0.28 45.63
CA PRO A 235 9.04 -1.70 46.00
C PRO A 235 10.41 -2.06 46.53
N ALA A 236 10.43 -2.71 47.70
CA ALA A 236 11.69 -3.22 48.25
C ALA A 236 12.23 -4.40 47.46
N GLY A 237 11.38 -5.11 46.72
CA GLY A 237 11.78 -6.29 45.99
C GLY A 237 11.60 -7.60 46.73
N ASP A 238 11.26 -7.56 48.02
CA ASP A 238 10.92 -8.77 48.78
C ASP A 238 9.43 -8.85 49.07
N GLY A 239 8.62 -8.14 48.29
CA GLY A 239 7.17 -8.12 48.45
C GLY A 239 6.62 -7.00 49.31
N THR A 240 7.49 -6.21 49.94
CA THR A 240 7.08 -5.07 50.74
C THR A 240 7.36 -3.76 50.00
N PHE A 241 6.80 -2.68 50.53
CA PHE A 241 6.97 -1.34 49.96
C PHE A 241 7.55 -0.40 51.01
N GLN A 242 8.07 0.73 50.53
CA GLN A 242 8.74 1.70 51.39
C GLN A 242 8.38 3.11 50.95
N LYS A 243 8.39 4.03 51.92
CA LYS A 243 8.07 5.42 51.67
C LYS A 243 8.59 6.26 52.83
N TRP A 244 8.94 7.51 52.54
CA TRP A 244 9.40 8.40 53.59
C TRP A 244 9.00 9.83 53.26
N ALA A 245 8.91 10.65 54.31
CA ALA A 245 8.52 12.05 54.18
C ALA A 245 9.45 12.90 55.04
N ALA A 246 9.74 14.11 54.56
CA ALA A 246 10.69 14.99 55.21
C ALA A 246 10.08 16.37 55.42
N VAL A 247 10.57 17.05 56.45
CA VAL A 247 10.14 18.42 56.75
C VAL A 247 11.36 19.18 57.28
N VAL A 248 11.39 20.47 56.98
CA VAL A 248 12.45 21.35 57.45
C VAL A 248 12.01 21.99 58.75
N VAL A 249 12.89 21.97 59.76
CA VAL A 249 12.54 22.44 61.09
C VAL A 249 13.59 23.42 61.59
N PRO A 250 13.23 24.41 62.41
CA PRO A 250 14.24 25.17 63.12
C PRO A 250 15.00 24.29 64.09
N SER A 251 16.29 24.56 64.25
CA SER A 251 17.05 23.86 65.28
C SER A 251 16.53 24.26 66.65
N GLY A 252 16.35 23.26 67.52
CA GLY A 252 15.75 23.50 68.82
C GLY A 252 14.24 23.55 68.83
N GLU A 253 13.59 23.43 67.67
CA GLU A 253 12.14 23.40 67.56
C GLU A 253 11.64 22.05 67.04
N GLU A 254 12.47 21.00 67.15
CA GLU A 254 12.09 19.70 66.60
C GLU A 254 10.86 19.14 67.30
N GLN A 255 10.66 19.48 68.58
CA GLN A 255 9.51 18.96 69.32
C GLN A 255 8.19 19.55 68.82
N ARG A 256 8.21 20.70 68.16
CA ARG A 256 6.99 21.26 67.59
C ARG A 256 6.46 20.41 66.45
N TYR A 257 7.30 19.61 65.81
CA TYR A 257 6.89 18.78 64.69
C TYR A 257 6.52 17.38 65.16
N THR A 258 5.49 16.79 64.53
CA THR A 258 5.15 15.40 64.78
C THR A 258 4.76 14.74 63.47
N CYS A 259 5.19 13.50 63.29
CA CYS A 259 4.91 12.74 62.08
C CYS A 259 3.79 11.75 62.35
N HIS A 260 2.79 11.73 61.47
CA HIS A 260 1.69 10.79 61.55
C HIS A 260 1.79 9.77 60.42
N VAL A 261 1.60 8.50 60.76
CA VAL A 261 1.70 7.40 59.81
C VAL A 261 0.43 6.56 59.92
N GLN A 262 -0.24 6.34 58.79
CA GLN A 262 -1.48 5.57 58.75
C GLN A 262 -1.34 4.45 57.73
N HIS A 263 -1.65 3.23 58.16
CA HIS A 263 -1.59 2.07 57.27
C HIS A 263 -2.54 1.00 57.79
N GLU A 264 -2.94 0.10 56.89
CA GLU A 264 -3.93 -0.92 57.22
C GLU A 264 -3.43 -1.87 58.29
N GLY A 265 -2.12 -2.13 58.34
CA GLY A 265 -1.59 -3.08 59.30
C GLY A 265 -1.44 -2.56 60.72
N LEU A 266 -1.58 -1.25 60.91
CA LEU A 266 -1.50 -0.61 62.22
C LEU A 266 -2.89 -0.63 62.87
N PRO A 267 -3.02 -1.15 64.10
CA PRO A 267 -4.33 -1.09 64.75
C PRO A 267 -4.85 0.33 64.93
N LYS A 268 -3.96 1.27 65.18
CA LYS A 268 -4.26 2.70 65.26
C LYS A 268 -3.08 3.47 64.69
N PRO A 269 -3.31 4.67 64.15
CA PRO A 269 -2.20 5.45 63.55
C PRO A 269 -1.12 5.79 64.57
N LEU A 270 0.13 5.76 64.09
CA LEU A 270 1.29 6.04 64.91
C LEU A 270 1.54 7.55 65.04
N THR A 271 2.20 7.93 66.12
CA THR A 271 2.68 9.30 66.33
C THR A 271 4.18 9.24 66.59
N LEU A 272 4.98 9.74 65.64
CA LEU A 272 6.43 9.69 65.74
C LEU A 272 6.99 11.06 66.12
N ARG A 273 8.04 11.05 66.94
CA ARG A 273 8.67 12.28 67.41
C ARG A 273 10.16 12.01 67.60
N TRP A 274 10.92 13.09 67.76
CA TRP A 274 12.35 13.00 68.01
C TRP A 274 12.61 12.37 69.38
N ILE B 1 3.54 12.32 23.60
CA ILE B 1 3.65 12.89 24.95
C ILE B 1 4.69 12.11 25.72
N GLN B 2 5.65 12.83 26.30
CA GLN B 2 6.78 12.22 26.97
C GLN B 2 6.84 12.68 28.42
N ARG B 3 7.25 11.77 29.30
CA ARG B 3 7.38 12.03 30.72
C ARG B 3 8.77 11.59 31.17
N THR B 4 9.50 12.49 31.82
CA THR B 4 10.83 12.16 32.32
C THR B 4 10.70 11.25 33.54
N PRO B 5 11.44 10.16 33.61
CA PRO B 5 11.32 9.26 34.77
C PRO B 5 11.73 9.95 36.07
N LYS B 6 10.99 9.63 37.13
CA LYS B 6 11.50 9.83 38.47
C LYS B 6 12.42 8.67 38.82
N ILE B 7 13.42 8.95 39.65
CA ILE B 7 14.47 7.97 39.92
C ILE B 7 14.79 7.96 41.40
N GLN B 8 14.81 6.76 41.99
CA GLN B 8 15.22 6.55 43.38
C GLN B 8 16.19 5.39 43.43
N VAL B 9 17.27 5.55 44.19
CA VAL B 9 18.25 4.50 44.42
C VAL B 9 18.37 4.28 45.92
N TYR B 10 18.28 3.02 46.34
CA TYR B 10 18.10 2.70 47.75
C TYR B 10 18.41 1.23 47.98
N SER B 11 18.51 0.85 49.25
CA SER B 11 18.73 -0.53 49.65
C SER B 11 17.42 -1.15 50.16
N ARG B 12 17.31 -2.48 49.97
CA ARG B 12 16.11 -3.19 50.40
C ARG B 12 15.99 -3.19 51.93
N HIS B 13 17.11 -3.27 52.63
CA HIS B 13 17.22 -3.14 54.07
C HIS B 13 18.07 -1.93 54.38
N PRO B 14 17.91 -1.32 55.56
CA PRO B 14 18.80 -0.20 55.91
C PRO B 14 20.24 -0.69 55.93
N ALA B 15 21.13 0.14 55.41
CA ALA B 15 22.50 -0.29 55.18
C ALA B 15 23.22 -0.56 56.50
N GLU B 16 23.96 -1.65 56.54
CA GLU B 16 24.88 -1.96 57.62
C GLU B 16 26.11 -2.59 56.99
N ASN B 17 27.27 -1.98 57.19
CA ASN B 17 28.47 -2.43 56.50
C ASN B 17 28.79 -3.87 56.89
N GLY B 18 29.11 -4.69 55.89
CA GLY B 18 29.39 -6.09 56.09
C GLY B 18 28.19 -7.01 56.08
N LYS B 19 26.98 -6.48 55.96
CA LYS B 19 25.77 -7.30 55.87
C LYS B 19 25.28 -7.36 54.43
N SER B 20 24.83 -8.54 54.03
CA SER B 20 24.27 -8.71 52.69
C SER B 20 22.99 -7.91 52.53
N ASN B 21 22.80 -7.36 51.34
CA ASN B 21 21.65 -6.48 51.08
C ASN B 21 21.43 -6.45 49.56
N PHE B 22 20.50 -5.59 49.13
CA PHE B 22 20.19 -5.42 47.72
C PHE B 22 20.16 -3.94 47.38
N LEU B 23 20.83 -3.57 46.29
CA LEU B 23 20.78 -2.20 45.78
C LEU B 23 19.69 -2.11 44.73
N ASN B 24 18.75 -1.19 44.94
CA ASN B 24 17.62 -1.00 44.03
C ASN B 24 17.75 0.33 43.30
N CYS B 25 17.24 0.36 42.07
CA CYS B 25 17.03 1.60 41.33
C CYS B 25 15.63 1.57 40.74
N TYR B 26 14.76 2.43 41.25
CA TYR B 26 13.34 2.43 40.91
C TYR B 26 13.05 3.65 40.05
N VAL B 27 12.87 3.41 38.75
CA VAL B 27 12.44 4.46 37.81
C VAL B 27 10.93 4.35 37.64
N SER B 28 10.27 5.50 37.54
CA SER B 28 8.81 5.52 37.50
C SER B 28 8.35 6.81 36.85
N GLY B 29 7.12 6.79 36.35
CA GLY B 29 6.49 7.99 35.84
C GLY B 29 6.91 8.41 34.45
N PHE B 30 7.63 7.56 33.72
CA PHE B 30 8.17 7.91 32.42
C PHE B 30 7.31 7.38 31.27
N HIS B 31 7.51 7.99 30.09
CA HIS B 31 6.86 7.59 28.85
C HIS B 31 7.70 8.15 27.71
N PRO B 32 7.96 7.38 26.64
CA PRO B 32 7.60 5.97 26.40
C PRO B 32 8.38 4.97 27.25
N SER B 33 8.08 3.67 27.08
CA SER B 33 8.58 2.63 27.98
C SER B 33 10.08 2.38 27.86
N ASP B 34 10.64 2.48 26.65
CA ASP B 34 12.04 2.09 26.47
C ASP B 34 12.95 3.00 27.27
N ILE B 35 13.90 2.41 27.99
CA ILE B 35 14.76 3.15 28.91
C ILE B 35 15.99 2.31 29.20
N GLU B 36 17.08 2.98 29.55
CA GLU B 36 18.35 2.33 29.86
C GLU B 36 18.73 2.67 31.30
N VAL B 37 18.94 1.64 32.11
CA VAL B 37 19.24 1.81 33.53
C VAL B 37 20.42 0.91 33.88
N ASP B 38 21.51 1.51 34.33
CA ASP B 38 22.70 0.78 34.77
C ASP B 38 22.95 1.07 36.24
N LEU B 39 23.36 0.03 36.97
CA LEU B 39 23.77 0.17 38.36
C LEU B 39 25.29 0.20 38.43
N LEU B 40 25.84 1.20 39.11
CA LEU B 40 27.27 1.44 39.12
C LEU B 40 27.86 1.05 40.47
N LYS B 41 29.09 0.55 40.44
CA LYS B 41 29.86 0.24 41.64
C LYS B 41 31.21 0.93 41.51
N ASN B 42 31.45 1.93 42.37
CA ASN B 42 32.65 2.77 42.29
C ASN B 42 32.77 3.41 40.90
N GLY B 43 31.63 3.80 40.33
CA GLY B 43 31.60 4.44 39.04
C GLY B 43 31.62 3.52 37.85
N GLU B 44 31.70 2.21 38.07
CA GLU B 44 31.72 1.23 37.00
C GLU B 44 30.44 0.40 37.03
N ARG B 45 29.87 0.16 35.85
CA ARG B 45 28.59 -0.53 35.76
C ARG B 45 28.70 -1.98 36.23
N ILE B 46 27.65 -2.45 36.88
CA ILE B 46 27.53 -3.85 37.28
C ILE B 46 26.92 -4.65 36.14
N GLU B 47 27.51 -5.80 35.82
CA GLU B 47 27.02 -6.61 34.71
C GLU B 47 25.73 -7.33 35.07
N LYS B 48 25.68 -8.00 36.21
CA LYS B 48 24.57 -8.87 36.56
C LYS B 48 23.57 -8.11 37.44
N VAL B 49 22.81 -7.24 36.77
CA VAL B 49 21.69 -6.53 37.39
C VAL B 49 20.39 -7.09 36.80
N GLU B 50 19.36 -7.17 37.62
CA GLU B 50 18.06 -7.68 37.20
C GLU B 50 17.01 -6.58 37.28
N HIS B 51 15.85 -6.83 36.68
CA HIS B 51 14.82 -5.82 36.61
C HIS B 51 13.44 -6.48 36.62
N SER B 52 12.47 -5.71 37.10
CA SER B 52 11.07 -6.14 37.09
C SER B 52 10.50 -6.10 35.69
N ASP B 53 9.45 -6.88 35.46
CA ASP B 53 8.73 -6.84 34.20
C ASP B 53 8.01 -5.50 34.05
N LEU B 54 7.87 -5.06 32.80
CA LEU B 54 7.32 -3.74 32.54
C LEU B 54 5.87 -3.65 33.01
N SER B 55 5.55 -2.52 33.64
CA SER B 55 4.21 -2.27 34.16
C SER B 55 4.05 -0.77 34.33
N PHE B 56 2.81 -0.34 34.57
CA PHE B 56 2.51 1.08 34.64
C PHE B 56 1.43 1.33 35.68
N SER B 57 1.33 2.59 36.11
CA SER B 57 0.41 3.00 37.15
C SER B 57 -0.91 3.47 36.54
N LYS B 58 -1.76 4.09 37.36
CA LYS B 58 -3.07 4.55 36.89
C LYS B 58 -2.96 5.66 35.85
N ASP B 59 -1.85 6.40 35.84
CA ASP B 59 -1.65 7.50 34.90
C ASP B 59 -1.18 7.03 33.53
N TRP B 60 -0.98 5.73 33.35
CA TRP B 60 -0.34 5.09 32.20
C TRP B 60 1.17 5.30 32.19
N SER B 61 1.70 6.09 33.11
CA SER B 61 3.14 6.24 33.23
C SER B 61 3.78 4.94 33.73
N PHE B 62 4.91 4.59 33.13
CA PHE B 62 5.60 3.34 33.42
C PHE B 62 6.42 3.42 34.70
N TYR B 63 6.67 2.26 35.29
CA TYR B 63 7.63 2.12 36.38
C TYR B 63 8.38 0.80 36.24
N LEU B 64 9.63 0.80 36.68
CA LEU B 64 10.50 -0.35 36.55
C LEU B 64 11.51 -0.33 37.68
N LEU B 65 11.79 -1.50 38.26
CA LEU B 65 12.74 -1.61 39.36
C LEU B 65 13.92 -2.47 38.92
N TYR B 66 15.12 -1.89 39.02
CA TYR B 66 16.36 -2.62 38.80
C TYR B 66 17.01 -2.91 40.16
N TYR B 67 17.62 -4.09 40.28
CA TYR B 67 18.14 -4.51 41.57
C TYR B 67 19.33 -5.43 41.40
N THR B 68 20.18 -5.47 42.43
CA THR B 68 21.36 -6.30 42.46
C THR B 68 21.70 -6.66 43.90
N GLU B 69 22.09 -7.91 44.14
CA GLU B 69 22.65 -8.26 45.44
C GLU B 69 24.04 -7.65 45.58
N PHE B 70 24.34 -7.16 46.79
CA PHE B 70 25.62 -6.50 47.03
C PHE B 70 25.84 -6.39 48.53
N THR B 71 27.10 -6.15 48.89
CA THR B 71 27.50 -5.96 50.29
C THR B 71 28.14 -4.59 50.46
N PRO B 72 27.40 -3.60 50.96
CA PRO B 72 27.94 -2.24 51.08
C PRO B 72 29.09 -2.12 52.07
N THR B 73 29.98 -1.16 51.78
CA THR B 73 31.05 -0.75 52.68
C THR B 73 31.02 0.76 52.83
N GLU B 74 31.68 1.26 53.89
CA GLU B 74 31.53 2.67 54.26
C GLU B 74 32.02 3.61 53.18
N LYS B 75 33.14 3.28 52.52
CA LYS B 75 33.71 4.17 51.52
C LYS B 75 33.27 3.83 50.10
N ASP B 76 32.81 2.61 49.85
CA ASP B 76 32.43 2.22 48.50
C ASP B 76 31.20 3.00 48.05
N GLU B 77 31.21 3.41 46.79
CA GLU B 77 30.14 4.20 46.20
C GLU B 77 29.37 3.37 45.19
N TYR B 78 28.05 3.42 45.27
CA TYR B 78 27.16 2.83 44.28
C TYR B 78 26.25 3.92 43.72
N ALA B 79 25.84 3.75 42.47
CA ALA B 79 25.04 4.77 41.80
C ALA B 79 24.20 4.12 40.71
N CYS B 80 23.13 4.82 40.34
CA CYS B 80 22.27 4.44 39.23
C CYS B 80 22.42 5.44 38.10
N ARG B 81 22.40 4.94 36.86
CA ARG B 81 22.58 5.76 35.67
C ARG B 81 21.45 5.45 34.71
N VAL B 82 20.54 6.40 34.54
CA VAL B 82 19.32 6.19 33.76
C VAL B 82 19.32 7.15 32.58
N ASN B 83 19.20 6.60 31.38
CA ASN B 83 19.08 7.39 30.16
C ASN B 83 17.72 7.13 29.52
N HIS B 84 17.10 8.20 29.03
CA HIS B 84 15.80 8.13 28.38
C HIS B 84 15.76 9.18 27.29
N VAL B 85 14.80 9.02 26.37
CA VAL B 85 14.68 9.96 25.25
C VAL B 85 14.37 11.37 25.76
N THR B 86 13.78 11.48 26.96
CA THR B 86 13.57 12.78 27.59
C THR B 86 14.84 13.35 28.21
N LEU B 87 15.90 12.57 28.33
CA LEU B 87 17.16 13.02 28.91
C LEU B 87 18.20 13.24 27.83
N SER B 88 18.92 14.36 27.93
CA SER B 88 19.95 14.67 26.95
C SER B 88 21.18 13.77 27.12
N GLN B 89 21.62 13.59 28.35
CA GLN B 89 22.67 12.66 28.75
C GLN B 89 22.18 11.88 29.97
N PRO B 90 22.70 10.68 30.21
CA PRO B 90 22.17 9.86 31.29
C PRO B 90 22.30 10.56 32.64
N LYS B 91 21.28 10.41 33.47
CA LYS B 91 21.24 11.05 34.77
C LYS B 91 21.74 10.08 35.83
N ILE B 92 22.77 10.50 36.57
CA ILE B 92 23.36 9.67 37.61
C ILE B 92 22.87 10.16 38.96
N VAL B 93 22.36 9.23 39.77
CA VAL B 93 21.87 9.53 41.11
C VAL B 93 22.60 8.61 42.08
N LYS B 94 23.38 9.20 42.98
CA LYS B 94 24.19 8.43 43.92
C LYS B 94 23.30 7.85 45.02
N TRP B 95 23.72 6.69 45.54
CA TRP B 95 23.02 6.07 46.65
C TRP B 95 23.44 6.73 47.96
N ASP B 96 22.45 7.14 48.74
CA ASP B 96 22.68 7.75 50.05
C ASP B 96 22.00 6.91 51.10
N ARG B 97 22.71 6.66 52.21
CA ARG B 97 22.17 5.80 53.26
C ARG B 97 20.96 6.42 53.94
N ASP B 98 20.87 7.75 53.95
CA ASP B 98 19.70 8.44 54.49
C ASP B 98 18.84 9.12 53.44
N MET B 99 19.31 9.21 52.20
CA MET B 99 18.55 9.72 51.05
C MET B 99 18.11 11.19 51.18
N ASN C 1 -7.38 -15.37 36.03
CA ASN C 1 -7.48 -15.86 34.65
C ASN C 1 -7.46 -14.71 33.65
N TYR C 2 -6.76 -14.91 32.55
CA TYR C 2 -6.59 -13.86 31.55
C TYR C 2 -7.91 -13.61 30.82
N ASN C 3 -8.04 -12.38 30.33
CA ASN C 3 -9.23 -11.98 29.58
C ASN C 3 -9.24 -12.69 28.21
N TYR C 4 -10.25 -12.36 27.41
CA TYR C 4 -10.47 -13.06 26.14
C TYR C 4 -10.48 -12.08 24.97
N LEU C 5 -9.47 -11.20 24.90
CA LEU C 5 -9.45 -10.16 23.88
C LEU C 5 -9.23 -10.76 22.49
N TYR C 6 -10.16 -10.49 21.58
CA TYR C 6 -9.93 -10.69 20.15
C TYR C 6 -10.47 -9.59 19.27
N ARG C 7 -11.35 -8.72 19.77
CA ARG C 7 -11.97 -7.70 18.92
C ARG C 7 -10.96 -6.64 18.49
N LEU C 8 -11.15 -6.14 17.27
CA LEU C 8 -10.28 -5.13 16.68
C LEU C 8 -10.87 -3.74 16.84
N PHE C 9 -9.98 -2.75 16.80
CA PHE C 9 -10.37 -1.34 16.91
C PHE C 9 -11.30 -0.95 15.76
N GLY D 1 44.25 -9.00 -10.24
CA GLY D 1 44.70 -7.63 -10.45
C GLY D 1 43.60 -6.69 -10.88
N SER D 2 42.55 -7.26 -11.48
CA SER D 2 41.41 -6.46 -11.92
C SER D 2 40.58 -6.00 -10.72
N HIS D 3 39.87 -4.89 -10.91
CA HIS D 3 39.05 -4.31 -9.85
C HIS D 3 37.69 -3.95 -10.42
N SER D 4 36.73 -3.75 -9.51
CA SER D 4 35.35 -3.54 -9.91
C SER D 4 34.67 -2.54 -8.99
N MET D 5 33.67 -1.86 -9.53
CA MET D 5 32.75 -1.04 -8.75
C MET D 5 31.34 -1.41 -9.16
N ARG D 6 30.47 -1.63 -8.16
CA ARG D 6 29.10 -2.03 -8.42
C ARG D 6 28.17 -1.32 -7.44
N TYR D 7 27.01 -0.91 -7.95
CA TYR D 7 25.92 -0.41 -7.12
C TYR D 7 24.76 -1.39 -7.19
N PHE D 8 24.16 -1.67 -6.04
CA PHE D 8 23.00 -2.55 -5.94
C PHE D 8 21.85 -1.76 -5.32
N SER D 9 20.72 -1.74 -6.01
CA SER D 9 19.53 -1.03 -5.53
C SER D 9 18.36 -1.99 -5.44
N THR D 10 17.54 -1.82 -4.42
CA THR D 10 16.35 -2.63 -4.20
C THR D 10 15.19 -1.73 -3.82
N SER D 11 14.07 -1.89 -4.52
CA SER D 11 12.84 -1.19 -4.22
C SER D 11 11.74 -2.21 -3.98
N VAL D 12 11.02 -2.06 -2.87
CA VAL D 12 9.98 -3.01 -2.48
C VAL D 12 8.69 -2.22 -2.25
N SER D 13 7.66 -2.53 -3.04
CA SER D 13 6.38 -1.85 -2.89
C SER D 13 5.69 -2.30 -1.60
N ARG D 14 5.06 -1.34 -0.93
CA ARG D 14 4.33 -1.58 0.32
C ARG D 14 2.97 -0.89 0.22
N PRO D 15 2.02 -1.48 -0.52
CA PRO D 15 0.74 -0.80 -0.72
C PRO D 15 0.03 -0.56 0.62
N GLY D 16 -0.60 0.61 0.72
CA GLY D 16 -1.20 1.02 1.97
C GLY D 16 -0.21 1.58 2.95
N ARG D 17 1.02 1.05 2.95
CA ARG D 17 2.07 1.48 3.86
C ARG D 17 3.00 2.52 3.22
N GLY D 18 2.47 3.34 2.31
CA GLY D 18 3.25 4.39 1.68
C GLY D 18 3.95 3.97 0.40
N GLU D 19 4.68 4.93 -0.16
CA GLU D 19 5.41 4.72 -1.40
C GLU D 19 6.54 3.73 -1.15
N PRO D 20 6.97 2.98 -2.17
CA PRO D 20 7.91 1.88 -1.92
C PRO D 20 9.22 2.38 -1.33
N ARG D 21 9.74 1.61 -0.38
CA ARG D 21 11.05 1.88 0.17
C ARG D 21 12.13 1.58 -0.85
N PHE D 22 13.16 2.42 -0.91
CA PHE D 22 14.25 2.27 -1.86
C PHE D 22 15.57 2.21 -1.10
N ILE D 23 16.35 1.17 -1.36
CA ILE D 23 17.67 0.99 -0.77
C ILE D 23 18.68 0.86 -1.89
N ALA D 24 19.82 1.52 -1.73
CA ALA D 24 20.93 1.40 -2.66
C ALA D 24 22.24 1.40 -1.88
N VAL D 25 23.16 0.54 -2.30
CA VAL D 25 24.47 0.44 -1.67
C VAL D 25 25.52 0.42 -2.76
N GLY D 26 26.70 0.93 -2.43
CA GLY D 26 27.81 1.00 -3.38
C GLY D 26 28.99 0.19 -2.90
N TYR D 27 29.60 -0.55 -3.82
CA TYR D 27 30.75 -1.39 -3.53
C TYR D 27 31.91 -1.04 -4.47
N VAL D 28 33.12 -1.08 -3.93
CA VAL D 28 34.34 -1.19 -4.72
C VAL D 28 34.96 -2.54 -4.39
N ASP D 29 35.04 -3.42 -5.38
CA ASP D 29 35.35 -4.83 -5.15
C ASP D 29 34.36 -5.40 -4.14
N ASP D 30 34.87 -5.86 -3.00
CA ASP D 30 34.05 -6.44 -1.95
C ASP D 30 34.00 -5.53 -0.71
N THR D 31 34.13 -4.22 -0.90
CA THR D 31 34.12 -3.26 0.20
C THR D 31 33.07 -2.20 -0.08
N GLN D 32 32.03 -2.17 0.75
CA GLN D 32 31.01 -1.13 0.62
C GLN D 32 31.58 0.21 1.06
N PHE D 33 31.20 1.28 0.34
CA PHE D 33 31.66 2.60 0.69
C PHE D 33 30.55 3.64 0.78
N VAL D 34 29.33 3.31 0.36
CA VAL D 34 28.24 4.29 0.37
C VAL D 34 26.93 3.54 0.43
N ARG D 35 25.88 4.24 0.85
CA ARG D 35 24.54 3.67 0.91
C ARG D 35 23.52 4.78 0.82
N PHE D 36 22.29 4.41 0.44
CA PHE D 36 21.15 5.32 0.52
C PHE D 36 19.91 4.52 0.89
N ASP D 37 19.10 5.09 1.77
CA ASP D 37 17.88 4.44 2.26
C ASP D 37 16.79 5.49 2.33
N SER D 38 15.72 5.29 1.55
CA SER D 38 14.65 6.28 1.49
C SER D 38 13.94 6.43 2.83
N ASP D 39 13.88 5.37 3.63
CA ASP D 39 13.22 5.45 4.93
C ASP D 39 14.13 6.00 6.03
N ALA D 40 15.41 6.18 5.76
CA ALA D 40 16.31 6.77 6.74
C ALA D 40 16.06 8.27 6.85
N ALA D 41 16.34 8.83 8.03
CA ALA D 41 16.07 10.24 8.28
C ALA D 41 16.96 11.15 7.44
N SER D 42 18.18 10.71 7.12
CA SER D 42 19.15 11.61 6.49
C SER D 42 18.73 12.04 5.08
N GLN D 43 18.05 11.16 4.34
CA GLN D 43 17.68 11.41 2.94
C GLN D 43 18.89 11.80 2.10
N ARG D 44 20.04 11.19 2.39
CA ARG D 44 21.28 11.50 1.68
C ARG D 44 22.11 10.23 1.56
N MET D 45 22.97 10.19 0.54
CA MET D 45 23.96 9.12 0.48
C MET D 45 24.89 9.25 1.68
N GLU D 46 25.23 8.11 2.27
CA GLU D 46 26.00 8.18 3.49
C GLU D 46 27.30 7.41 3.34
N PRO D 47 28.39 7.91 3.90
CA PRO D 47 29.65 7.17 3.83
C PRO D 47 29.54 5.84 4.55
N ARG D 48 30.20 4.82 4.00
CA ARG D 48 30.28 3.52 4.64
C ARG D 48 31.69 2.95 4.64
N ALA D 49 32.67 3.69 4.09
CA ALA D 49 34.08 3.36 4.22
C ALA D 49 34.83 4.62 4.65
N PRO D 50 35.90 4.46 5.42
CA PRO D 50 36.64 5.64 5.88
C PRO D 50 37.20 6.50 4.75
N TRP D 51 37.60 5.91 3.63
CA TRP D 51 38.27 6.68 2.59
C TRP D 51 37.32 7.54 1.75
N ILE D 52 36.01 7.26 1.78
CA ILE D 52 35.06 8.06 1.01
C ILE D 52 34.62 9.32 1.74
N GLU D 53 34.89 9.43 3.04
CA GLU D 53 34.41 10.57 3.80
C GLU D 53 35.08 11.88 3.41
N GLN D 54 36.26 11.82 2.79
CA GLN D 54 36.98 13.04 2.45
C GLN D 54 36.28 13.87 1.38
N GLU D 55 35.37 13.27 0.62
CA GLU D 55 34.71 13.98 -0.47
C GLU D 55 33.93 15.18 0.05
N GLY D 56 33.95 16.26 -0.73
CA GLY D 56 33.35 17.51 -0.31
C GLY D 56 31.86 17.54 -0.49
N PRO D 57 31.25 18.65 -0.08
CA PRO D 57 29.78 18.77 -0.15
C PRO D 57 29.24 18.62 -1.57
N GLU D 58 29.98 19.07 -2.59
CA GLU D 58 29.49 18.92 -3.96
C GLU D 58 29.37 17.46 -4.36
N TYR D 59 30.24 16.60 -3.83
CA TYR D 59 30.11 15.17 -4.12
C TYR D 59 28.88 14.60 -3.46
N TRP D 60 28.68 14.88 -2.17
CA TRP D 60 27.52 14.35 -1.48
C TRP D 60 26.23 15.00 -1.98
N ASP D 61 26.30 16.23 -2.49
CA ASP D 61 25.11 16.83 -3.09
C ASP D 61 24.76 16.16 -4.40
N GLU D 62 25.75 15.94 -5.27
CA GLU D 62 25.49 15.32 -6.56
C GLU D 62 25.12 13.86 -6.41
N GLU D 63 25.83 13.13 -5.55
CA GLU D 63 25.52 11.71 -5.36
C GLU D 63 24.17 11.50 -4.70
N THR D 64 23.78 12.39 -3.78
CA THR D 64 22.45 12.26 -3.17
C THR D 64 21.36 12.55 -4.17
N GLY D 65 21.59 13.51 -5.08
CA GLY D 65 20.55 13.86 -6.04
C GLY D 65 20.33 12.79 -7.10
N LYS D 66 21.39 12.08 -7.48
CA LYS D 66 21.24 11.01 -8.47
C LYS D 66 20.53 9.81 -7.86
N VAL D 67 20.90 9.41 -6.65
CA VAL D 67 20.26 8.26 -6.03
C VAL D 67 18.82 8.58 -5.66
N LYS D 68 18.51 9.85 -5.37
CA LYS D 68 17.12 10.23 -5.16
C LYS D 68 16.33 10.15 -6.47
N ALA D 69 16.94 10.57 -7.57
CA ALA D 69 16.27 10.50 -8.86
C ALA D 69 16.02 9.06 -9.27
N HIS D 70 16.91 8.14 -8.89
CA HIS D 70 16.67 6.73 -9.15
C HIS D 70 15.51 6.20 -8.32
N SER D 71 15.40 6.65 -7.07
CA SER D 71 14.28 6.20 -6.24
C SER D 71 12.95 6.71 -6.78
N GLN D 72 12.93 7.91 -7.36
CA GLN D 72 11.74 8.38 -8.07
C GLN D 72 11.49 7.57 -9.33
N THR D 73 12.56 7.14 -10.00
CA THR D 73 12.41 6.41 -11.25
C THR D 73 11.85 5.02 -11.03
N ASP D 74 12.31 4.34 -9.97
CA ASP D 74 11.88 2.96 -9.72
C ASP D 74 10.52 2.88 -9.05
N ARG D 75 9.98 3.98 -8.53
CA ARG D 75 8.58 3.97 -8.11
C ARG D 75 7.66 3.84 -9.30
N GLU D 76 7.89 4.67 -10.32
CA GLU D 76 7.05 4.60 -11.52
C GLU D 76 7.23 3.29 -12.26
N ASN D 77 8.45 2.74 -12.25
CA ASN D 77 8.69 1.47 -12.91
C ASN D 77 7.95 0.32 -12.23
N LEU D 78 7.79 0.39 -10.90
CA LEU D 78 6.97 -0.60 -10.21
C LEU D 78 5.52 -0.53 -10.64
N ARG D 79 5.02 0.68 -10.93
CA ARG D 79 3.66 0.80 -11.42
C ARG D 79 3.56 0.35 -12.87
N ILE D 80 4.57 0.68 -13.69
CA ILE D 80 4.56 0.25 -15.09
C ILE D 80 4.70 -1.26 -15.18
N ALA D 81 5.51 -1.86 -14.29
CA ALA D 81 5.65 -3.31 -14.29
C ALA D 81 4.35 -3.99 -13.88
N LEU D 82 3.53 -3.31 -13.08
CA LEU D 82 2.27 -3.90 -12.63
C LEU D 82 1.29 -4.05 -13.79
N ARG D 83 1.11 -2.98 -14.57
CA ARG D 83 0.16 -3.04 -15.69
C ARG D 83 0.65 -3.97 -16.80
N TYR D 84 1.96 -4.08 -17.00
CA TYR D 84 2.47 -4.96 -18.05
C TYR D 84 2.15 -6.43 -17.76
N TYR D 85 2.17 -6.81 -16.49
CA TYR D 85 1.89 -8.18 -16.08
C TYR D 85 0.46 -8.37 -15.59
N ASN D 86 -0.36 -7.31 -15.64
CA ASN D 86 -1.75 -7.37 -15.17
C ASN D 86 -1.83 -7.86 -13.72
N GLN D 87 -0.90 -7.38 -12.90
CA GLN D 87 -0.90 -7.69 -11.48
C GLN D 87 -1.73 -6.66 -10.71
N SER D 88 -2.25 -7.09 -9.56
CA SER D 88 -3.09 -6.25 -8.73
C SER D 88 -2.27 -5.15 -8.07
N GLU D 89 -2.95 -4.04 -7.74
CA GLU D 89 -2.34 -2.97 -6.96
C GLU D 89 -2.17 -3.34 -5.50
N ALA D 90 -2.80 -4.42 -5.03
CA ALA D 90 -2.70 -4.82 -3.63
C ALA D 90 -1.36 -5.45 -3.30
N GLY D 91 -0.76 -6.19 -4.22
CA GLY D 91 0.42 -6.98 -3.90
C GLY D 91 1.67 -6.15 -3.74
N SER D 92 2.59 -6.67 -2.92
CA SER D 92 3.94 -6.14 -2.80
C SER D 92 4.85 -6.80 -3.83
N HIS D 93 5.82 -6.03 -4.32
CA HIS D 93 6.70 -6.54 -5.37
C HIS D 93 8.08 -5.90 -5.25
N THR D 94 9.08 -6.61 -5.73
CA THR D 94 10.48 -6.22 -5.61
C THR D 94 11.05 -5.90 -6.98
N LEU D 95 11.78 -4.78 -7.07
CA LEU D 95 12.49 -4.39 -8.28
C LEU D 95 13.95 -4.13 -7.92
N GLN D 96 14.82 -5.08 -8.26
CA GLN D 96 16.25 -4.96 -7.98
C GLN D 96 17.02 -4.52 -9.22
N MET D 97 18.15 -3.86 -8.99
CA MET D 97 19.04 -3.47 -10.06
C MET D 97 20.49 -3.58 -9.62
N MET D 98 21.35 -4.03 -10.52
CA MET D 98 22.79 -3.96 -10.35
C MET D 98 23.40 -3.31 -11.58
N PHE D 99 24.32 -2.39 -11.35
CA PHE D 99 25.10 -1.78 -12.43
C PHE D 99 26.50 -1.49 -11.91
N GLY D 100 27.40 -1.26 -12.84
CA GLY D 100 28.77 -0.96 -12.48
C GLY D 100 29.71 -1.28 -13.63
N CYS D 101 30.99 -1.08 -13.35
CA CYS D 101 32.03 -1.26 -14.35
C CYS D 101 33.19 -2.04 -13.74
N ASP D 102 33.74 -2.97 -14.53
CA ASP D 102 34.98 -3.65 -14.19
C ASP D 102 36.17 -2.90 -14.79
N VAL D 103 37.31 -3.01 -14.12
CA VAL D 103 38.51 -2.28 -14.51
C VAL D 103 39.72 -3.17 -14.30
N GLY D 104 40.66 -3.12 -15.24
CA GLY D 104 41.84 -3.95 -15.20
C GLY D 104 42.96 -3.34 -14.37
N SER D 105 44.13 -3.96 -14.47
CA SER D 105 45.28 -3.50 -13.70
C SER D 105 45.71 -2.10 -14.10
N ASP D 106 45.49 -1.71 -15.35
CA ASP D 106 45.91 -0.41 -15.86
C ASP D 106 44.92 0.72 -15.58
N GLY D 107 43.74 0.41 -15.05
CA GLY D 107 42.72 1.40 -14.84
C GLY D 107 41.81 1.65 -16.03
N ARG D 108 42.05 0.97 -17.15
CA ARG D 108 41.24 1.08 -18.35
C ARG D 108 39.97 0.24 -18.24
N PHE D 109 38.96 0.62 -19.04
CA PHE D 109 37.66 -0.04 -19.01
C PHE D 109 37.78 -1.52 -19.39
N LEU D 110 37.02 -2.35 -18.69
CA LEU D 110 37.00 -3.80 -18.92
C LEU D 110 35.61 -4.32 -19.24
N ARG D 111 34.61 -4.04 -18.40
CA ARG D 111 33.27 -4.55 -18.59
C ARG D 111 32.27 -3.56 -18.02
N GLY D 112 31.04 -3.61 -18.56
CA GLY D 112 29.97 -2.78 -18.08
C GLY D 112 28.76 -3.63 -17.75
N TYR D 113 27.92 -3.08 -16.87
CA TYR D 113 26.75 -3.82 -16.40
C TYR D 113 25.57 -2.88 -16.21
N HIS D 114 24.40 -3.32 -16.64
CA HIS D 114 23.15 -2.59 -16.40
C HIS D 114 22.03 -3.62 -16.46
N GLN D 115 21.55 -4.04 -15.29
CA GLN D 115 20.60 -5.15 -15.22
C GLN D 115 19.45 -4.82 -14.29
N TYR D 116 18.26 -5.30 -14.64
CA TYR D 116 17.07 -5.17 -13.81
C TYR D 116 16.53 -6.54 -13.45
N ALA D 117 15.80 -6.60 -12.33
CA ALA D 117 15.11 -7.81 -11.91
C ALA D 117 13.81 -7.44 -11.23
N TYR D 118 12.76 -8.19 -11.54
CA TYR D 118 11.43 -7.97 -10.95
C TYR D 118 11.03 -9.22 -10.19
N ASP D 119 10.82 -9.07 -8.88
CA ASP D 119 10.41 -10.17 -8.01
C ASP D 119 11.38 -11.34 -8.10
N GLY D 120 12.66 -11.04 -8.22
CA GLY D 120 13.70 -12.05 -8.24
C GLY D 120 13.94 -12.69 -9.58
N LYS D 121 13.20 -12.31 -10.62
CA LYS D 121 13.40 -12.83 -11.96
C LYS D 121 14.06 -11.77 -12.82
N ASP D 122 14.86 -12.21 -13.80
CA ASP D 122 15.48 -11.29 -14.73
C ASP D 122 14.41 -10.52 -15.50
N TYR D 123 14.64 -9.23 -15.69
CA TYR D 123 13.75 -8.43 -16.52
C TYR D 123 14.44 -7.93 -17.77
N ILE D 124 15.51 -7.14 -17.64
CA ILE D 124 16.23 -6.62 -18.80
C ILE D 124 17.66 -6.37 -18.37
N ALA D 125 18.59 -6.53 -19.30
CA ALA D 125 19.99 -6.37 -19.01
C ALA D 125 20.71 -5.85 -20.24
N LEU D 126 21.61 -4.90 -20.03
CA LEU D 126 22.48 -4.46 -21.10
C LEU D 126 23.39 -5.61 -21.51
N LYS D 127 23.54 -5.83 -22.81
CA LYS D 127 24.48 -6.82 -23.29
C LYS D 127 25.92 -6.31 -23.12
N GLU D 128 26.86 -7.26 -23.11
CA GLU D 128 28.26 -6.90 -22.89
C GLU D 128 28.79 -5.95 -23.95
N ASP D 129 28.16 -5.89 -25.13
CA ASP D 129 28.55 -4.94 -26.15
C ASP D 129 28.13 -3.51 -25.83
N LEU D 130 27.31 -3.31 -24.79
CA LEU D 130 26.84 -1.99 -24.38
C LEU D 130 26.04 -1.29 -25.48
N ARG D 131 25.40 -2.07 -26.33
CA ARG D 131 24.58 -1.55 -27.41
C ARG D 131 23.27 -2.30 -27.58
N SER D 132 23.11 -3.49 -26.99
CA SER D 132 21.94 -4.31 -27.20
C SER D 132 21.38 -4.74 -25.84
N TRP D 133 20.11 -5.10 -25.84
CA TRP D 133 19.38 -5.45 -24.63
C TRP D 133 18.93 -6.91 -24.66
N THR D 134 18.93 -7.53 -23.48
CA THR D 134 18.44 -8.90 -23.30
C THR D 134 17.16 -8.81 -22.45
N ALA D 135 16.01 -8.90 -23.11
CA ALA D 135 14.73 -8.88 -22.43
C ALA D 135 14.31 -10.30 -22.08
N ALA D 136 13.84 -10.49 -20.84
CA ALA D 136 13.51 -11.83 -20.35
C ALA D 136 12.05 -12.21 -20.55
N ASP D 137 11.15 -11.23 -20.63
CA ASP D 137 9.72 -11.47 -20.75
C ASP D 137 9.16 -10.71 -21.94
N MET D 138 7.89 -10.96 -22.24
CA MET D 138 7.21 -10.12 -23.21
C MET D 138 7.10 -8.68 -22.72
N ALA D 139 6.93 -8.49 -21.41
CA ALA D 139 6.88 -7.14 -20.86
C ALA D 139 8.24 -6.44 -21.00
N ALA D 140 9.32 -7.19 -20.79
CA ALA D 140 10.65 -6.63 -21.00
C ALA D 140 10.90 -6.37 -22.48
N GLN D 141 10.35 -7.19 -23.36
CA GLN D 141 10.48 -6.93 -24.79
C GLN D 141 9.61 -5.76 -25.23
N ILE D 142 8.61 -5.40 -24.43
CA ILE D 142 7.96 -4.11 -24.61
C ILE D 142 8.93 -2.99 -24.26
N THR D 143 9.57 -3.10 -23.10
CA THR D 143 10.52 -2.07 -22.67
C THR D 143 11.74 -2.01 -23.57
N LYS D 144 12.19 -3.15 -24.10
CA LYS D 144 13.39 -3.15 -24.93
C LYS D 144 13.19 -2.35 -26.20
N ARG D 145 12.00 -2.42 -26.79
CA ARG D 145 11.71 -1.62 -27.98
C ARG D 145 11.61 -0.15 -27.64
N LYS D 146 10.97 0.18 -26.51
CA LYS D 146 10.86 1.57 -26.12
C LYS D 146 12.21 2.19 -25.82
N TRP D 147 13.12 1.39 -25.24
CA TRP D 147 14.46 1.87 -24.97
C TRP D 147 15.31 1.93 -26.24
N GLU D 148 15.10 0.98 -27.16
CA GLU D 148 15.88 0.98 -28.40
C GLU D 148 15.59 2.21 -29.25
N ALA D 149 14.34 2.67 -29.25
CA ALA D 149 14.01 3.88 -29.98
C ALA D 149 14.64 5.12 -29.35
N ALA D 150 14.85 5.11 -28.05
CA ALA D 150 15.40 6.24 -27.32
C ALA D 150 16.92 6.25 -27.26
N HIS D 151 17.57 5.19 -27.75
CA HIS D 151 19.03 5.08 -27.72
C HIS D 151 19.58 5.22 -26.30
N VAL D 152 18.88 4.63 -25.33
CA VAL D 152 19.36 4.68 -23.95
C VAL D 152 20.67 3.92 -23.80
N ALA D 153 20.94 2.96 -24.69
CA ALA D 153 22.19 2.20 -24.59
C ALA D 153 23.40 3.09 -24.77
N GLU D 154 23.28 4.16 -25.57
CA GLU D 154 24.38 5.12 -25.66
C GLU D 154 24.59 5.84 -24.33
N GLN D 155 23.51 6.10 -23.59
CA GLN D 155 23.67 6.76 -22.30
C GLN D 155 24.38 5.86 -21.31
N GLN D 156 24.03 4.58 -21.30
CA GLN D 156 24.65 3.66 -20.36
C GLN D 156 26.07 3.30 -20.79
N ARG D 157 26.31 3.19 -22.10
CA ARG D 157 27.67 2.99 -22.56
C ARG D 157 28.55 4.20 -22.23
N ALA D 158 27.99 5.40 -22.34
CA ALA D 158 28.74 6.60 -22.01
C ALA D 158 29.01 6.69 -20.52
N TYR D 159 28.07 6.23 -19.69
CA TYR D 159 28.30 6.27 -18.25
C TYR D 159 29.32 5.21 -17.83
N LEU D 160 29.13 3.98 -18.31
CA LEU D 160 30.02 2.89 -17.89
C LEU D 160 31.44 3.12 -18.38
N GLU D 161 31.61 3.75 -19.54
CA GLU D 161 32.95 4.09 -20.04
C GLU D 161 33.45 5.43 -19.52
N GLY D 162 32.61 6.23 -18.87
CA GLY D 162 32.99 7.57 -18.49
C GLY D 162 33.16 7.78 -16.99
N THR D 163 32.13 8.32 -16.36
CA THR D 163 32.23 8.64 -14.93
C THR D 163 32.37 7.37 -14.09
N CYS D 164 31.91 6.22 -14.60
CA CYS D 164 32.06 4.98 -13.85
C CYS D 164 33.54 4.62 -13.71
N VAL D 165 34.28 4.63 -14.82
CA VAL D 165 35.72 4.41 -14.71
C VAL D 165 36.41 5.59 -14.06
N ASP D 166 35.90 6.82 -14.26
CA ASP D 166 36.52 7.98 -13.64
C ASP D 166 36.37 7.94 -12.12
N GLY D 167 35.23 7.47 -11.64
CA GLY D 167 35.00 7.39 -10.20
C GLY D 167 35.72 6.22 -9.57
N LEU D 168 35.74 5.08 -10.24
CA LEU D 168 36.47 3.93 -9.72
C LEU D 168 37.96 4.20 -9.67
N ARG D 169 38.48 4.99 -10.62
CA ARG D 169 39.90 5.37 -10.55
C ARG D 169 40.18 6.22 -9.33
N ARG D 170 39.24 7.08 -8.95
CA ARG D 170 39.44 7.93 -7.78
C ARG D 170 39.34 7.11 -6.49
N TYR D 171 38.33 6.24 -6.41
CA TYR D 171 38.18 5.42 -5.20
C TYR D 171 39.34 4.46 -5.03
N LEU D 172 39.90 3.95 -6.12
CA LEU D 172 41.06 3.07 -6.01
C LEU D 172 42.28 3.80 -5.47
N GLU D 173 42.43 5.08 -5.79
CA GLU D 173 43.60 5.83 -5.35
C GLU D 173 43.42 6.42 -3.95
N ASN D 174 42.27 7.04 -3.69
CA ASN D 174 42.01 7.57 -2.35
C ASN D 174 41.85 6.45 -1.33
N GLY D 175 41.39 5.29 -1.77
CA GLY D 175 41.23 4.13 -0.90
C GLY D 175 42.32 3.10 -1.07
N LYS D 176 43.45 3.48 -1.65
CA LYS D 176 44.49 2.51 -1.99
C LYS D 176 45.06 1.83 -0.75
N GLU D 177 45.06 2.51 0.39
CA GLU D 177 45.58 1.91 1.60
C GLU D 177 44.76 0.72 2.07
N THR D 178 43.49 0.65 1.69
CA THR D 178 42.63 -0.45 2.08
C THR D 178 42.17 -1.32 0.92
N LEU D 179 41.78 -0.72 -0.20
CA LEU D 179 41.25 -1.50 -1.32
C LEU D 179 42.32 -2.35 -1.98
N GLN D 180 43.49 -1.76 -2.23
CA GLN D 180 44.53 -2.46 -2.99
C GLN D 180 45.49 -3.28 -2.13
N ARG D 181 45.38 -3.20 -0.80
CA ARG D 181 46.20 -4.00 0.10
C ARG D 181 45.40 -5.21 0.59
N THR D 182 46.09 -6.34 0.77
CA THR D 182 45.46 -7.64 0.92
C THR D 182 45.72 -8.24 2.30
N ASP D 183 44.69 -8.89 2.85
CA ASP D 183 44.83 -9.72 4.04
C ASP D 183 44.76 -11.19 3.64
N PRO D 184 45.84 -11.97 3.76
CA PRO D 184 45.75 -13.40 3.46
C PRO D 184 44.93 -14.14 4.49
N PRO D 185 44.32 -15.27 4.13
CA PRO D 185 43.58 -16.08 5.10
C PRO D 185 44.49 -16.63 6.20
N LYS D 186 43.95 -16.73 7.40
CA LYS D 186 44.55 -17.49 8.49
C LYS D 186 43.85 -18.85 8.56
N THR D 187 44.64 -19.92 8.62
CA THR D 187 44.12 -21.26 8.36
C THR D 187 44.35 -22.21 9.52
N HIS D 188 43.34 -23.05 9.76
CA HIS D 188 43.44 -24.25 10.58
C HIS D 188 42.25 -25.13 10.20
N MET D 189 42.24 -26.36 10.71
CA MET D 189 41.20 -27.30 10.31
C MET D 189 40.60 -28.00 11.52
N THR D 190 39.40 -28.53 11.33
CA THR D 190 38.64 -29.18 12.38
C THR D 190 38.50 -30.68 12.09
N HIS D 191 38.21 -31.45 13.15
CA HIS D 191 37.99 -32.88 13.05
C HIS D 191 36.65 -33.23 13.67
N HIS D 192 35.84 -34.01 12.96
CA HIS D 192 34.56 -34.48 13.47
C HIS D 192 34.59 -36.00 13.61
N PRO D 193 34.57 -36.54 14.83
CA PRO D 193 34.66 -38.00 15.00
C PRO D 193 33.41 -38.70 14.51
N ILE D 194 33.60 -39.76 13.73
CA ILE D 194 32.49 -40.55 13.22
C ILE D 194 32.57 -41.96 13.79
N ALA D 205 39.14 -21.14 7.08
CA ALA D 205 39.84 -19.98 6.54
C ALA D 205 39.23 -18.73 7.16
N LEU D 206 40.07 -17.85 7.70
CA LEU D 206 39.59 -16.69 8.42
C LEU D 206 40.48 -15.49 8.14
N GLY D 207 39.87 -14.30 8.19
CA GLY D 207 40.61 -13.06 8.19
C GLY D 207 41.12 -12.58 6.85
N PHE D 208 40.68 -13.16 5.73
CA PHE D 208 41.16 -12.75 4.42
C PHE D 208 40.27 -11.67 3.82
N TYR D 209 40.88 -10.60 3.28
CA TYR D 209 40.11 -9.49 2.73
C TYR D 209 39.55 -9.83 1.35
N PRO D 210 40.36 -10.13 0.33
CA PRO D 210 39.77 -10.50 -0.97
C PRO D 210 38.93 -11.74 -0.80
N ALA D 211 37.73 -11.73 -1.38
CA ALA D 211 36.77 -12.80 -1.16
C ALA D 211 36.93 -13.88 -2.22
N GLU D 212 35.95 -14.77 -2.29
CA GLU D 212 35.93 -15.85 -3.28
C GLU D 212 37.19 -16.71 -3.16
N ILE D 213 37.56 -17.03 -1.93
CA ILE D 213 38.64 -17.99 -1.72
C ILE D 213 38.15 -19.37 -2.15
N THR D 214 39.07 -20.20 -2.64
CA THR D 214 38.75 -21.54 -3.09
C THR D 214 39.41 -22.56 -2.18
N LEU D 215 38.61 -23.34 -1.46
CA LEU D 215 39.08 -24.45 -0.66
C LEU D 215 38.77 -25.75 -1.38
N THR D 216 39.79 -26.59 -1.53
CA THR D 216 39.65 -27.87 -2.23
C THR D 216 40.35 -28.95 -1.42
N TRP D 217 39.61 -29.98 -1.02
CA TRP D 217 40.22 -31.18 -0.47
C TRP D 217 40.74 -32.05 -1.61
N GLN D 218 41.85 -32.74 -1.36
CA GLN D 218 42.51 -33.50 -2.41
C GLN D 218 43.12 -34.78 -1.84
N ARG D 219 43.46 -35.68 -2.75
CA ARG D 219 44.08 -36.96 -2.42
C ARG D 219 44.80 -37.53 -3.64
N THR D 228 33.89 -31.97 -1.57
CA THR D 228 33.92 -31.55 -0.17
C THR D 228 32.79 -30.59 0.15
N GLU D 229 32.46 -30.47 1.44
CA GLU D 229 31.44 -29.53 1.86
C GLU D 229 31.92 -28.10 1.64
N LEU D 230 31.02 -27.25 1.16
CA LEU D 230 31.36 -25.86 0.89
C LEU D 230 30.16 -24.99 1.26
N VAL D 231 30.32 -24.17 2.29
CA VAL D 231 29.34 -23.17 2.66
C VAL D 231 29.76 -21.85 2.05
N GLU D 232 28.81 -20.93 1.94
CA GLU D 232 29.09 -19.63 1.32
C GLU D 232 30.09 -18.85 2.16
N THR D 233 30.90 -18.03 1.47
CA THR D 233 31.85 -17.17 2.15
C THR D 233 31.12 -16.17 3.04
N ARG D 234 31.69 -15.87 4.22
CA ARG D 234 30.94 -15.16 5.22
C ARG D 234 31.65 -13.89 5.67
N PRO D 235 30.92 -12.77 5.78
CA PRO D 235 31.50 -11.57 6.39
C PRO D 235 31.83 -11.76 7.85
N ALA D 236 32.90 -11.10 8.29
CA ALA D 236 33.20 -11.01 9.71
C ALA D 236 32.71 -9.72 10.35
N GLY D 237 32.38 -8.71 9.55
CA GLY D 237 32.01 -7.41 10.05
C GLY D 237 33.16 -6.43 10.24
N ASP D 238 34.40 -6.88 10.04
CA ASP D 238 35.57 -6.01 10.09
C ASP D 238 36.20 -5.84 8.71
N GLY D 239 35.48 -6.21 7.65
CA GLY D 239 35.98 -6.16 6.30
C GLY D 239 36.70 -7.41 5.82
N THR D 240 36.84 -8.42 6.66
CA THR D 240 37.43 -9.69 6.27
C THR D 240 36.35 -10.76 6.13
N PHE D 241 36.74 -11.89 5.54
CA PHE D 241 35.81 -12.96 5.20
C PHE D 241 36.26 -14.28 5.81
N GLN D 242 35.35 -15.25 5.82
CA GLN D 242 35.60 -16.58 6.36
C GLN D 242 34.94 -17.63 5.47
N LYS D 243 35.51 -18.84 5.47
CA LYS D 243 34.96 -19.96 4.73
C LYS D 243 35.59 -21.24 5.29
N TRP D 244 34.86 -22.34 5.21
CA TRP D 244 35.35 -23.62 5.71
C TRP D 244 34.87 -24.76 4.84
N ALA D 245 35.62 -25.86 4.89
CA ALA D 245 35.31 -27.07 4.15
C ALA D 245 35.67 -28.31 4.97
N HIS D 260 45.38 -27.29 -1.88
CA HIS D 260 44.21 -27.35 -0.97
C HIS D 260 43.40 -26.05 -1.10
N VAL D 261 44.09 -24.94 -1.34
CA VAL D 261 43.39 -23.61 -1.41
C VAL D 261 44.15 -22.68 -2.36
N GLN D 262 43.46 -21.67 -2.93
CA GLN D 262 44.12 -20.68 -3.81
C GLN D 262 43.63 -19.27 -3.43
N HIS D 263 44.54 -18.32 -3.18
CA HIS D 263 44.14 -16.94 -2.78
C HIS D 263 45.05 -15.92 -3.49
N GLU D 264 44.58 -14.69 -3.65
CA GLU D 264 45.37 -13.71 -4.38
C GLU D 264 46.50 -13.14 -3.53
N GLY D 265 46.32 -13.08 -2.21
CA GLY D 265 47.35 -12.51 -1.35
C GLY D 265 48.48 -13.44 -0.98
N ILE E 1 8.24 -16.16 -7.27
CA ILE E 1 9.56 -16.69 -6.97
C ILE E 1 9.94 -16.38 -5.53
N GLN E 2 10.21 -17.43 -4.75
CA GLN E 2 10.59 -17.28 -3.35
C GLN E 2 11.72 -18.25 -3.04
N ARG E 3 12.61 -17.82 -2.15
CA ARG E 3 13.75 -18.64 -1.73
C ARG E 3 13.93 -18.47 -0.23
N THR E 4 14.00 -19.61 0.49
CA THR E 4 14.15 -19.61 1.94
C THR E 4 15.57 -19.23 2.32
N PRO E 5 15.76 -18.30 3.26
CA PRO E 5 17.11 -17.83 3.59
C PRO E 5 18.01 -18.94 4.13
N LYS E 6 19.29 -18.87 3.74
CA LYS E 6 20.35 -19.57 4.44
C LYS E 6 20.75 -18.79 5.68
N ILE E 7 21.23 -19.51 6.70
CA ILE E 7 21.61 -18.89 7.96
C ILE E 7 22.85 -19.60 8.50
N GLN E 8 23.83 -18.81 8.94
CA GLN E 8 25.05 -19.32 9.54
C GLN E 8 25.45 -18.39 10.68
N VAL E 9 25.54 -18.93 11.90
CA VAL E 9 25.88 -18.17 13.08
C VAL E 9 27.30 -18.53 13.50
N TYR E 10 28.11 -17.52 13.79
CA TYR E 10 29.53 -17.68 14.04
C TYR E 10 30.08 -16.38 14.59
N SER E 11 31.24 -16.46 15.23
CA SER E 11 31.90 -15.29 15.78
C SER E 11 32.87 -14.67 14.77
N ARG E 12 33.05 -13.34 14.88
CA ARG E 12 34.00 -12.64 14.00
C ARG E 12 35.43 -13.09 14.23
N HIS E 13 35.76 -13.47 15.46
CA HIS E 13 37.07 -13.93 15.88
C HIS E 13 36.88 -15.28 16.56
N PRO E 14 37.91 -16.11 16.61
CA PRO E 14 37.75 -17.39 17.31
C PRO E 14 37.36 -17.15 18.76
N ALA E 15 36.44 -17.96 19.26
CA ALA E 15 35.89 -17.74 20.58
C ALA E 15 36.94 -18.00 21.64
N GLU E 16 36.99 -17.11 22.63
CA GLU E 16 37.85 -17.29 23.81
C GLU E 16 37.02 -16.88 25.02
N ASN E 17 36.72 -17.84 25.89
CA ASN E 17 35.80 -17.59 26.99
C ASN E 17 36.33 -16.49 27.90
N GLY E 18 35.46 -15.55 28.24
CA GLY E 18 35.82 -14.41 29.05
C GLY E 18 36.46 -13.26 28.29
N LYS E 19 36.64 -13.37 26.98
CA LYS E 19 37.24 -12.33 26.17
C LYS E 19 36.20 -11.74 25.23
N SER E 20 36.26 -10.41 25.05
CA SER E 20 35.26 -9.70 24.26
C SER E 20 35.32 -10.13 22.80
N ASN E 21 34.16 -10.13 22.16
CA ASN E 21 34.03 -10.62 20.79
C ASN E 21 32.77 -10.04 20.18
N PHE E 22 32.48 -10.43 18.94
CA PHE E 22 31.25 -10.07 18.25
C PHE E 22 30.54 -11.34 17.80
N LEU E 23 29.25 -11.44 18.09
CA LEU E 23 28.41 -12.49 17.54
C LEU E 23 27.66 -11.95 16.34
N ASN E 24 27.70 -12.68 15.23
CA ASN E 24 27.05 -12.24 14.00
C ASN E 24 26.25 -13.39 13.42
N CYS E 25 25.15 -13.05 12.77
CA CYS E 25 24.27 -14.01 12.10
C CYS E 25 24.16 -13.60 10.63
N TYR E 26 24.75 -14.41 9.76
CA TYR E 26 24.75 -14.12 8.33
C TYR E 26 23.57 -14.82 7.66
N VAL E 27 22.66 -14.02 7.11
CA VAL E 27 21.50 -14.53 6.37
C VAL E 27 21.72 -14.25 4.90
N SER E 28 21.33 -15.21 4.06
CA SER E 28 21.62 -15.11 2.63
C SER E 28 20.68 -15.99 1.83
N GLY E 29 20.56 -15.68 0.54
CA GLY E 29 19.85 -16.51 -0.40
C GLY E 29 18.34 -16.39 -0.39
N PHE E 30 17.79 -15.36 0.26
CA PHE E 30 16.35 -15.27 0.43
C PHE E 30 15.72 -14.25 -0.52
N HIS E 31 14.42 -14.42 -0.74
CA HIS E 31 13.56 -13.55 -1.51
C HIS E 31 12.12 -13.79 -1.04
N PRO E 32 11.31 -12.75 -0.77
CA PRO E 32 11.57 -11.31 -0.88
C PRO E 32 12.52 -10.75 0.19
N SER E 33 12.82 -9.45 0.09
CA SER E 33 13.79 -8.82 0.99
C SER E 33 13.34 -8.81 2.44
N ASP E 34 12.02 -8.79 2.69
CA ASP E 34 11.52 -8.69 4.06
C ASP E 34 11.95 -9.90 4.88
N ILE E 35 12.42 -9.65 6.10
CA ILE E 35 12.88 -10.71 6.99
C ILE E 35 12.94 -10.15 8.41
N GLU E 36 12.89 -11.04 9.39
CA GLU E 36 13.01 -10.69 10.80
C GLU E 36 14.09 -11.58 11.42
N VAL E 37 15.09 -10.95 12.04
CA VAL E 37 16.23 -11.67 12.58
C VAL E 37 16.52 -11.13 13.97
N ASP E 38 16.51 -12.01 14.97
CA ASP E 38 16.86 -11.68 16.33
C ASP E 38 18.02 -12.56 16.80
N LEU E 39 18.99 -11.94 17.46
CA LEU E 39 20.05 -12.69 18.13
C LEU E 39 19.60 -13.06 19.53
N LEU E 40 19.85 -14.31 19.91
CA LEU E 40 19.39 -14.83 21.19
C LEU E 40 20.57 -15.17 22.09
N LYS E 41 20.39 -14.91 23.38
CA LYS E 41 21.39 -15.18 24.41
C LYS E 41 20.73 -16.10 25.43
N ASN E 42 21.03 -17.39 25.35
CA ASN E 42 20.30 -18.42 26.10
C ASN E 42 18.81 -18.34 25.81
N GLY E 43 18.47 -17.97 24.59
CA GLY E 43 17.11 -17.92 24.11
C GLY E 43 16.43 -16.58 24.26
N GLU E 44 16.91 -15.72 25.15
CA GLU E 44 16.34 -14.39 25.31
C GLU E 44 16.84 -13.47 24.21
N ARG E 45 15.96 -12.58 23.74
CA ARG E 45 16.34 -11.64 22.68
C ARG E 45 17.36 -10.64 23.19
N ILE E 46 18.36 -10.36 22.35
CA ILE E 46 19.35 -9.33 22.64
C ILE E 46 18.81 -8.00 22.13
N GLU E 47 18.87 -6.96 22.98
CA GLU E 47 18.21 -5.70 22.66
C GLU E 47 18.93 -4.96 21.53
N LYS E 48 20.25 -4.79 21.65
CA LYS E 48 21.00 -3.92 20.76
C LYS E 48 21.77 -4.79 19.76
N VAL E 49 21.13 -5.06 18.63
CA VAL E 49 21.74 -5.79 17.53
C VAL E 49 21.55 -4.98 16.26
N GLU E 50 22.64 -4.65 15.59
CA GLU E 50 22.63 -3.94 14.32
C GLU E 50 22.72 -4.92 13.16
N HIS E 51 22.48 -4.42 11.95
CA HIS E 51 22.52 -5.26 10.76
C HIS E 51 23.13 -4.48 9.60
N SER E 52 23.66 -5.23 8.64
CA SER E 52 24.25 -4.65 7.44
C SER E 52 23.17 -4.12 6.51
N ASP E 53 23.56 -3.16 5.68
CA ASP E 53 22.66 -2.63 4.67
C ASP E 53 22.30 -3.70 3.65
N LEU E 54 21.08 -3.62 3.15
CA LEU E 54 20.56 -4.65 2.24
C LEU E 54 21.37 -4.70 0.95
N SER E 55 21.65 -5.91 0.48
CA SER E 55 22.39 -6.15 -0.74
C SER E 55 22.07 -7.56 -1.21
N PHE E 56 22.50 -7.89 -2.43
CA PHE E 56 22.15 -9.18 -3.01
C PHE E 56 23.29 -9.70 -3.87
N SER E 57 23.23 -10.99 -4.16
CA SER E 57 24.29 -11.71 -4.84
C SER E 57 24.05 -11.71 -6.36
N LYS E 58 24.80 -12.56 -7.07
CA LYS E 58 24.63 -12.67 -8.52
C LYS E 58 23.24 -13.18 -8.89
N ASP E 59 22.61 -13.96 -8.01
CA ASP E 59 21.32 -14.58 -8.27
C ASP E 59 20.15 -13.66 -7.96
N TRP E 60 20.42 -12.42 -7.56
CA TRP E 60 19.48 -11.44 -7.03
C TRP E 60 18.99 -11.82 -5.64
N SER E 61 19.41 -12.95 -5.10
CA SER E 61 19.05 -13.32 -3.74
C SER E 61 19.73 -12.39 -2.73
N PHE E 62 18.96 -11.96 -1.73
CA PHE E 62 19.42 -11.01 -0.73
C PHE E 62 20.33 -11.68 0.29
N TYR E 63 21.17 -10.86 0.93
CA TYR E 63 21.95 -11.30 2.07
C TYR E 63 22.07 -10.15 3.07
N LEU E 64 22.17 -10.52 4.36
CA LEU E 64 22.24 -9.55 5.44
C LEU E 64 23.16 -10.11 6.53
N LEU E 65 23.80 -9.20 7.26
CA LEU E 65 24.66 -9.56 8.39
C LEU E 65 24.19 -8.83 9.62
N TYR E 66 23.51 -9.55 10.52
CA TYR E 66 23.20 -9.05 11.84
C TYR E 66 24.38 -9.33 12.77
N TYR E 67 24.61 -8.43 13.72
CA TYR E 67 25.77 -8.57 14.59
C TYR E 67 25.53 -7.86 15.92
N THR E 68 26.22 -8.34 16.95
CA THR E 68 26.23 -7.67 18.25
C THR E 68 27.53 -8.03 18.98
N GLU E 69 27.99 -7.10 19.81
CA GLU E 69 29.11 -7.38 20.68
C GLU E 69 28.69 -8.35 21.78
N PHE E 70 29.59 -9.27 22.14
CA PHE E 70 29.29 -10.20 23.21
C PHE E 70 30.58 -10.76 23.79
N THR E 71 30.49 -11.28 25.01
CA THR E 71 31.61 -11.92 25.69
C THR E 71 31.25 -13.37 25.98
N PRO E 72 31.72 -14.31 25.16
CA PRO E 72 31.31 -15.72 25.33
C PRO E 72 31.78 -16.30 26.66
N THR E 73 30.95 -17.19 27.22
CA THR E 73 31.26 -17.96 28.41
C THR E 73 30.91 -19.43 28.14
N GLU E 74 31.35 -20.31 29.06
CA GLU E 74 31.17 -21.74 28.86
C GLU E 74 29.70 -22.15 28.84
N LYS E 75 28.85 -21.46 29.62
CA LYS E 75 27.46 -21.88 29.77
C LYS E 75 26.49 -21.09 28.91
N ASP E 76 26.85 -19.89 28.48
CA ASP E 76 25.93 -19.09 27.65
C ASP E 76 25.71 -19.78 26.31
N GLU E 77 24.44 -19.83 25.90
CA GLU E 77 24.06 -20.30 24.58
C GLU E 77 23.63 -19.12 23.73
N TYR E 78 24.00 -19.15 22.46
CA TYR E 78 23.65 -18.09 21.52
C TYR E 78 23.01 -18.70 20.28
N ALA E 79 22.03 -17.99 19.73
CA ALA E 79 21.26 -18.53 18.63
C ALA E 79 20.66 -17.39 17.83
N CYS E 80 20.41 -17.67 16.55
CA CYS E 80 19.78 -16.73 15.64
C CYS E 80 18.37 -17.23 15.31
N ARG E 81 17.40 -16.31 15.36
CA ARG E 81 15.99 -16.63 15.12
C ARG E 81 15.53 -15.89 13.87
N VAL E 82 15.31 -16.62 12.79
CA VAL E 82 14.96 -16.04 11.50
C VAL E 82 13.49 -16.36 11.20
N ASN E 83 12.68 -15.31 11.09
CA ASN E 83 11.31 -15.45 10.62
C ASN E 83 11.24 -14.96 9.17
N HIS E 84 10.53 -15.71 8.34
CA HIS E 84 10.43 -15.40 6.92
C HIS E 84 9.09 -15.90 6.40
N VAL E 85 8.59 -15.25 5.35
CA VAL E 85 7.30 -15.61 4.78
C VAL E 85 7.33 -17.02 4.20
N THR E 86 8.50 -17.52 3.84
CA THR E 86 8.64 -18.88 3.34
C THR E 86 8.69 -19.92 4.46
N LEU E 87 8.75 -19.49 5.72
CA LEU E 87 8.82 -20.39 6.86
C LEU E 87 7.59 -20.22 7.72
N SER E 88 6.85 -21.31 7.94
CA SER E 88 5.67 -21.25 8.80
C SER E 88 6.03 -20.91 10.25
N GLN E 89 7.22 -21.32 10.70
CA GLN E 89 7.71 -21.05 12.03
C GLN E 89 9.16 -20.58 11.96
N PRO E 90 9.59 -19.76 12.92
CA PRO E 90 10.98 -19.30 12.92
C PRO E 90 11.96 -20.44 13.10
N LYS E 91 13.11 -20.33 12.44
CA LYS E 91 14.19 -21.30 12.57
C LYS E 91 15.21 -20.78 13.57
N ILE E 92 15.60 -21.63 14.52
CA ILE E 92 16.62 -21.31 15.50
C ILE E 92 17.86 -22.13 15.19
N VAL E 93 19.01 -21.47 15.12
CA VAL E 93 20.28 -22.12 14.81
C VAL E 93 21.25 -21.82 15.94
N LYS E 94 21.70 -22.87 16.63
CA LYS E 94 22.60 -22.71 17.76
C LYS E 94 24.00 -22.31 17.30
N TRP E 95 24.69 -21.55 18.15
CA TRP E 95 26.08 -21.19 17.92
C TRP E 95 26.99 -22.29 18.45
N ASP E 96 27.93 -22.72 17.63
CA ASP E 96 28.95 -23.69 18.01
C ASP E 96 30.32 -23.07 17.78
N ARG E 97 31.19 -23.17 18.79
CA ARG E 97 32.53 -22.61 18.66
C ARG E 97 33.33 -23.31 17.57
N ASP E 98 33.03 -24.59 17.33
CA ASP E 98 33.69 -25.35 16.27
C ASP E 98 32.84 -25.48 15.01
N MET E 99 31.52 -25.32 15.13
CA MET E 99 30.57 -25.42 14.01
C MET E 99 30.56 -26.79 13.31
N ASN F 1 31.01 6.88 -8.72
CA ASN F 1 29.92 7.84 -8.89
C ASN F 1 28.66 7.14 -9.42
N TYR F 2 27.51 7.59 -8.95
CA TYR F 2 26.25 6.91 -9.24
C TYR F 2 25.83 7.10 -10.70
N ASN F 3 25.04 6.13 -11.18
CA ASN F 3 24.53 6.17 -12.55
C ASN F 3 23.46 7.25 -12.70
N TYR F 4 23.29 7.70 -13.94
CA TYR F 4 22.23 8.64 -14.31
C TYR F 4 21.05 7.81 -14.80
N LEU F 5 20.07 7.60 -13.92
CA LEU F 5 18.95 6.69 -14.20
C LEU F 5 17.64 7.47 -14.16
N TYR F 6 17.04 7.67 -15.32
CA TYR F 6 15.73 8.32 -15.39
C TYR F 6 14.79 7.72 -16.43
N ARG F 7 15.18 6.65 -17.13
CA ARG F 7 14.35 6.11 -18.21
C ARG F 7 13.29 5.17 -17.66
N LEU F 8 12.03 5.43 -18.03
CA LEU F 8 10.92 4.60 -17.59
C LEU F 8 10.83 3.31 -18.41
N PHE F 9 10.23 2.29 -17.81
CA PHE F 9 9.93 1.05 -18.52
C PHE F 9 8.94 1.30 -19.64
N GLU G 1 -17.60 -28.48 21.84
CA GLU G 1 -18.54 -29.06 20.88
C GLU G 1 -19.87 -28.32 20.90
N VAL G 2 -20.67 -28.53 19.85
CA VAL G 2 -21.96 -27.87 19.69
C VAL G 2 -22.99 -28.92 19.28
N GLU G 3 -24.11 -28.97 20.00
CA GLU G 3 -25.19 -29.90 19.70
C GLU G 3 -26.50 -29.15 19.62
N GLN G 4 -27.36 -29.55 18.68
CA GLN G 4 -28.64 -28.91 18.47
C GLN G 4 -29.66 -29.97 18.04
N ASP G 5 -30.86 -29.52 17.71
CA ASP G 5 -32.00 -30.42 17.55
C ASP G 5 -31.74 -31.43 16.44
N PRO G 6 -31.97 -32.72 16.67
CA PRO G 6 -31.70 -33.71 15.61
C PRO G 6 -32.49 -33.48 14.33
N GLY G 7 -33.71 -32.99 14.43
CA GLY G 7 -34.54 -32.76 13.27
C GLY G 7 -34.94 -34.05 12.58
N PRO G 8 -35.45 -33.97 11.36
CA PRO G 8 -35.88 -32.77 10.61
C PRO G 8 -37.14 -32.14 11.21
N PHE G 9 -37.31 -30.83 11.05
CA PHE G 9 -38.55 -30.16 11.43
C PHE G 9 -39.45 -30.03 10.20
N ASN G 10 -40.59 -30.70 10.22
CA ASN G 10 -41.58 -30.63 9.14
C ASN G 10 -42.80 -29.90 9.69
N VAL G 11 -42.91 -28.61 9.38
CA VAL G 11 -44.01 -27.80 9.89
C VAL G 11 -44.78 -27.16 8.74
N PRO G 12 -46.10 -27.01 8.88
CA PRO G 12 -46.87 -26.32 7.85
C PRO G 12 -46.63 -24.82 7.86
N GLU G 13 -47.03 -24.18 6.77
CA GLU G 13 -46.79 -22.76 6.58
C GLU G 13 -47.45 -21.93 7.68
N GLY G 14 -46.79 -20.85 8.08
CA GLY G 14 -47.26 -19.97 9.12
C GLY G 14 -46.98 -20.42 10.53
N ALA G 15 -46.33 -21.57 10.71
CA ALA G 15 -46.08 -22.09 12.04
C ALA G 15 -44.97 -21.31 12.76
N THR G 16 -45.04 -21.30 14.09
CA THR G 16 -43.92 -20.86 14.90
C THR G 16 -43.06 -22.07 15.23
N VAL G 17 -41.78 -21.99 14.90
CA VAL G 17 -40.84 -23.08 15.11
C VAL G 17 -39.65 -22.56 15.91
N ALA G 18 -39.26 -23.31 16.95
CA ALA G 18 -38.15 -22.93 17.81
C ALA G 18 -37.01 -23.92 17.65
N PHE G 19 -35.78 -23.40 17.61
CA PHE G 19 -34.59 -24.22 17.56
C PHE G 19 -33.89 -24.19 18.92
N ASN G 20 -33.24 -25.29 19.25
CA ASN G 20 -32.49 -25.40 20.49
C ASN G 20 -31.06 -25.83 20.19
N CYS G 21 -30.11 -25.23 20.91
CA CYS G 21 -28.70 -25.55 20.72
C CYS G 21 -28.00 -25.40 22.07
N THR G 22 -27.04 -26.28 22.32
CA THR G 22 -26.24 -26.25 23.54
C THR G 22 -24.77 -26.32 23.17
N TYR G 23 -23.94 -25.59 23.91
CA TYR G 23 -22.50 -25.59 23.71
C TYR G 23 -21.81 -25.98 25.00
N SER G 24 -20.88 -26.93 24.91
CA SER G 24 -20.25 -27.48 26.10
C SER G 24 -19.21 -26.55 26.70
N ASN G 25 -18.41 -25.90 25.86
CA ASN G 25 -17.31 -25.07 26.34
C ASN G 25 -17.89 -23.81 26.98
N SER G 26 -17.74 -23.69 28.30
CA SER G 26 -18.30 -22.55 29.02
C SER G 26 -17.56 -21.25 28.72
N ALA G 27 -16.36 -21.33 28.16
CA ALA G 27 -15.56 -20.15 27.85
C ALA G 27 -15.94 -19.51 26.53
N SER G 28 -16.92 -20.05 25.81
CA SER G 28 -17.27 -19.56 24.50
C SER G 28 -17.68 -18.08 24.56
N GLN G 29 -17.26 -17.32 23.56
CA GLN G 29 -17.28 -15.86 23.60
C GLN G 29 -18.33 -15.21 22.71
N SER G 30 -18.54 -15.74 21.51
CA SER G 30 -19.53 -15.19 20.59
C SER G 30 -20.43 -16.32 20.09
N PHE G 31 -21.66 -15.96 19.75
CA PHE G 31 -22.67 -16.93 19.37
C PHE G 31 -23.44 -16.40 18.17
N PHE G 32 -23.82 -17.32 17.27
CA PHE G 32 -24.48 -16.94 16.04
C PHE G 32 -25.45 -18.03 15.63
N TRP G 33 -26.44 -17.64 14.84
CA TRP G 33 -27.27 -18.58 14.08
C TRP G 33 -26.92 -18.43 12.60
N TYR G 34 -26.63 -19.55 11.95
CA TYR G 34 -26.34 -19.49 10.50
C TYR G 34 -27.38 -20.32 9.79
N ARG G 35 -27.72 -19.93 8.55
CA ARG G 35 -28.72 -20.67 7.76
C ARG G 35 -28.04 -21.16 6.49
N GLN G 36 -28.44 -22.32 5.98
CA GLN G 36 -27.77 -22.88 4.78
C GLN G 36 -28.83 -23.58 3.93
N ASP G 37 -29.27 -22.92 2.85
CA ASP G 37 -30.23 -23.54 1.96
C ASP G 37 -29.60 -24.75 1.28
N CYS G 38 -30.45 -25.72 0.90
CA CYS G 38 -29.96 -27.02 0.47
C CYS G 38 -29.03 -26.90 -0.73
N ARG G 39 -27.91 -27.60 -0.67
CA ARG G 39 -26.89 -27.58 -1.72
C ARG G 39 -26.42 -26.16 -2.02
N LYS G 40 -26.16 -25.41 -0.96
CA LYS G 40 -25.57 -24.09 -1.08
C LYS G 40 -24.80 -23.78 0.21
N GLU G 41 -24.20 -22.59 0.24
CA GLU G 41 -23.33 -22.01 1.27
C GLU G 41 -24.09 -21.66 2.54
N PRO G 42 -23.44 -21.82 3.69
CA PRO G 42 -23.92 -21.17 4.92
C PRO G 42 -23.86 -19.65 4.81
N LYS G 43 -24.81 -18.99 5.46
CA LYS G 43 -24.80 -17.54 5.60
C LYS G 43 -25.23 -17.19 7.01
N LEU G 44 -24.67 -16.09 7.53
CA LEU G 44 -25.06 -15.63 8.85
C LEU G 44 -26.52 -15.21 8.87
N LEU G 45 -27.24 -15.61 9.91
CA LEU G 45 -28.62 -15.18 10.11
C LEU G 45 -28.72 -14.07 11.15
N MET G 46 -28.18 -14.29 12.34
CA MET G 46 -28.19 -13.26 13.38
C MET G 46 -27.22 -13.67 14.48
N SER G 47 -26.84 -12.70 15.30
CA SER G 47 -25.99 -12.92 16.45
C SER G 47 -26.85 -13.05 17.71
N VAL G 48 -26.60 -14.10 18.49
CA VAL G 48 -27.30 -14.30 19.74
C VAL G 48 -26.59 -13.49 20.82
N TYR G 49 -27.34 -12.63 21.51
CA TYR G 49 -26.73 -11.65 22.42
C TYR G 49 -27.08 -11.84 23.88
N SER G 50 -28.08 -12.66 24.21
CA SER G 50 -28.49 -12.96 25.58
C SER G 50 -29.19 -11.78 26.25
N SER G 51 -29.14 -10.61 25.63
CA SER G 51 -30.09 -9.55 25.94
C SER G 51 -31.36 -9.66 25.09
N GLY G 52 -31.36 -10.57 24.12
CA GLY G 52 -32.42 -10.66 23.15
C GLY G 52 -32.04 -9.99 21.85
N ASN G 53 -32.04 -10.75 20.76
CA ASN G 53 -31.85 -10.20 19.42
C ASN G 53 -33.01 -10.69 18.57
N GLU G 54 -33.83 -9.76 18.07
CA GLU G 54 -34.94 -10.11 17.21
C GLU G 54 -34.90 -9.27 15.95
N ASP G 55 -35.20 -9.92 14.82
CA ASP G 55 -35.14 -9.32 13.49
C ASP G 55 -36.42 -9.75 12.79
N GLY G 56 -37.50 -9.04 13.06
CA GLY G 56 -38.75 -9.37 12.42
C GLY G 56 -39.25 -10.70 12.91
N ARG G 57 -39.44 -11.63 11.98
CA ARG G 57 -39.96 -12.96 12.31
C ARG G 57 -38.99 -13.76 13.17
N PHE G 58 -37.70 -13.45 13.12
CA PHE G 58 -36.67 -14.23 13.79
C PHE G 58 -36.28 -13.56 15.11
N THR G 59 -36.23 -14.35 16.18
CA THR G 59 -35.78 -13.91 17.49
C THR G 59 -34.89 -14.99 18.08
N ALA G 60 -33.84 -14.57 18.80
CA ALA G 60 -32.90 -15.51 19.38
C ALA G 60 -32.46 -15.02 20.77
N GLN G 61 -32.25 -15.98 21.66
CA GLN G 61 -31.87 -15.70 23.04
C GLN G 61 -30.75 -16.64 23.46
N LEU G 62 -29.90 -16.18 24.37
CA LEU G 62 -28.78 -16.95 24.88
C LEU G 62 -28.86 -17.05 26.39
N ASN G 63 -28.70 -18.25 26.92
CA ASN G 63 -28.66 -18.51 28.36
C ASN G 63 -27.21 -18.87 28.70
N ARG G 64 -26.47 -17.90 29.24
CA ARG G 64 -25.09 -18.17 29.61
C ARG G 64 -25.00 -19.22 30.71
N ALA G 65 -25.97 -19.24 31.62
CA ALA G 65 -25.91 -20.17 32.74
C ALA G 65 -26.20 -21.59 32.27
N SER G 66 -27.29 -21.78 31.54
CA SER G 66 -27.60 -23.10 30.98
C SER G 66 -26.67 -23.46 29.83
N GLN G 67 -26.02 -22.48 29.21
CA GLN G 67 -25.21 -22.68 28.01
C GLN G 67 -26.05 -23.31 26.89
N TYR G 68 -27.20 -22.69 26.62
CA TYR G 68 -28.09 -23.12 25.57
C TYR G 68 -28.50 -21.92 24.72
N ILE G 69 -28.78 -22.18 23.45
CA ILE G 69 -29.14 -21.15 22.48
C ILE G 69 -30.47 -21.53 21.84
N SER G 70 -31.30 -20.51 21.55
CA SER G 70 -32.59 -20.75 20.95
C SER G 70 -32.83 -19.77 19.79
N LEU G 71 -33.46 -20.26 18.74
CA LEU G 71 -33.91 -19.44 17.62
C LEU G 71 -35.41 -19.59 17.49
N LEU G 72 -36.10 -18.47 17.30
CA LEU G 72 -37.56 -18.46 17.20
C LEU G 72 -37.95 -17.86 15.86
N ILE G 73 -38.79 -18.59 15.11
CA ILE G 73 -39.27 -18.14 13.81
C ILE G 73 -40.79 -18.05 13.88
N ARG G 74 -41.32 -16.83 13.76
CA ARG G 74 -42.75 -16.60 13.73
C ARG G 74 -43.22 -16.46 12.29
N ASP G 75 -44.40 -17.01 11.99
CA ASP G 75 -44.97 -16.98 10.64
C ASP G 75 -44.03 -17.65 9.63
N SER G 76 -43.93 -18.97 9.76
CA SER G 76 -43.09 -19.74 8.85
C SER G 76 -43.52 -19.53 7.40
N LYS G 77 -42.53 -19.42 6.52
CA LYS G 77 -42.72 -19.36 5.08
C LYS G 77 -41.95 -20.49 4.43
N LEU G 78 -42.33 -20.83 3.21
CA LEU G 78 -41.55 -21.82 2.45
C LEU G 78 -40.15 -21.32 2.14
N SER G 79 -39.96 -20.00 2.27
CA SER G 79 -38.63 -19.38 2.02
C SER G 79 -37.74 -19.63 3.22
N ASP G 80 -38.32 -20.09 4.33
CA ASP G 80 -37.55 -20.42 5.51
C ASP G 80 -36.98 -21.85 5.51
N SER G 81 -37.37 -22.68 4.54
CA SER G 81 -36.87 -24.05 4.50
C SER G 81 -35.36 -24.05 4.29
N ALA G 82 -34.63 -24.63 5.23
CA ALA G 82 -33.17 -24.59 5.22
C ALA G 82 -32.57 -25.41 6.35
N THR G 83 -31.25 -25.52 6.38
CA THR G 83 -30.51 -26.06 7.51
C THR G 83 -30.02 -24.90 8.37
N TYR G 84 -30.31 -24.95 9.66
CA TYR G 84 -30.01 -23.85 10.58
C TYR G 84 -28.88 -24.26 11.50
N LEU G 85 -27.70 -23.69 11.27
CA LEU G 85 -26.50 -24.06 12.00
C LEU G 85 -26.34 -23.23 13.27
N CYS G 86 -25.94 -23.90 14.35
CA CYS G 86 -25.54 -23.23 15.58
C CYS G 86 -24.03 -22.99 15.51
N VAL G 87 -23.62 -21.74 15.63
CA VAL G 87 -22.23 -21.34 15.46
C VAL G 87 -21.75 -20.68 16.76
N VAL G 88 -20.65 -21.18 17.29
CA VAL G 88 -20.12 -20.74 18.58
C VAL G 88 -18.66 -20.36 18.40
N ASN G 89 -18.26 -19.28 19.06
CA ASN G 89 -16.90 -18.73 18.96
C ASN G 89 -16.16 -19.00 20.26
N ALA G 90 -15.22 -19.96 20.22
CA ALA G 90 -14.49 -20.36 21.41
C ALA G 90 -13.00 -20.36 21.14
N HIS G 91 -12.23 -19.86 22.11
CA HIS G 91 -10.78 -19.92 22.03
C HIS G 91 -10.33 -21.37 22.02
N SER G 92 -9.46 -21.72 21.08
CA SER G 92 -8.87 -23.04 21.04
C SER G 92 -7.70 -23.08 22.03
N GLY G 93 -7.14 -24.28 22.23
CA GLY G 93 -6.08 -24.40 23.21
C GLY G 93 -4.87 -23.54 22.90
N ALA G 94 -4.64 -23.27 21.61
CA ALA G 94 -3.61 -22.35 21.15
C ALA G 94 -4.11 -20.90 21.22
N GLY G 95 -3.42 -20.00 20.54
CA GLY G 95 -3.74 -18.58 20.62
C GLY G 95 -4.70 -18.07 19.58
N SER G 96 -5.49 -18.96 18.98
CA SER G 96 -6.45 -18.59 17.94
C SER G 96 -7.89 -18.76 18.42
N TYR G 97 -8.76 -17.88 17.94
CA TYR G 97 -10.20 -17.96 18.21
C TYR G 97 -10.90 -18.52 16.98
N GLN G 98 -11.52 -19.69 17.12
CA GLN G 98 -12.18 -20.37 16.02
C GLN G 98 -13.68 -20.46 16.27
N LEU G 99 -14.42 -20.64 15.18
CA LEU G 99 -15.85 -20.94 15.24
C LEU G 99 -16.06 -22.43 15.06
N THR G 100 -16.78 -23.05 15.98
CA THR G 100 -17.26 -24.41 15.81
C THR G 100 -18.65 -24.36 15.21
N PHE G 101 -18.85 -25.09 14.11
CA PHE G 101 -20.13 -25.13 13.42
C PHE G 101 -20.87 -26.40 13.79
N GLY G 102 -22.11 -26.25 14.22
CA GLY G 102 -22.94 -27.40 14.55
C GLY G 102 -23.43 -28.09 13.29
N LYS G 103 -23.92 -29.33 13.48
CA LYS G 103 -24.49 -30.08 12.36
C LYS G 103 -25.75 -29.43 11.82
N GLY G 104 -26.46 -28.65 12.62
CA GLY G 104 -27.64 -27.94 12.16
C GLY G 104 -28.89 -28.79 12.22
N THR G 105 -30.01 -28.15 11.88
CA THR G 105 -31.31 -28.80 11.85
C THR G 105 -31.99 -28.42 10.54
N LYS G 106 -32.41 -29.42 9.77
CA LYS G 106 -33.09 -29.16 8.52
C LYS G 106 -34.54 -28.78 8.80
N LEU G 107 -34.96 -27.62 8.29
CA LEU G 107 -36.35 -27.21 8.33
C LEU G 107 -36.96 -27.39 6.95
N SER G 108 -38.17 -27.95 6.91
CA SER G 108 -38.88 -28.21 5.64
C SER G 108 -40.31 -27.73 5.80
N VAL G 109 -40.57 -26.50 5.35
CA VAL G 109 -41.92 -25.94 5.37
C VAL G 109 -42.69 -26.47 4.16
N ILE G 110 -43.92 -26.90 4.38
CA ILE G 110 -44.78 -27.42 3.31
C ILE G 110 -46.08 -26.63 3.31
N PRO G 111 -46.58 -26.19 2.16
CA PRO G 111 -47.72 -25.26 2.14
C PRO G 111 -49.06 -25.90 2.51
N ILE G 112 -49.96 -25.03 2.96
CA ILE G 112 -51.35 -25.39 3.22
C ILE G 112 -52.14 -24.97 1.99
N GLN G 113 -52.37 -25.90 1.06
CA GLN G 113 -52.98 -25.52 -0.21
C GLN G 113 -54.14 -26.41 -0.65
N ASN G 114 -54.52 -26.29 -1.93
CA ASN G 114 -55.80 -26.68 -2.50
C ASN G 114 -56.20 -28.13 -2.22
N PRO G 115 -57.52 -28.45 -2.27
CA PRO G 115 -57.99 -29.82 -2.07
C PRO G 115 -58.07 -30.59 -3.40
N ASP G 116 -56.98 -30.52 -4.16
CA ASP G 116 -56.97 -31.23 -5.47
C ASP G 116 -55.79 -32.21 -5.56
N PRO G 117 -55.57 -33.12 -4.59
CA PRO G 117 -54.50 -34.09 -4.74
C PRO G 117 -54.74 -34.77 -6.07
N ALA G 118 -53.70 -34.90 -6.91
CA ALA G 118 -53.94 -35.45 -8.25
C ALA G 118 -52.67 -35.98 -8.90
N VAL G 119 -52.82 -36.82 -9.93
CA VAL G 119 -51.68 -37.35 -10.66
C VAL G 119 -52.00 -37.26 -12.14
N TYR G 120 -51.10 -36.67 -12.92
CA TYR G 120 -51.29 -36.49 -14.34
C TYR G 120 -50.26 -37.31 -15.11
N GLN G 121 -50.72 -37.95 -16.19
CA GLN G 121 -49.83 -38.72 -17.06
C GLN G 121 -49.26 -37.81 -18.12
N LEU G 122 -47.94 -37.65 -18.12
CA LEU G 122 -47.25 -36.77 -19.05
C LEU G 122 -46.62 -37.58 -20.17
N ARG G 123 -46.78 -37.11 -21.40
CA ARG G 123 -46.22 -37.76 -22.58
C ARG G 123 -44.90 -37.11 -22.96
N ASP G 124 -43.91 -37.93 -23.28
CA ASP G 124 -42.63 -37.42 -23.76
C ASP G 124 -42.78 -36.91 -25.20
N SER G 125 -42.01 -35.87 -25.52
CA SER G 125 -42.07 -35.32 -26.87
C SER G 125 -41.53 -36.29 -27.90
N LYS G 126 -40.65 -37.20 -27.49
CA LYS G 126 -40.07 -38.21 -28.37
C LYS G 126 -40.56 -39.62 -28.08
N SER G 127 -40.53 -40.01 -26.81
CA SER G 127 -40.71 -41.42 -26.44
C SER G 127 -42.15 -41.86 -26.61
N SER G 128 -42.33 -43.17 -26.86
CA SER G 128 -43.63 -43.81 -26.87
C SER G 128 -43.89 -44.65 -25.62
N ASP G 129 -42.90 -44.80 -24.74
CA ASP G 129 -43.05 -45.57 -23.52
C ASP G 129 -42.72 -44.80 -22.25
N LYS G 130 -41.81 -43.83 -22.32
CA LYS G 130 -41.50 -43.05 -21.13
C LYS G 130 -42.72 -42.28 -20.65
N SER G 131 -42.88 -42.21 -19.34
CA SER G 131 -44.03 -41.55 -18.73
C SER G 131 -43.61 -40.95 -17.40
N VAL G 132 -44.31 -39.89 -17.01
CA VAL G 132 -43.98 -39.14 -15.79
C VAL G 132 -45.27 -38.76 -15.09
N CYS G 133 -45.36 -39.11 -13.81
CA CYS G 133 -46.51 -38.79 -12.97
C CYS G 133 -46.20 -37.57 -12.10
N LEU G 134 -47.26 -36.88 -11.67
CA LEU G 134 -47.13 -35.62 -10.94
C LEU G 134 -48.00 -35.64 -9.69
N PHE G 135 -47.96 -34.53 -8.96
CA PHE G 135 -48.81 -34.32 -7.80
C PHE G 135 -49.06 -32.83 -7.65
N THR G 136 -50.06 -32.47 -6.85
CA THR G 136 -50.46 -31.04 -6.75
C THR G 136 -50.25 -30.49 -5.35
N ASP G 137 -50.81 -31.11 -4.31
CA ASP G 137 -50.71 -30.52 -2.96
C ASP G 137 -51.04 -31.62 -1.95
N PHE G 138 -50.03 -32.08 -1.21
CA PHE G 138 -50.25 -33.05 -0.16
C PHE G 138 -50.86 -32.35 1.05
N THR G 142 -49.56 -34.28 4.76
CA THR G 142 -49.31 -35.69 4.52
C THR G 142 -48.03 -35.89 3.71
N ASN G 143 -46.90 -35.51 4.28
CA ASN G 143 -45.62 -35.72 3.61
C ASN G 143 -45.37 -37.21 3.42
N VAL G 144 -44.95 -37.60 2.22
CA VAL G 144 -44.75 -39.01 1.90
C VAL G 144 -43.58 -39.15 0.94
N SER G 145 -42.85 -40.25 1.10
CA SER G 145 -41.95 -40.80 0.08
C SER G 145 -42.13 -42.31 0.10
N GLN G 146 -43.39 -42.74 0.09
CA GLN G 146 -43.80 -44.07 0.48
C GLN G 146 -43.74 -45.09 -0.64
N SER G 147 -43.10 -44.75 -1.76
CA SER G 147 -42.92 -45.72 -2.85
C SER G 147 -41.84 -46.70 -2.41
N LYS G 148 -42.26 -47.80 -1.81
CA LYS G 148 -41.37 -48.86 -1.36
C LYS G 148 -40.96 -49.79 -2.49
N ASP G 149 -41.46 -49.57 -3.70
CA ASP G 149 -41.14 -50.41 -4.85
C ASP G 149 -39.66 -50.34 -5.19
N SER G 150 -39.14 -51.44 -5.74
CA SER G 150 -37.74 -51.56 -6.09
C SER G 150 -37.38 -50.86 -7.40
N ASP G 151 -38.37 -50.41 -8.18
CA ASP G 151 -38.10 -49.79 -9.47
C ASP G 151 -38.68 -48.38 -9.62
N VAL G 152 -39.70 -48.01 -8.84
CA VAL G 152 -40.29 -46.68 -8.95
C VAL G 152 -39.35 -45.64 -8.35
N TYR G 153 -39.37 -44.44 -8.92
CA TYR G 153 -38.55 -43.31 -8.45
C TYR G 153 -39.45 -42.18 -7.96
N ILE G 154 -38.96 -41.44 -6.96
CA ILE G 154 -39.75 -40.42 -6.29
C ILE G 154 -38.85 -39.24 -5.94
N THR G 155 -39.21 -38.05 -6.44
CA THR G 155 -38.53 -36.81 -6.08
C THR G 155 -38.98 -36.31 -4.72
N ASP G 156 -38.13 -35.50 -4.09
CA ASP G 156 -38.49 -34.88 -2.81
C ASP G 156 -39.27 -33.59 -2.98
N LYS G 157 -40.29 -33.62 -3.82
CA LYS G 157 -41.49 -32.77 -3.72
C LYS G 157 -41.13 -31.29 -3.54
N CYS G 158 -40.62 -30.70 -4.61
CA CYS G 158 -40.25 -29.28 -4.55
C CYS G 158 -41.48 -28.44 -4.15
N VAL G 159 -41.22 -27.40 -3.38
CA VAL G 159 -42.27 -26.53 -2.84
C VAL G 159 -42.13 -25.17 -3.52
N LEU G 160 -42.97 -24.94 -4.53
CA LEU G 160 -42.98 -23.66 -5.22
C LEU G 160 -43.65 -22.57 -4.39
N ASP G 161 -43.22 -21.32 -4.63
CA ASP G 161 -43.92 -20.13 -4.16
C ASP G 161 -44.10 -19.23 -5.37
N MET G 162 -45.10 -19.53 -6.19
CA MET G 162 -45.40 -18.72 -7.38
C MET G 162 -46.33 -17.59 -6.97
N ARG G 163 -45.82 -16.36 -7.06
CA ARG G 163 -46.65 -15.19 -6.87
C ARG G 163 -47.22 -14.65 -8.18
N SER G 164 -46.64 -15.04 -9.32
CA SER G 164 -47.12 -14.57 -10.61
C SER G 164 -48.52 -15.10 -10.90
N MET G 165 -48.66 -16.42 -10.95
CA MET G 165 -49.95 -17.07 -11.07
C MET G 165 -50.66 -17.21 -9.74
N ASP G 166 -50.00 -16.83 -8.65
CA ASP G 166 -50.55 -16.87 -7.30
C ASP G 166 -50.92 -18.31 -6.91
N PHE G 167 -49.91 -19.17 -6.86
CA PHE G 167 -50.10 -20.58 -6.52
C PHE G 167 -48.81 -21.12 -5.92
N LYS G 168 -48.82 -21.39 -4.61
CA LYS G 168 -47.64 -21.99 -3.97
C LYS G 168 -47.64 -23.49 -4.25
N SER G 169 -47.28 -23.82 -5.50
CA SER G 169 -47.41 -25.20 -5.97
C SER G 169 -46.53 -26.15 -5.17
N ASN G 170 -47.05 -27.35 -4.90
CA ASN G 170 -46.38 -28.36 -4.08
C ASN G 170 -46.42 -29.69 -4.85
N SER G 171 -45.53 -29.82 -5.84
CA SER G 171 -45.55 -30.93 -6.78
C SER G 171 -44.37 -31.86 -6.55
N ALA G 172 -44.54 -33.10 -7.00
CA ALA G 172 -43.50 -34.11 -6.98
C ALA G 172 -43.56 -34.90 -8.28
N VAL G 173 -42.43 -35.51 -8.64
CA VAL G 173 -42.29 -36.20 -9.92
C VAL G 173 -41.99 -37.67 -9.65
N ALA G 174 -42.39 -38.52 -10.59
CA ALA G 174 -42.18 -39.96 -10.47
C ALA G 174 -42.08 -40.57 -11.87
N TRP G 175 -41.31 -41.65 -11.96
CA TRP G 175 -41.11 -42.35 -13.23
C TRP G 175 -40.58 -43.74 -12.94
N SER G 176 -40.67 -44.62 -13.95
CA SER G 176 -40.14 -45.96 -13.83
C SER G 176 -39.78 -46.48 -15.23
N ASN G 177 -38.73 -47.31 -15.28
CA ASN G 177 -38.27 -47.86 -16.55
C ASN G 177 -39.28 -48.82 -17.16
N LYS G 178 -40.13 -49.44 -16.33
CA LYS G 178 -41.06 -50.44 -16.82
C LYS G 178 -42.08 -49.84 -17.77
N SER G 179 -42.41 -50.58 -18.83
CA SER G 179 -43.53 -50.18 -19.69
C SER G 179 -44.84 -50.27 -18.93
N ASP G 180 -44.96 -51.25 -18.03
CA ASP G 180 -46.17 -51.41 -17.23
C ASP G 180 -46.04 -50.56 -15.96
N PHE G 181 -46.11 -49.25 -16.17
CA PHE G 181 -45.97 -48.27 -15.11
C PHE G 181 -47.24 -47.42 -15.06
N ALA G 182 -48.20 -47.87 -14.24
CA ALA G 182 -49.39 -47.06 -13.97
C ALA G 182 -49.05 -45.98 -12.96
N CYS G 183 -49.52 -44.76 -13.23
CA CYS G 183 -49.34 -43.67 -12.26
C CYS G 183 -50.12 -43.93 -10.99
N ALA G 184 -51.18 -44.73 -11.06
CA ALA G 184 -51.97 -45.08 -9.88
C ALA G 184 -51.32 -46.17 -9.04
N ASN G 185 -50.25 -46.79 -9.53
CA ASN G 185 -49.63 -47.93 -8.88
C ASN G 185 -48.13 -47.66 -8.66
N ALA G 186 -47.82 -46.48 -8.14
CA ALA G 186 -46.43 -46.11 -7.85
C ALA G 186 -46.28 -45.66 -6.40
N ALA H 1 -18.44 -6.88 -2.52
CA ALA H 1 -17.88 -7.21 -1.22
C ALA H 1 -18.31 -8.60 -0.77
N GLY H 2 -17.60 -9.61 -1.25
CA GLY H 2 -17.95 -10.96 -0.93
C GLY H 2 -16.78 -11.90 -1.09
N VAL H 3 -17.08 -13.20 -1.02
CA VAL H 3 -16.08 -14.25 -1.16
C VAL H 3 -16.41 -15.06 -2.41
N THR H 4 -15.45 -15.16 -3.32
CA THR H 4 -15.60 -15.95 -4.54
C THR H 4 -14.70 -17.18 -4.47
N GLN H 5 -15.13 -18.24 -5.16
CA GLN H 5 -14.44 -19.52 -5.09
C GLN H 5 -14.64 -20.28 -6.39
N THR H 6 -13.56 -20.88 -6.89
CA THR H 6 -13.58 -21.68 -8.10
C THR H 6 -12.81 -22.98 -7.86
N PRO H 7 -13.21 -24.07 -8.53
CA PRO H 7 -14.36 -24.23 -9.44
C PRO H 7 -15.66 -24.39 -8.68
N LYS H 8 -16.77 -24.60 -9.39
CA LYS H 8 -18.03 -24.95 -8.75
C LYS H 8 -18.26 -26.46 -8.70
N PHE H 9 -17.58 -27.23 -9.55
CA PHE H 9 -17.69 -28.68 -9.56
C PHE H 9 -16.37 -29.26 -10.05
N GLN H 10 -16.11 -30.51 -9.69
CA GLN H 10 -14.92 -31.20 -10.18
C GLN H 10 -14.95 -32.71 -9.94
N VAL H 11 -14.72 -33.49 -10.99
CA VAL H 11 -14.39 -34.90 -10.87
C VAL H 11 -12.88 -35.04 -10.83
N LEU H 12 -12.38 -36.07 -10.14
CA LEU H 12 -10.96 -36.35 -10.07
C LEU H 12 -10.73 -37.84 -10.06
N LYS H 13 -9.89 -38.33 -10.97
CA LYS H 13 -9.42 -39.71 -10.88
C LYS H 13 -8.54 -39.86 -9.65
N THR H 14 -8.51 -41.07 -9.10
CA THR H 14 -7.68 -41.31 -7.93
C THR H 14 -6.23 -41.04 -8.29
N GLY H 15 -5.54 -40.27 -7.45
CA GLY H 15 -4.20 -39.81 -7.71
C GLY H 15 -4.07 -38.53 -8.51
N GLN H 16 -5.17 -37.99 -9.02
CA GLN H 16 -5.11 -36.71 -9.74
C GLN H 16 -4.87 -35.57 -8.75
N SER H 17 -4.13 -34.56 -9.21
CA SER H 17 -3.83 -33.39 -8.39
C SER H 17 -4.81 -32.26 -8.70
N MET H 18 -5.10 -31.44 -7.70
CA MET H 18 -6.09 -30.37 -7.86
C MET H 18 -5.80 -29.26 -6.84
N THR H 19 -6.16 -28.04 -7.22
CA THR H 19 -5.97 -26.86 -6.37
C THR H 19 -7.22 -26.00 -6.46
N LEU H 20 -8.03 -26.00 -5.40
CA LEU H 20 -9.18 -25.10 -5.32
C LEU H 20 -8.70 -23.68 -5.02
N GLN H 21 -9.44 -22.70 -5.52
CA GLN H 21 -9.06 -21.30 -5.45
C GLN H 21 -10.13 -20.49 -4.72
N CYS H 22 -9.70 -19.46 -4.00
CA CYS H 22 -10.60 -18.61 -3.24
C CYS H 22 -10.05 -17.20 -3.18
N ALA H 23 -10.96 -16.24 -3.01
CA ALA H 23 -10.57 -14.83 -2.90
C ALA H 23 -11.66 -14.07 -2.17
N GLN H 24 -11.24 -13.04 -1.43
CA GLN H 24 -12.16 -12.15 -0.73
C GLN H 24 -11.72 -10.70 -0.96
N ASP H 25 -12.70 -9.83 -1.14
CA ASP H 25 -12.46 -8.41 -1.36
C ASP H 25 -12.79 -7.55 -0.15
N MET H 26 -13.20 -8.16 0.96
CA MET H 26 -13.76 -7.46 2.10
C MET H 26 -12.69 -6.93 3.07
N ASN H 27 -11.41 -7.00 2.69
CA ASN H 27 -10.30 -6.51 3.49
C ASN H 27 -10.13 -7.27 4.80
N HIS H 28 -10.65 -8.48 4.87
CA HIS H 28 -10.49 -9.33 6.04
C HIS H 28 -9.09 -9.91 6.10
N ASN H 29 -8.61 -10.14 7.32
CA ASN H 29 -7.30 -10.76 7.52
C ASN H 29 -7.35 -12.29 7.59
N SER H 30 -8.46 -12.85 8.07
CA SER H 30 -8.57 -14.29 8.27
C SER H 30 -9.32 -14.94 7.11
N MET H 31 -8.87 -16.14 6.75
CA MET H 31 -9.53 -16.95 5.72
C MET H 31 -9.44 -18.41 6.11
N TYR H 32 -10.46 -19.18 5.72
CA TYR H 32 -10.61 -20.55 6.21
C TYR H 32 -11.05 -21.47 5.07
N TRP H 33 -10.66 -22.73 5.18
CA TRP H 33 -11.09 -23.78 4.26
C TRP H 33 -11.79 -24.88 5.05
N TYR H 34 -13.08 -25.09 4.76
CA TYR H 34 -13.88 -26.12 5.41
C TYR H 34 -14.22 -27.22 4.42
N ARG H 35 -14.55 -28.39 4.97
CA ARG H 35 -15.16 -29.46 4.19
C ARG H 35 -16.44 -29.92 4.89
N GLN H 36 -17.49 -30.15 4.10
CA GLN H 36 -18.80 -30.49 4.61
C GLN H 36 -19.17 -31.88 4.10
N ASP H 37 -19.21 -32.84 5.01
CA ASP H 37 -19.55 -34.22 4.66
C ASP H 37 -20.92 -34.57 5.22
N PRO H 38 -21.69 -35.42 4.55
CA PRO H 38 -23.01 -35.78 5.09
C PRO H 38 -22.85 -36.47 6.44
N GLY H 39 -23.76 -36.11 7.36
CA GLY H 39 -23.72 -36.63 8.71
C GLY H 39 -22.74 -35.92 9.64
N MET H 40 -22.00 -34.94 9.15
CA MET H 40 -21.07 -34.17 9.97
C MET H 40 -21.17 -32.70 9.56
N GLY H 41 -20.87 -31.83 10.51
CA GLY H 41 -20.90 -30.40 10.25
C GLY H 41 -19.66 -29.96 9.51
N LEU H 42 -19.44 -28.65 9.51
CA LEU H 42 -18.22 -28.12 8.91
C LEU H 42 -16.99 -28.59 9.69
N ARG H 43 -15.91 -28.85 8.96
CA ARG H 43 -14.66 -29.29 9.54
C ARG H 43 -13.53 -28.45 8.96
N LEU H 44 -12.82 -27.73 9.83
CA LEU H 44 -11.72 -26.90 9.38
C LEU H 44 -10.59 -27.77 8.81
N ILE H 45 -10.01 -27.31 7.70
CA ILE H 45 -8.91 -28.01 7.05
C ILE H 45 -7.62 -27.29 7.36
N TYR H 46 -7.52 -26.05 6.89
CA TYR H 46 -6.46 -25.13 7.24
C TYR H 46 -7.08 -23.74 7.31
N TYR H 47 -6.43 -22.85 8.05
CA TYR H 47 -6.85 -21.46 8.08
C TYR H 47 -5.62 -20.57 7.95
N SER H 48 -5.84 -19.26 7.96
CA SER H 48 -4.76 -18.29 7.80
C SER H 48 -5.11 -17.07 8.62
N ALA H 49 -4.42 -16.88 9.75
CA ALA H 49 -4.76 -15.78 10.65
C ALA H 49 -4.56 -14.41 9.98
N SER H 50 -3.58 -14.31 9.10
CA SER H 50 -3.27 -13.06 8.39
C SER H 50 -2.31 -13.38 7.26
N GLU H 51 -1.78 -12.34 6.62
CA GLU H 51 -0.88 -12.54 5.48
C GLU H 51 0.40 -13.22 5.91
N GLY H 52 0.86 -14.17 5.09
CA GLY H 52 2.12 -14.85 5.31
C GLY H 52 2.08 -15.98 6.33
N THR H 53 0.93 -16.25 6.92
CA THR H 53 0.80 -17.26 7.97
C THR H 53 -0.38 -18.16 7.67
N THR H 54 -0.17 -19.47 7.82
CA THR H 54 -1.23 -20.47 7.68
C THR H 54 -1.05 -21.50 8.79
N ASP H 55 -2.17 -22.01 9.29
CA ASP H 55 -2.17 -22.97 10.40
C ASP H 55 -3.21 -24.04 10.12
N LYS H 56 -3.21 -25.06 10.97
CA LYS H 56 -3.98 -26.28 10.73
C LYS H 56 -5.39 -26.20 11.31
N GLY H 57 -6.24 -27.13 10.84
CA GLY H 57 -7.58 -27.31 11.38
C GLY H 57 -7.85 -28.75 11.79
N GLU H 58 -9.13 -29.09 11.97
CA GLU H 58 -9.51 -30.40 12.47
C GLU H 58 -9.14 -31.52 11.50
N VAL H 59 -9.17 -31.26 10.20
CA VAL H 59 -8.90 -32.30 9.19
C VAL H 59 -7.85 -31.77 8.21
N PRO H 60 -6.57 -31.75 8.59
CA PRO H 60 -5.55 -31.19 7.70
C PRO H 60 -4.83 -32.19 6.81
N ASN H 61 -4.92 -33.48 7.12
CA ASN H 61 -4.12 -34.46 6.38
C ASN H 61 -4.66 -34.63 4.95
N GLY H 62 -3.73 -34.79 4.01
CA GLY H 62 -4.09 -34.86 2.61
C GLY H 62 -4.30 -33.53 1.92
N TYR H 63 -4.04 -32.41 2.60
CA TYR H 63 -4.27 -31.09 2.03
C TYR H 63 -3.10 -30.18 2.34
N ASN H 64 -3.01 -29.09 1.58
CA ASN H 64 -2.09 -28.00 1.84
C ASN H 64 -2.72 -26.71 1.35
N VAL H 65 -2.22 -25.58 1.85
CA VAL H 65 -2.78 -24.28 1.52
C VAL H 65 -1.65 -23.32 1.15
N SER H 66 -2.04 -22.12 0.72
CA SER H 66 -1.08 -21.06 0.40
C SER H 66 -1.83 -19.73 0.46
N ARG H 67 -1.43 -18.87 1.40
CA ARG H 67 -2.00 -17.53 1.53
C ARG H 67 -1.20 -16.58 0.66
N LEU H 68 -1.66 -16.38 -0.58
CA LEU H 68 -0.92 -15.56 -1.53
C LEU H 68 -0.92 -14.08 -1.11
N ASN H 69 -2.09 -13.49 -1.02
CA ASN H 69 -2.26 -12.09 -0.64
C ASN H 69 -3.16 -12.02 0.59
N LYS H 70 -3.49 -10.80 1.00
CA LYS H 70 -4.61 -10.63 1.91
C LYS H 70 -5.91 -11.09 1.24
N ARG H 71 -5.93 -11.10 -0.08
CA ARG H 71 -7.12 -11.40 -0.87
C ARG H 71 -7.32 -12.89 -1.15
N GLU H 72 -6.25 -13.68 -1.27
CA GLU H 72 -6.35 -15.01 -1.87
C GLU H 72 -5.80 -16.08 -0.95
N PHE H 73 -6.42 -17.27 -1.03
CA PHE H 73 -6.09 -18.39 -0.13
C PHE H 73 -6.53 -19.68 -0.84
N SER H 74 -5.57 -20.41 -1.40
CA SER H 74 -5.86 -21.61 -2.20
C SER H 74 -5.51 -22.87 -1.44
N LEU H 75 -6.23 -23.95 -1.76
CA LEU H 75 -6.12 -25.23 -1.06
C LEU H 75 -5.92 -26.35 -2.09
N ARG H 76 -4.81 -27.07 -1.98
CA ARG H 76 -4.41 -28.06 -2.99
C ARG H 76 -4.45 -29.47 -2.42
N LEU H 77 -5.01 -30.39 -3.20
CA LEU H 77 -4.93 -31.83 -2.93
C LEU H 77 -3.86 -32.40 -3.86
N GLU H 78 -2.69 -32.70 -3.32
CA GLU H 78 -1.58 -33.17 -4.14
C GLU H 78 -1.68 -34.66 -4.48
N SER H 79 -2.60 -35.40 -3.84
CA SER H 79 -2.92 -36.76 -4.26
C SER H 79 -4.37 -37.01 -3.86
N ALA H 80 -5.25 -37.15 -4.85
CA ALA H 80 -6.68 -37.27 -4.61
C ALA H 80 -7.05 -38.73 -4.36
N ALA H 81 -7.85 -38.95 -3.33
CA ALA H 81 -8.32 -40.26 -2.90
C ALA H 81 -9.82 -40.17 -2.64
N PRO H 82 -10.52 -41.30 -2.65
CA PRO H 82 -11.98 -41.26 -2.40
C PRO H 82 -12.35 -40.66 -1.06
N SER H 83 -11.48 -40.78 -0.05
CA SER H 83 -11.77 -40.18 1.25
C SER H 83 -11.96 -38.67 1.16
N GLN H 84 -11.38 -38.02 0.15
CA GLN H 84 -11.50 -36.58 -0.03
C GLN H 84 -12.73 -36.17 -0.85
N THR H 85 -13.58 -37.11 -1.23
CA THR H 85 -14.81 -36.79 -1.96
C THR H 85 -15.77 -36.06 -1.02
N SER H 86 -15.92 -34.74 -1.21
CA SER H 86 -16.71 -33.94 -0.29
C SER H 86 -17.03 -32.60 -0.96
N VAL H 87 -17.71 -31.74 -0.20
CA VAL H 87 -18.07 -30.39 -0.62
C VAL H 87 -17.19 -29.42 0.17
N TYR H 88 -16.28 -28.74 -0.52
CA TYR H 88 -15.33 -27.84 0.11
C TYR H 88 -15.84 -26.41 0.03
N PHE H 89 -15.80 -25.70 1.16
CA PHE H 89 -16.17 -24.29 1.24
C PHE H 89 -14.97 -23.47 1.65
N CYS H 90 -14.80 -22.31 1.02
CA CYS H 90 -13.91 -21.27 1.49
C CYS H 90 -14.71 -20.25 2.30
N ALA H 91 -14.03 -19.60 3.25
CA ALA H 91 -14.69 -18.63 4.10
C ALA H 91 -13.68 -17.56 4.50
N SER H 92 -14.21 -16.42 4.93
CA SER H 92 -13.39 -15.28 5.30
C SER H 92 -14.01 -14.56 6.50
N SER H 93 -13.15 -13.99 7.33
CA SER H 93 -13.57 -13.30 8.54
C SER H 93 -12.56 -12.20 8.83
N GLU H 94 -13.04 -11.13 9.49
CA GLU H 94 -12.18 -9.99 9.79
C GLU H 94 -10.93 -10.41 10.53
N THR H 95 -11.11 -11.15 11.62
CA THR H 95 -10.02 -11.78 12.36
C THR H 95 -10.61 -13.04 12.98
N GLY H 96 -9.92 -13.59 13.98
CA GLY H 96 -10.28 -14.88 14.53
C GLY H 96 -11.73 -15.09 14.93
N GLY H 97 -12.23 -14.30 15.87
CA GLY H 97 -13.53 -14.52 16.46
C GLY H 97 -14.72 -13.93 15.75
N TYR H 98 -14.51 -13.25 14.62
CA TYR H 98 -15.60 -12.59 13.92
C TYR H 98 -16.40 -13.58 13.08
N GLU H 99 -17.62 -13.18 12.74
CA GLU H 99 -18.48 -14.00 11.88
C GLU H 99 -17.81 -14.20 10.52
N GLN H 100 -17.94 -15.42 9.98
CA GLN H 100 -17.23 -15.82 8.78
C GLN H 100 -18.19 -15.86 7.60
N TYR H 101 -18.07 -14.89 6.69
CA TYR H 101 -18.79 -14.95 5.43
C TYR H 101 -18.22 -16.05 4.54
N PHE H 102 -19.10 -16.76 3.85
CA PHE H 102 -18.73 -17.99 3.15
C PHE H 102 -18.78 -17.82 1.63
N GLY H 103 -18.07 -18.71 0.95
CA GLY H 103 -18.07 -18.76 -0.50
C GLY H 103 -19.08 -19.75 -1.05
N PRO H 104 -19.31 -19.68 -2.36
CA PRO H 104 -20.31 -20.57 -2.99
C PRO H 104 -20.04 -22.05 -2.80
N GLY H 105 -18.78 -22.46 -2.77
CA GLY H 105 -18.43 -23.84 -2.47
C GLY H 105 -18.15 -24.66 -3.73
N THR H 106 -17.33 -25.70 -3.56
CA THR H 106 -16.90 -26.55 -4.66
C THR H 106 -17.30 -27.99 -4.38
N ARG H 107 -17.73 -28.68 -5.44
CA ARG H 107 -18.18 -30.07 -5.35
C ARG H 107 -17.09 -30.98 -5.92
N LEU H 108 -16.57 -31.87 -5.09
CA LEU H 108 -15.54 -32.82 -5.51
C LEU H 108 -16.05 -34.24 -5.37
N THR H 109 -15.93 -35.01 -6.45
CA THR H 109 -16.18 -36.45 -6.44
C THR H 109 -14.91 -37.12 -6.94
N VAL H 110 -14.01 -37.45 -6.00
CA VAL H 110 -12.77 -38.12 -6.34
C VAL H 110 -13.03 -39.62 -6.51
N THR H 111 -13.47 -40.01 -7.70
CA THR H 111 -13.76 -41.39 -8.06
C THR H 111 -12.94 -41.77 -9.29
N ASP H 112 -13.05 -43.02 -9.72
CA ASP H 112 -12.47 -43.39 -11.00
C ASP H 112 -13.23 -42.70 -12.13
N LEU H 113 -12.50 -42.28 -13.16
CA LEU H 113 -13.13 -41.56 -14.28
C LEU H 113 -14.12 -42.44 -15.03
N LYS H 114 -13.97 -43.76 -14.96
CA LYS H 114 -14.88 -44.64 -15.68
C LYS H 114 -16.31 -44.47 -15.22
N ASN H 115 -16.52 -44.02 -13.97
CA ASN H 115 -17.86 -43.87 -13.44
C ASN H 115 -18.57 -42.64 -13.99
N VAL H 116 -17.83 -41.69 -14.58
CA VAL H 116 -18.44 -40.45 -15.04
C VAL H 116 -19.46 -40.75 -16.12
N PHE H 117 -20.65 -40.15 -16.00
CA PHE H 117 -21.71 -40.28 -16.98
C PHE H 117 -22.44 -38.96 -17.13
N PRO H 118 -22.93 -38.67 -18.33
CA PRO H 118 -23.74 -37.46 -18.54
C PRO H 118 -25.22 -37.74 -18.36
N PRO H 119 -26.02 -36.72 -18.09
CA PRO H 119 -27.47 -36.93 -17.96
C PRO H 119 -28.13 -37.34 -19.26
N GLU H 120 -29.21 -38.10 -19.12
CA GLU H 120 -30.11 -38.42 -20.23
C GLU H 120 -31.38 -37.60 -20.03
N VAL H 121 -31.46 -36.46 -20.72
CA VAL H 121 -32.54 -35.51 -20.55
C VAL H 121 -33.72 -35.89 -21.44
N ALA H 122 -34.93 -35.69 -20.93
CA ALA H 122 -36.16 -35.96 -21.68
C ALA H 122 -37.28 -35.09 -21.12
N VAL H 123 -37.84 -34.23 -21.95
CA VAL H 123 -38.95 -33.36 -21.56
C VAL H 123 -40.26 -34.07 -21.85
N PHE H 124 -41.19 -33.99 -20.90
CA PHE H 124 -42.48 -34.65 -20.99
C PHE H 124 -43.58 -33.59 -21.07
N GLU H 125 -44.46 -33.72 -22.06
CA GLU H 125 -45.50 -32.73 -22.33
C GLU H 125 -46.64 -32.83 -21.32
N PRO H 126 -47.25 -31.70 -20.95
CA PRO H 126 -48.28 -31.69 -19.91
C PRO H 126 -49.53 -32.47 -20.30
N SER H 127 -50.18 -33.03 -19.27
CA SER H 127 -51.41 -33.78 -19.45
C SER H 127 -52.58 -32.89 -19.86
N GLU H 128 -53.51 -33.48 -20.62
CA GLU H 128 -54.74 -32.80 -20.99
C GLU H 128 -55.65 -32.58 -19.80
N ALA H 129 -55.56 -33.45 -18.77
CA ALA H 129 -56.49 -33.37 -17.65
C ALA H 129 -56.23 -32.14 -16.80
N GLU H 130 -54.97 -31.76 -16.60
CA GLU H 130 -54.66 -30.56 -15.83
C GLU H 130 -55.12 -29.30 -16.55
N ILE H 131 -55.21 -29.35 -17.88
CA ILE H 131 -55.48 -28.14 -18.66
C ILE H 131 -56.92 -27.68 -18.44
N SER H 132 -57.88 -28.60 -18.53
CA SER H 132 -59.28 -28.21 -18.52
C SER H 132 -59.82 -27.95 -17.12
N HIS H 133 -59.15 -28.41 -16.07
CA HIS H 133 -59.62 -28.17 -14.71
C HIS H 133 -58.90 -27.03 -14.00
N THR H 134 -57.63 -26.78 -14.32
CA THR H 134 -56.86 -25.76 -13.64
C THR H 134 -56.42 -24.60 -14.55
N GLN H 135 -56.63 -24.71 -15.86
CA GLN H 135 -56.25 -23.68 -16.83
C GLN H 135 -54.77 -23.29 -16.72
N LYS H 136 -53.93 -24.26 -16.35
CA LYS H 136 -52.48 -24.07 -16.29
C LYS H 136 -51.81 -25.36 -16.73
N ALA H 137 -50.90 -25.25 -17.70
CA ALA H 137 -50.13 -26.41 -18.17
C ALA H 137 -48.77 -26.42 -17.51
N THR H 138 -48.25 -27.61 -17.23
CA THR H 138 -46.99 -27.79 -16.51
C THR H 138 -46.15 -28.83 -17.23
N LEU H 139 -45.02 -28.40 -17.77
CA LEU H 139 -44.06 -29.30 -18.40
C LEU H 139 -43.05 -29.79 -17.36
N VAL H 140 -42.61 -31.03 -17.52
CA VAL H 140 -41.67 -31.66 -16.59
C VAL H 140 -40.45 -32.13 -17.36
N CYS H 141 -39.27 -31.85 -16.81
CA CYS H 141 -37.99 -32.28 -17.37
C CYS H 141 -37.42 -33.42 -16.53
N LEU H 142 -36.65 -34.30 -17.18
CA LEU H 142 -36.12 -35.49 -16.51
C LEU H 142 -34.68 -35.70 -16.96
N ALA H 143 -33.72 -35.36 -16.10
CA ALA H 143 -32.30 -35.53 -16.36
C ALA H 143 -31.82 -36.77 -15.62
N THR H 144 -31.92 -37.93 -16.28
CA THR H 144 -31.61 -39.22 -15.68
C THR H 144 -30.20 -39.68 -15.99
N GLY H 145 -29.67 -40.54 -15.11
CA GLY H 145 -28.51 -41.35 -15.43
C GLY H 145 -27.17 -40.68 -15.43
N PHE H 146 -26.95 -39.69 -14.56
CA PHE H 146 -25.66 -39.03 -14.43
C PHE H 146 -25.09 -39.29 -13.03
N TYR H 147 -23.86 -39.82 -12.99
CA TYR H 147 -23.23 -40.08 -11.69
C TYR H 147 -22.66 -38.82 -11.05
N PRO H 148 -21.74 -38.07 -11.72
CA PRO H 148 -21.11 -36.94 -11.03
C PRO H 148 -22.08 -35.78 -10.87
N ASP H 149 -22.81 -35.75 -9.76
CA ASP H 149 -24.00 -34.92 -9.66
C ASP H 149 -23.62 -33.45 -9.69
N HIS H 150 -23.09 -33.03 -10.84
CA HIS H 150 -22.64 -31.66 -11.10
C HIS H 150 -23.40 -31.20 -12.34
N VAL H 151 -24.61 -30.68 -12.12
CA VAL H 151 -25.48 -30.27 -13.22
C VAL H 151 -26.16 -28.96 -12.85
N GLU H 152 -26.33 -28.09 -13.85
CA GLU H 152 -26.99 -26.81 -13.70
C GLU H 152 -28.09 -26.74 -14.75
N LEU H 153 -29.26 -27.25 -14.38
CA LEU H 153 -30.41 -27.30 -15.28
C LEU H 153 -30.96 -25.90 -15.52
N SER H 154 -31.59 -25.72 -16.68
CA SER H 154 -32.22 -24.45 -17.03
C SER H 154 -33.40 -24.69 -17.97
N TRP H 155 -34.34 -23.77 -17.94
CA TRP H 155 -35.47 -23.76 -18.87
C TRP H 155 -35.35 -22.54 -19.79
N TRP H 156 -35.49 -22.76 -21.10
CA TRP H 156 -35.44 -21.69 -22.09
C TRP H 156 -36.74 -21.69 -22.87
N VAL H 157 -37.45 -20.57 -22.84
CA VAL H 157 -38.69 -20.40 -23.58
C VAL H 157 -38.43 -19.38 -24.68
N ASN H 158 -38.46 -19.84 -25.94
CA ASN H 158 -38.28 -18.99 -27.11
C ASN H 158 -36.95 -18.25 -27.08
N GLY H 159 -35.89 -18.98 -26.73
CA GLY H 159 -34.55 -18.43 -26.80
C GLY H 159 -34.17 -17.50 -25.69
N LYS H 160 -34.97 -17.43 -24.62
CA LYS H 160 -34.66 -16.58 -23.48
C LYS H 160 -34.92 -17.36 -22.20
N GLU H 161 -34.06 -17.18 -21.21
CA GLU H 161 -34.18 -17.91 -19.97
C GLU H 161 -35.40 -17.46 -19.19
N VAL H 162 -36.08 -18.40 -18.56
CA VAL H 162 -37.26 -18.12 -17.74
C VAL H 162 -36.92 -18.49 -16.29
N HIS H 163 -37.03 -17.50 -15.40
CA HIS H 163 -36.81 -17.69 -13.98
C HIS H 163 -38.10 -17.50 -13.20
N SER H 164 -39.23 -17.82 -13.82
CA SER H 164 -40.54 -17.67 -13.22
C SER H 164 -41.42 -18.82 -13.67
N GLY H 165 -42.21 -19.36 -12.74
CA GLY H 165 -42.96 -20.57 -13.03
C GLY H 165 -42.13 -21.82 -13.04
N VAL H 166 -40.89 -21.77 -12.54
CA VAL H 166 -39.94 -22.87 -12.61
C VAL H 166 -39.68 -23.40 -11.21
N CYS H 167 -39.47 -24.71 -11.11
CA CYS H 167 -39.03 -25.33 -9.86
C CYS H 167 -38.21 -26.57 -10.21
N THR H 168 -36.90 -26.42 -10.20
CA THR H 168 -36.01 -27.57 -10.24
C THR H 168 -36.01 -28.27 -8.89
N ASP H 169 -35.71 -29.57 -8.90
CA ASP H 169 -35.56 -30.30 -7.65
C ASP H 169 -34.40 -29.69 -6.85
N PRO H 170 -34.61 -29.35 -5.57
CA PRO H 170 -33.52 -28.75 -4.79
C PRO H 170 -32.29 -29.63 -4.70
N GLN H 171 -32.48 -30.96 -4.66
CA GLN H 171 -31.37 -31.89 -4.57
C GLN H 171 -31.59 -33.04 -5.55
N PRO H 172 -30.55 -33.48 -6.26
CA PRO H 172 -30.68 -34.65 -7.13
C PRO H 172 -31.02 -35.90 -6.33
N LEU H 173 -31.83 -36.76 -6.94
CA LEU H 173 -32.17 -38.04 -6.35
C LEU H 173 -31.05 -39.05 -6.55
N LYS H 174 -30.95 -39.99 -5.62
CA LYS H 174 -30.13 -41.17 -5.79
C LYS H 174 -30.99 -42.28 -6.42
N GLU H 175 -30.58 -42.75 -7.60
CA GLU H 175 -31.39 -43.79 -8.26
C GLU H 175 -31.42 -45.07 -7.45
N GLN H 176 -30.35 -45.38 -6.75
CA GLN H 176 -30.35 -46.39 -5.70
C GLN H 176 -30.00 -45.70 -4.39
N PRO H 177 -30.93 -45.59 -3.44
CA PRO H 177 -30.58 -44.97 -2.16
C PRO H 177 -29.47 -45.70 -1.45
N ALA H 178 -29.36 -47.01 -1.68
CA ALA H 178 -28.40 -47.87 -1.01
C ALA H 178 -26.99 -47.71 -1.55
N LEU H 179 -26.82 -47.76 -2.87
CA LEU H 179 -25.50 -47.89 -3.48
C LEU H 179 -24.72 -46.57 -3.41
N ASN H 180 -23.39 -46.70 -3.32
CA ASN H 180 -22.50 -45.55 -3.27
C ASN H 180 -22.15 -45.02 -4.66
N ASP H 181 -21.81 -45.90 -5.59
CA ASP H 181 -21.53 -45.52 -6.97
C ASP H 181 -22.78 -45.59 -7.83
N SER H 182 -23.86 -44.99 -7.33
CA SER H 182 -25.16 -45.01 -7.99
C SER H 182 -25.34 -43.80 -8.90
N ARG H 183 -26.13 -43.99 -9.94
CA ARG H 183 -26.52 -42.89 -10.83
C ARG H 183 -27.52 -41.99 -10.13
N TYR H 184 -27.59 -40.74 -10.58
CA TYR H 184 -28.48 -39.74 -10.01
C TYR H 184 -29.49 -39.28 -11.07
N ALA H 185 -30.53 -38.61 -10.58
CA ALA H 185 -31.59 -38.08 -11.44
C ALA H 185 -32.03 -36.73 -10.92
N LEU H 186 -32.57 -35.91 -11.82
CA LEU H 186 -33.02 -34.56 -11.49
C LEU H 186 -34.30 -34.28 -12.26
N SER H 187 -35.16 -33.45 -11.67
CA SER H 187 -36.44 -33.12 -12.28
C SER H 187 -36.70 -31.62 -12.13
N SER H 188 -37.53 -31.10 -13.01
CA SER H 188 -37.88 -29.68 -13.02
C SER H 188 -39.23 -29.53 -13.68
N ARG H 189 -39.90 -28.42 -13.36
CA ARG H 189 -41.24 -28.16 -13.84
C ARG H 189 -41.35 -26.70 -14.27
N LEU H 190 -42.23 -26.44 -15.23
CA LEU H 190 -42.45 -25.09 -15.73
C LEU H 190 -43.95 -24.88 -15.90
N ARG H 191 -44.52 -23.91 -15.19
CA ARG H 191 -45.93 -23.58 -15.31
C ARG H 191 -46.08 -22.31 -16.15
N VAL H 192 -46.69 -22.46 -17.32
CA VAL H 192 -47.29 -21.35 -18.04
C VAL H 192 -48.79 -21.49 -17.93
N SER H 193 -49.51 -20.42 -18.23
CA SER H 193 -50.95 -20.53 -18.36
C SER H 193 -51.29 -21.40 -19.57
N ALA H 194 -52.44 -22.06 -19.51
CA ALA H 194 -52.76 -23.11 -20.48
C ALA H 194 -52.80 -22.58 -21.90
N THR H 195 -53.15 -21.30 -22.09
CA THR H 195 -53.18 -20.75 -23.44
C THR H 195 -51.79 -20.66 -24.05
N PHE H 196 -50.76 -20.42 -23.24
CA PHE H 196 -49.39 -20.37 -23.74
C PHE H 196 -48.90 -21.74 -24.21
N TRP H 197 -49.45 -22.81 -23.63
CA TRP H 197 -48.99 -24.14 -23.99
C TRP H 197 -49.49 -24.55 -25.38
N GLN H 198 -50.77 -24.30 -25.65
CA GLN H 198 -51.35 -24.72 -26.92
C GLN H 198 -50.97 -23.80 -28.07
N ASN H 199 -50.40 -22.64 -27.79
CA ASN H 199 -49.91 -21.77 -28.86
C ASN H 199 -48.73 -22.45 -29.56
N PRO H 200 -48.78 -22.62 -30.88
CA PRO H 200 -47.79 -23.47 -31.54
C PRO H 200 -46.43 -22.83 -31.78
N ARG H 201 -46.33 -21.51 -31.82
CA ARG H 201 -45.06 -20.84 -32.07
C ARG H 201 -44.25 -20.61 -30.80
N ASN H 202 -44.73 -21.11 -29.66
CA ASN H 202 -43.94 -21.08 -28.44
C ASN H 202 -43.09 -22.34 -28.33
N HIS H 203 -41.85 -22.15 -27.88
CA HIS H 203 -40.80 -23.17 -27.98
C HIS H 203 -40.14 -23.31 -26.62
N PHE H 204 -40.33 -24.47 -25.97
CA PHE H 204 -39.76 -24.75 -24.67
C PHE H 204 -38.59 -25.72 -24.81
N ARG H 205 -37.52 -25.46 -24.05
CA ARG H 205 -36.39 -26.38 -23.99
C ARG H 205 -35.82 -26.40 -22.59
N CYS H 206 -35.60 -27.59 -22.05
CA CYS H 206 -34.94 -27.78 -20.77
C CYS H 206 -33.47 -28.09 -21.01
N GLN H 207 -32.58 -27.34 -20.37
CA GLN H 207 -31.15 -27.40 -20.64
C GLN H 207 -30.41 -27.80 -19.37
N VAL H 208 -29.86 -29.00 -19.37
CA VAL H 208 -29.09 -29.52 -18.24
C VAL H 208 -27.62 -29.42 -18.62
N GLN H 209 -26.95 -28.37 -18.14
CA GLN H 209 -25.50 -28.29 -18.26
C GLN H 209 -24.86 -29.31 -17.34
N PHE H 210 -24.04 -30.19 -17.90
CA PHE H 210 -23.36 -31.23 -17.14
C PHE H 210 -21.88 -30.88 -16.99
N TYR H 211 -21.37 -31.02 -15.78
CA TYR H 211 -19.95 -30.80 -15.49
C TYR H 211 -19.31 -32.16 -15.24
N GLY H 212 -18.47 -32.56 -16.17
CA GLY H 212 -17.83 -33.87 -16.13
C GLY H 212 -16.36 -33.77 -16.43
N LEU H 213 -15.86 -34.74 -17.19
CA LEU H 213 -14.43 -34.81 -17.49
C LEU H 213 -13.97 -33.61 -18.29
N SER H 214 -12.78 -33.11 -17.95
CA SER H 214 -12.12 -32.13 -18.78
C SER H 214 -11.57 -32.81 -20.04
N GLU H 215 -11.38 -32.01 -21.09
CA GLU H 215 -10.99 -32.55 -22.39
C GLU H 215 -9.64 -33.28 -22.32
N ASN H 216 -8.79 -32.91 -21.36
CA ASN H 216 -7.45 -33.46 -21.28
C ASN H 216 -7.40 -34.85 -20.64
N ASP H 217 -8.50 -35.32 -20.06
CA ASP H 217 -8.51 -36.63 -19.44
C ASP H 217 -8.45 -37.74 -20.48
N GLU H 218 -7.89 -38.88 -20.07
CA GLU H 218 -7.72 -40.02 -20.97
C GLU H 218 -8.97 -40.89 -20.90
N TRP H 219 -9.77 -40.87 -21.96
CA TRP H 219 -10.93 -41.73 -22.07
C TRP H 219 -10.51 -43.02 -22.76
N THR H 220 -10.29 -44.06 -21.96
CA THR H 220 -9.81 -45.35 -22.44
C THR H 220 -10.93 -46.24 -22.95
N GLN H 221 -12.19 -45.81 -22.86
CA GLN H 221 -13.35 -46.65 -23.04
C GLN H 221 -13.87 -46.63 -24.49
N ASP H 222 -14.74 -47.60 -24.77
CA ASP H 222 -15.45 -47.66 -26.05
C ASP H 222 -16.41 -46.48 -26.21
N ARG H 223 -16.89 -45.92 -25.10
CA ARG H 223 -17.83 -44.81 -25.12
C ARG H 223 -17.12 -43.50 -25.49
N ALA H 224 -17.90 -42.51 -25.90
CA ALA H 224 -17.42 -41.15 -26.00
C ALA H 224 -17.15 -40.57 -24.62
N LYS H 225 -16.16 -39.67 -24.54
CA LYS H 225 -15.73 -39.13 -23.26
C LYS H 225 -16.79 -38.18 -22.70
N PRO H 226 -17.24 -38.37 -21.46
CA PRO H 226 -18.21 -37.43 -20.86
C PRO H 226 -17.59 -36.09 -20.50
N VAL H 227 -17.35 -35.27 -21.51
CA VAL H 227 -16.84 -33.91 -21.35
C VAL H 227 -17.95 -33.04 -20.81
N THR H 228 -17.65 -31.77 -20.49
CA THR H 228 -18.61 -30.88 -19.83
C THR H 228 -19.73 -30.59 -20.82
N GLN H 229 -20.61 -31.57 -20.96
CA GLN H 229 -21.70 -31.68 -21.91
C GLN H 229 -22.89 -30.81 -21.50
N ILE H 230 -23.67 -30.40 -22.50
CA ILE H 230 -24.96 -29.75 -22.28
C ILE H 230 -25.99 -30.58 -23.02
N VAL H 231 -26.60 -31.54 -22.34
CA VAL H 231 -27.72 -32.28 -22.90
C VAL H 231 -28.99 -31.47 -22.68
N SER H 232 -29.84 -31.38 -23.70
CA SER H 232 -31.08 -30.63 -23.61
C SER H 232 -32.17 -31.36 -24.37
N ALA H 233 -33.40 -31.22 -23.89
CA ALA H 233 -34.58 -31.80 -24.51
C ALA H 233 -35.65 -30.73 -24.60
N GLU H 234 -36.61 -30.93 -25.49
CA GLU H 234 -37.53 -29.86 -25.83
C GLU H 234 -38.83 -30.43 -26.39
N ALA H 235 -39.79 -29.52 -26.56
CA ALA H 235 -41.07 -29.82 -27.19
C ALA H 235 -41.66 -28.52 -27.70
N TRP H 236 -42.65 -28.64 -28.57
CA TRP H 236 -43.39 -27.51 -29.09
C TRP H 236 -44.85 -27.58 -28.63
N GLY H 237 -45.55 -26.46 -28.75
CA GLY H 237 -46.92 -26.39 -28.31
C GLY H 237 -47.90 -27.18 -29.17
N ARG H 238 -48.50 -28.22 -28.58
CA ARG H 238 -49.50 -29.02 -29.28
C ARG H 238 -50.91 -28.58 -28.88
N GLU I 1 24.49 25.47 -18.59
CA GLU I 1 24.37 26.44 -19.67
C GLU I 1 24.66 25.83 -21.04
N VAL I 2 23.86 26.19 -22.03
CA VAL I 2 24.15 25.89 -23.43
C VAL I 2 24.09 27.20 -24.21
N GLU I 3 24.90 27.28 -25.26
CA GLU I 3 24.88 28.42 -26.16
C GLU I 3 25.05 27.94 -27.59
N GLN I 4 24.36 28.62 -28.52
CA GLN I 4 24.33 28.25 -29.93
C GLN I 4 24.60 29.47 -30.82
N ASP I 5 24.42 29.32 -32.12
CA ASP I 5 24.76 30.39 -33.06
C ASP I 5 23.95 31.63 -32.78
N PRO I 6 24.59 32.79 -32.58
CA PRO I 6 23.81 34.02 -32.36
C PRO I 6 22.84 34.38 -33.47
N GLY I 7 23.20 34.10 -34.72
CA GLY I 7 22.33 34.39 -35.85
C GLY I 7 22.07 35.87 -36.00
N PRO I 8 20.92 36.25 -36.59
CA PRO I 8 19.95 35.42 -37.30
C PRO I 8 20.49 34.91 -38.64
N PHE I 9 20.00 33.77 -39.13
CA PHE I 9 20.44 33.22 -40.41
C PHE I 9 19.44 33.62 -41.49
N ASN I 10 19.80 34.62 -42.30
CA ASN I 10 19.05 34.99 -43.49
C ASN I 10 19.70 34.30 -44.69
N VAL I 11 19.04 33.27 -45.20
CA VAL I 11 19.57 32.53 -46.35
C VAL I 11 18.49 32.51 -47.42
N PRO I 12 18.85 32.37 -48.69
CA PRO I 12 17.83 32.24 -49.73
C PRO I 12 17.10 30.91 -49.61
N GLU I 13 16.24 30.59 -50.57
CA GLU I 13 15.71 29.24 -50.60
C GLU I 13 16.81 28.23 -50.90
N GLY I 14 18.03 28.69 -51.18
CA GLY I 14 19.18 27.81 -51.25
C GLY I 14 19.39 26.99 -49.99
N ALA I 15 19.77 25.73 -50.19
CA ALA I 15 19.67 24.69 -49.17
C ALA I 15 20.80 24.79 -48.15
N THR I 16 20.84 23.78 -47.26
CA THR I 16 21.99 23.46 -46.42
C THR I 16 22.37 24.62 -45.49
N VAL I 17 21.44 24.92 -44.58
CA VAL I 17 21.80 25.67 -43.38
C VAL I 17 22.49 24.73 -42.39
N ALA I 18 23.41 25.28 -41.61
CA ALA I 18 24.15 24.52 -40.61
C ALA I 18 24.05 25.22 -39.26
N PHE I 19 23.70 24.46 -38.23
CA PHE I 19 23.51 24.99 -36.89
C PHE I 19 24.56 24.42 -35.94
N ASN I 20 24.99 25.24 -34.98
CA ASN I 20 25.94 24.83 -33.96
C ASN I 20 25.34 25.05 -32.59
N CYS I 21 25.68 24.18 -31.65
CA CYS I 21 25.25 24.32 -30.26
C CYS I 21 26.28 23.65 -29.37
N THR I 22 26.53 24.25 -28.20
CA THR I 22 27.49 23.73 -27.24
C THR I 22 26.88 23.79 -25.86
N TYR I 23 27.17 22.79 -25.03
CA TYR I 23 26.66 22.71 -23.67
C TYR I 23 27.83 22.67 -22.68
N SER I 24 27.76 23.54 -21.67
CA SER I 24 28.85 23.62 -20.70
C SER I 24 28.92 22.39 -19.82
N ASN I 25 27.77 21.88 -19.38
CA ASN I 25 27.75 20.73 -18.48
C ASN I 25 28.31 19.51 -19.19
N SER I 26 29.37 18.93 -18.62
CA SER I 26 30.06 17.81 -19.22
C SER I 26 29.38 16.47 -18.98
N ALA I 27 28.32 16.44 -18.17
CA ALA I 27 27.66 15.20 -17.80
C ALA I 27 26.27 15.05 -18.40
N SER I 28 25.92 15.87 -19.39
CA SER I 28 24.56 15.86 -19.91
C SER I 28 24.20 14.52 -20.52
N GLN I 29 22.97 14.07 -20.25
CA GLN I 29 22.56 12.70 -20.57
C GLN I 29 21.73 12.58 -21.85
N SER I 30 20.99 13.61 -22.24
CA SER I 30 20.17 13.55 -23.43
C SER I 30 20.15 14.92 -24.11
N PHE I 31 19.90 14.91 -25.42
CA PHE I 31 20.05 16.11 -26.23
C PHE I 31 18.97 16.12 -27.31
N PHE I 32 18.44 17.31 -27.61
CA PHE I 32 17.40 17.47 -28.59
C PHE I 32 17.57 18.80 -29.31
N TRP I 33 17.04 18.87 -30.53
CA TRP I 33 16.81 20.13 -31.22
C TRP I 33 15.32 20.45 -31.19
N TYR I 34 15.00 21.71 -30.96
CA TYR I 34 13.63 22.20 -30.95
C TYR I 34 13.49 23.31 -31.98
N ARG I 35 12.27 23.45 -32.51
CA ARG I 35 11.93 24.48 -33.47
C ARG I 35 10.73 25.25 -32.96
N GLN I 36 10.73 26.56 -33.20
CA GLN I 36 9.69 27.44 -32.66
C GLN I 36 9.37 28.51 -33.69
N ASP I 37 8.18 28.44 -34.29
CA ASP I 37 7.73 29.48 -35.20
C ASP I 37 7.48 30.77 -34.42
N CYS I 38 7.61 31.90 -35.11
CA CYS I 38 7.46 33.19 -34.46
C CYS I 38 6.08 33.31 -33.83
N ARG I 39 6.05 33.81 -32.60
CA ARG I 39 4.81 33.94 -31.81
C ARG I 39 4.07 32.62 -31.69
N LYS I 40 4.82 31.53 -31.48
CA LYS I 40 4.23 30.21 -31.29
C LYS I 40 5.05 29.51 -30.20
N GLU I 41 4.89 28.19 -30.11
CA GLU I 41 5.45 27.44 -29.00
C GLU I 41 6.54 26.49 -29.48
N PRO I 42 7.48 26.13 -28.60
CA PRO I 42 8.52 25.17 -28.98
C PRO I 42 7.93 23.83 -29.34
N LYS I 43 8.54 23.18 -30.33
CA LYS I 43 8.08 21.89 -30.82
C LYS I 43 9.29 21.01 -31.09
N LEU I 44 9.21 19.75 -30.69
CA LEU I 44 10.32 18.84 -30.87
C LEU I 44 10.62 18.65 -32.35
N LEU I 45 11.90 18.72 -32.71
CA LEU I 45 12.34 18.51 -34.08
C LEU I 45 12.93 17.11 -34.27
N MET I 46 13.96 16.77 -33.49
CA MET I 46 14.61 15.48 -33.59
C MET I 46 15.49 15.29 -32.36
N SER I 47 15.86 14.04 -32.12
CA SER I 47 16.72 13.68 -31.00
C SER I 47 18.13 13.42 -31.50
N VAL I 48 19.09 14.16 -30.96
CA VAL I 48 20.49 13.96 -31.30
C VAL I 48 21.03 12.79 -30.50
N TYR I 49 21.66 11.83 -31.19
CA TYR I 49 22.00 10.55 -30.57
C TYR I 49 23.48 10.23 -30.54
N SER I 50 24.32 11.01 -31.23
CA SER I 50 25.77 10.81 -31.30
C SER I 50 26.11 9.59 -32.15
N SER I 51 25.11 8.80 -32.50
CA SER I 51 25.18 7.89 -33.63
C SER I 51 24.70 8.54 -34.90
N GLY I 52 24.20 9.77 -34.80
CA GLY I 52 23.62 10.48 -35.91
C GLY I 52 22.14 10.19 -36.01
N ASN I 53 21.36 11.21 -36.34
CA ASN I 53 19.93 11.05 -36.61
C ASN I 53 19.61 11.82 -37.87
N GLU I 54 19.17 11.11 -38.90
CA GLU I 54 18.76 11.72 -40.16
C GLU I 54 17.24 11.60 -40.29
N ASP I 55 16.60 12.73 -40.54
CA ASP I 55 15.15 12.80 -40.75
C ASP I 55 14.94 13.51 -42.08
N GLY I 56 15.17 12.80 -43.17
CA GLY I 56 15.01 13.40 -44.47
C GLY I 56 16.01 14.53 -44.66
N ARG I 57 15.48 15.73 -44.91
CA ARG I 57 16.33 16.88 -45.13
C ARG I 57 17.09 17.27 -43.85
N PHE I 58 16.55 16.95 -42.68
CA PHE I 58 17.16 17.33 -41.41
C PHE I 58 18.11 16.24 -40.91
N THR I 59 19.26 16.66 -40.40
CA THR I 59 20.27 15.75 -39.88
C THR I 59 20.96 16.41 -38.69
N ALA I 60 21.33 15.59 -37.72
CA ALA I 60 21.98 16.09 -36.51
C ALA I 60 22.84 14.99 -35.90
N GLN I 61 23.94 15.41 -35.26
CA GLN I 61 24.78 14.48 -34.53
C GLN I 61 25.52 15.26 -33.45
N LEU I 62 26.03 14.52 -32.47
CA LEU I 62 26.51 15.08 -31.21
C LEU I 62 27.98 14.76 -31.00
N ASN I 63 28.73 15.75 -30.51
CA ASN I 63 30.13 15.59 -30.18
C ASN I 63 30.24 15.46 -28.66
N ARG I 64 30.39 14.23 -28.18
CA ARG I 64 30.39 14.00 -26.73
C ARG I 64 31.59 14.67 -26.07
N ALA I 65 32.79 14.38 -26.57
CA ALA I 65 34.00 14.89 -25.92
C ALA I 65 34.14 16.40 -26.10
N SER I 66 33.82 16.91 -27.28
CA SER I 66 33.89 18.34 -27.52
C SER I 66 32.68 19.10 -27.00
N GLN I 67 31.63 18.38 -26.62
CA GLN I 67 30.38 18.97 -26.12
C GLN I 67 29.84 20.02 -27.12
N TYR I 68 29.53 19.52 -28.32
CA TYR I 68 29.07 20.34 -29.43
C TYR I 68 27.96 19.60 -30.15
N ILE I 69 26.93 20.35 -30.54
CA ILE I 69 25.76 19.80 -31.22
C ILE I 69 25.59 20.54 -32.55
N SER I 70 25.12 19.80 -33.56
CA SER I 70 24.94 20.37 -34.89
C SER I 70 23.60 19.92 -35.47
N LEU I 71 22.95 20.83 -36.17
CA LEU I 71 21.76 20.52 -36.96
C LEU I 71 22.03 20.91 -38.41
N LEU I 72 21.55 20.08 -39.34
CA LEU I 72 21.83 20.26 -40.76
C LEU I 72 20.54 20.10 -41.55
N ILE I 73 19.99 21.22 -42.02
CA ILE I 73 18.77 21.23 -42.82
C ILE I 73 19.16 21.28 -44.29
N ARG I 74 19.01 20.16 -44.98
CA ARG I 74 19.09 20.15 -46.44
C ARG I 74 17.79 20.71 -47.04
N ASP I 75 17.90 21.22 -48.26
CA ASP I 75 16.76 21.68 -49.04
C ASP I 75 15.88 22.65 -48.24
N SER I 76 16.47 23.81 -47.93
CA SER I 76 15.77 24.82 -47.14
C SER I 76 14.48 25.23 -47.83
N LYS I 77 13.36 24.99 -47.16
CA LYS I 77 12.06 25.47 -47.60
C LYS I 77 11.67 26.70 -46.79
N LEU I 78 10.79 27.52 -47.37
CA LEU I 78 10.29 28.68 -46.66
C LEU I 78 9.47 28.29 -45.44
N SER I 79 8.95 27.06 -45.40
CA SER I 79 8.33 26.50 -44.20
C SER I 79 9.35 25.98 -43.19
N ASP I 80 10.63 26.33 -43.36
CA ASP I 80 11.65 26.09 -42.35
C ASP I 80 12.01 27.33 -41.56
N SER I 81 11.52 28.50 -41.96
CA SER I 81 11.84 29.74 -41.25
C SER I 81 11.22 29.71 -39.87
N ALA I 82 12.08 29.83 -38.84
CA ALA I 82 11.66 29.77 -37.45
C ALA I 82 12.90 30.01 -36.59
N THR I 83 12.69 30.10 -35.28
CA THR I 83 13.77 30.09 -34.31
C THR I 83 14.03 28.66 -33.87
N TYR I 84 15.31 28.29 -33.82
CA TYR I 84 15.71 26.90 -33.59
C TYR I 84 16.41 26.77 -32.25
N LEU I 85 15.80 26.03 -31.33
CA LEU I 85 16.28 25.91 -29.97
C LEU I 85 17.14 24.66 -29.79
N CYS I 86 18.20 24.79 -29.00
CA CYS I 86 19.00 23.66 -28.56
C CYS I 86 18.58 23.29 -27.14
N VAL I 87 18.28 22.00 -26.94
CA VAL I 87 17.77 21.51 -25.66
C VAL I 87 18.71 20.43 -25.14
N VAL I 88 19.02 20.50 -23.85
CA VAL I 88 20.00 19.60 -23.23
C VAL I 88 19.41 19.09 -21.92
N ASN I 89 19.49 17.77 -21.71
CA ASN I 89 18.98 17.11 -20.52
C ASN I 89 20.12 16.92 -19.53
N ALA I 90 20.11 17.68 -18.44
CA ALA I 90 21.14 17.59 -17.43
C ALA I 90 20.50 17.46 -16.05
N HIS I 91 21.10 16.60 -15.23
CA HIS I 91 20.66 16.45 -13.83
C HIS I 91 20.89 17.75 -13.08
N SER I 92 19.89 18.17 -12.31
CA SER I 92 20.02 19.35 -11.46
C SER I 92 20.77 18.95 -10.19
N GLY I 93 20.88 19.86 -9.22
CA GLY I 93 21.61 19.52 -8.00
C GLY I 93 20.93 18.41 -7.22
N ALA I 94 19.62 18.54 -7.00
CA ALA I 94 18.81 17.49 -6.41
C ALA I 94 18.45 16.48 -7.48
N GLY I 95 17.44 15.64 -7.23
CA GLY I 95 16.92 14.78 -8.27
C GLY I 95 16.27 15.56 -9.39
N SER I 96 15.32 14.95 -10.11
CA SER I 96 14.56 15.67 -11.13
C SER I 96 15.43 16.19 -12.28
N TYR I 97 15.86 15.29 -13.17
CA TYR I 97 16.56 15.72 -14.38
C TYR I 97 15.71 16.74 -15.14
N GLN I 98 16.37 17.76 -15.69
CA GLN I 98 15.69 18.88 -16.31
C GLN I 98 16.24 19.13 -17.71
N LEU I 99 15.55 19.98 -18.45
CA LEU I 99 15.96 20.39 -19.79
C LEU I 99 16.36 21.86 -19.77
N THR I 100 17.60 22.14 -20.15
CA THR I 100 18.06 23.51 -20.34
C THR I 100 17.85 23.91 -21.79
N PHE I 101 17.15 25.03 -22.01
CA PHE I 101 16.76 25.46 -23.35
C PHE I 101 17.69 26.55 -23.85
N GLY I 102 18.21 26.39 -25.07
CA GLY I 102 19.08 27.38 -25.65
C GLY I 102 18.34 28.62 -26.13
N LYS I 103 19.09 29.70 -26.32
CA LYS I 103 18.51 30.97 -26.74
C LYS I 103 17.98 30.93 -28.17
N GLY I 104 18.50 30.04 -29.02
CA GLY I 104 17.94 29.86 -30.34
C GLY I 104 18.57 30.69 -31.43
N THR I 105 18.65 30.12 -32.64
CA THR I 105 19.15 30.81 -33.82
C THR I 105 17.99 31.05 -34.77
N LYS I 106 17.73 32.32 -35.09
CA LYS I 106 16.63 32.67 -35.96
C LYS I 106 17.01 32.38 -37.41
N LEU I 107 16.27 31.49 -38.05
CA LEU I 107 16.46 31.17 -39.46
C LEU I 107 15.40 31.85 -40.29
N SER I 108 15.81 32.42 -41.42
CA SER I 108 14.90 33.15 -42.31
C SER I 108 15.22 32.78 -43.74
N VAL I 109 14.45 31.84 -44.30
CA VAL I 109 14.57 31.43 -45.69
C VAL I 109 13.73 32.37 -46.54
N ILE I 110 14.27 32.80 -47.67
CA ILE I 110 13.56 33.69 -48.58
C ILE I 110 13.65 33.14 -50.00
N PRO I 111 12.63 33.35 -50.84
CA PRO I 111 12.59 32.68 -52.15
C PRO I 111 13.73 33.10 -53.07
N ILE I 112 14.16 32.17 -53.91
CA ILE I 112 15.27 32.42 -54.83
C ILE I 112 14.77 32.98 -56.16
N GLN I 113 13.98 32.19 -56.88
CA GLN I 113 13.56 32.52 -58.25
C GLN I 113 12.12 33.03 -58.23
N ASN I 114 11.98 34.34 -58.04
CA ASN I 114 10.71 35.03 -58.04
C ASN I 114 10.86 36.34 -58.79
N PRO I 115 9.77 36.92 -59.31
CA PRO I 115 9.86 38.17 -60.06
C PRO I 115 10.64 39.28 -59.35
N ASP I 116 11.01 40.31 -60.12
CA ASP I 116 11.93 41.33 -59.67
C ASP I 116 11.24 42.28 -58.67
N PRO I 117 12.03 42.98 -57.85
CA PRO I 117 11.45 43.85 -56.83
C PRO I 117 10.59 44.97 -57.42
N ALA I 118 9.52 45.29 -56.70
CA ALA I 118 8.53 46.27 -57.15
C ALA I 118 7.98 47.00 -55.94
N VAL I 119 7.22 48.06 -56.20
CA VAL I 119 6.63 48.85 -55.13
C VAL I 119 5.34 49.48 -55.63
N TYR I 120 4.33 49.53 -54.77
CA TYR I 120 3.04 50.12 -55.08
C TYR I 120 2.58 50.98 -53.90
N GLN I 121 2.01 52.15 -54.20
CA GLN I 121 1.64 53.13 -53.19
C GLN I 121 0.13 53.14 -52.97
N LEU I 122 -0.31 52.70 -51.79
CA LEU I 122 -1.71 52.65 -51.43
C LEU I 122 -2.03 53.80 -50.48
N ARG I 123 -3.22 54.38 -50.63
CA ARG I 123 -3.60 55.55 -49.83
C ARG I 123 -5.02 55.37 -49.30
N ASP I 124 -5.25 55.92 -48.10
CA ASP I 124 -6.61 55.99 -47.54
C ASP I 124 -6.63 56.89 -46.32
N SER I 127 -10.71 59.04 -48.26
CA SER I 127 -9.82 60.15 -47.89
C SER I 127 -8.40 59.67 -48.14
N SER I 128 -7.43 60.58 -48.02
CA SER I 128 -6.05 60.27 -48.31
C SER I 128 -5.12 60.88 -47.27
N ASP I 129 -5.41 60.69 -45.98
CA ASP I 129 -4.61 61.34 -44.94
C ASP I 129 -3.27 60.64 -44.74
N LYS I 130 -3.24 59.32 -44.83
CA LYS I 130 -2.02 58.53 -44.70
C LYS I 130 -1.78 57.76 -46.00
N SER I 131 -0.67 57.02 -46.05
CA SER I 131 -0.35 56.22 -47.23
C SER I 131 0.47 55.01 -46.79
N VAL I 132 0.46 53.99 -47.65
CA VAL I 132 1.03 52.69 -47.33
C VAL I 132 1.64 52.10 -48.59
N CYS I 133 2.82 51.48 -48.46
CA CYS I 133 3.59 50.97 -49.58
C CYS I 133 3.72 49.45 -49.51
N LEU I 134 3.93 48.82 -50.66
CA LEU I 134 4.05 47.37 -50.79
C LEU I 134 5.33 47.04 -51.55
N PHE I 135 5.89 45.84 -51.32
CA PHE I 135 7.21 45.49 -51.93
C PHE I 135 7.22 44.09 -52.51
N THR I 136 6.70 43.91 -53.72
CA THR I 136 6.61 42.57 -54.34
C THR I 136 7.99 41.99 -54.53
N ASP I 137 8.20 40.76 -54.06
CA ASP I 137 9.48 40.04 -54.27
C ASP I 137 10.67 41.01 -54.30
N PHE I 138 10.98 41.66 -53.17
CA PHE I 138 12.15 42.56 -53.10
C PHE I 138 13.33 41.82 -52.48
N GLN I 141 17.57 39.08 -50.17
CA GLN I 141 18.70 39.12 -49.21
C GLN I 141 18.87 40.56 -48.69
N THR I 142 18.70 41.55 -49.57
CA THR I 142 18.82 42.96 -49.17
C THR I 142 17.79 43.23 -48.08
N ASN I 143 18.21 43.86 -46.99
CA ASN I 143 17.27 44.08 -45.85
C ASN I 143 16.99 45.58 -45.68
N VAL I 144 15.78 45.92 -45.20
CA VAL I 144 15.41 47.35 -45.01
C VAL I 144 14.87 47.52 -43.59
N SER I 150 12.80 59.39 -38.52
CA SER I 150 12.09 58.11 -38.44
C SER I 150 10.57 58.30 -38.43
N ASP I 151 10.08 59.26 -39.22
CA ASP I 151 8.66 59.29 -39.51
C ASP I 151 8.24 58.06 -40.30
N VAL I 152 9.18 57.47 -41.05
CA VAL I 152 8.92 56.23 -41.76
C VAL I 152 8.75 55.08 -40.78
N TYR I 153 7.80 54.21 -41.06
CA TYR I 153 7.67 52.92 -40.41
C TYR I 153 8.02 51.81 -41.40
N ILE I 154 8.58 50.71 -40.89
CA ILE I 154 9.03 49.61 -41.75
C ILE I 154 8.75 48.30 -41.04
N THR I 155 8.02 47.40 -41.71
CA THR I 155 7.77 46.05 -41.22
C THR I 155 8.76 45.07 -41.86
N ASP I 156 8.61 43.80 -41.51
CA ASP I 156 9.38 42.73 -42.13
C ASP I 156 8.65 42.15 -43.33
N LYS I 157 9.40 41.39 -44.13
CA LYS I 157 8.82 40.72 -45.29
C LYS I 157 7.84 39.64 -44.85
N CYS I 158 6.81 39.43 -45.67
CA CYS I 158 5.83 38.37 -45.45
C CYS I 158 6.13 37.23 -46.42
N VAL I 159 6.60 36.11 -45.88
CA VAL I 159 7.07 34.98 -46.69
C VAL I 159 6.22 33.77 -46.33
N LEU I 160 5.44 33.28 -47.30
CA LEU I 160 4.46 32.24 -46.98
C LEU I 160 4.43 31.04 -47.95
N ASP I 161 4.84 31.22 -49.21
CA ASP I 161 4.77 30.15 -50.21
C ASP I 161 3.32 29.70 -50.44
N MET I 162 2.55 30.60 -51.03
CA MET I 162 1.18 30.28 -51.44
C MET I 162 1.22 29.29 -52.59
N ARG I 163 0.85 28.03 -52.32
CA ARG I 163 0.95 26.97 -53.32
C ARG I 163 -0.27 26.94 -54.24
N SER I 164 -1.47 27.16 -53.69
CA SER I 164 -2.70 26.93 -54.45
C SER I 164 -2.83 27.86 -55.64
N MET I 165 -2.35 29.10 -55.50
CA MET I 165 -2.41 30.09 -56.58
C MET I 165 -1.06 30.30 -57.24
N ASP I 166 -0.04 29.53 -56.84
CA ASP I 166 1.27 29.50 -57.51
C ASP I 166 1.95 30.87 -57.48
N PHE I 167 2.26 31.34 -56.27
CA PHE I 167 3.14 32.49 -56.09
C PHE I 167 3.66 32.48 -54.67
N LYS I 168 4.98 32.37 -54.51
CA LYS I 168 5.58 32.45 -53.19
C LYS I 168 5.62 33.92 -52.77
N SER I 169 4.71 34.31 -51.88
CA SER I 169 4.63 35.71 -51.45
C SER I 169 5.89 36.12 -50.69
N ASN I 170 6.40 37.30 -51.01
CA ASN I 170 7.53 37.92 -50.30
C ASN I 170 7.31 39.43 -50.40
N SER I 171 6.56 39.96 -49.43
CA SER I 171 6.15 41.36 -49.48
C SER I 171 6.26 41.96 -48.09
N ALA I 172 6.54 43.26 -48.05
CA ALA I 172 6.61 44.04 -46.82
C ALA I 172 5.68 45.24 -46.96
N VAL I 173 5.54 46.01 -45.90
CA VAL I 173 4.61 47.14 -45.88
C VAL I 173 5.21 48.25 -45.03
N ALA I 174 4.81 49.48 -45.32
CA ALA I 174 5.40 50.64 -44.68
C ALA I 174 4.41 51.80 -44.76
N TRP I 175 4.57 52.75 -43.84
CA TRP I 175 3.68 53.90 -43.76
C TRP I 175 4.38 55.02 -42.99
N SER I 176 3.68 56.14 -42.83
CA SER I 176 4.17 57.26 -42.05
C SER I 176 2.99 58.10 -41.57
N ASN I 177 3.19 58.79 -40.46
CA ASN I 177 2.16 59.69 -39.94
C ASN I 177 2.21 61.09 -40.55
N LYS I 178 3.32 61.49 -41.15
CA LYS I 178 3.43 62.81 -41.76
C LYS I 178 2.66 62.86 -43.07
N SER I 179 2.09 64.03 -43.37
CA SER I 179 1.17 64.15 -44.49
C SER I 179 1.87 63.95 -45.84
N ASP I 180 3.12 64.38 -45.97
CA ASP I 180 3.82 64.30 -47.25
C ASP I 180 4.60 62.99 -47.31
N PHE I 181 3.88 61.92 -47.63
CA PHE I 181 4.47 60.59 -47.70
C PHE I 181 4.26 60.00 -49.10
N ALA I 182 5.31 60.06 -49.92
CA ALA I 182 5.40 59.28 -51.14
C ALA I 182 6.40 58.15 -50.91
N CYS I 183 6.12 56.98 -51.49
CA CYS I 183 6.97 55.83 -51.26
C CYS I 183 8.38 56.03 -51.83
N ALA I 184 8.54 56.92 -52.81
CA ALA I 184 9.85 57.16 -53.41
C ALA I 184 10.81 57.85 -52.46
N ASN I 185 10.32 58.51 -51.41
CA ASN I 185 11.15 59.31 -50.52
C ASN I 185 11.08 58.80 -49.08
N ALA I 186 10.95 57.48 -48.90
CA ALA I 186 11.06 56.86 -47.59
C ALA I 186 12.21 55.87 -47.49
N PHE I 187 12.98 55.68 -48.56
CA PHE I 187 14.00 54.63 -48.59
C PHE I 187 15.28 55.13 -49.25
N ALA J 1 -4.80 15.54 -29.19
CA ALA J 1 -4.54 15.20 -27.80
C ALA J 1 -3.15 15.68 -27.38
N GLY J 2 -2.98 17.00 -27.28
CA GLY J 2 -1.72 17.60 -26.89
C GLY J 2 -1.75 18.22 -25.51
N VAL J 3 -1.05 19.34 -25.36
CA VAL J 3 -1.03 20.10 -24.10
C VAL J 3 -1.78 21.41 -24.34
N THR J 4 -2.85 21.62 -23.57
CA THR J 4 -3.70 22.80 -23.70
C THR J 4 -3.45 23.76 -22.56
N GLN J 5 -3.70 25.05 -22.82
CA GLN J 5 -3.41 26.09 -21.85
C GLN J 5 -4.28 27.30 -22.13
N THR J 6 -4.83 27.89 -21.08
CA THR J 6 -5.71 29.06 -21.16
C THR J 6 -5.31 30.08 -20.10
N PRO J 7 -5.58 31.37 -20.32
CA PRO J 7 -6.15 32.00 -21.52
C PRO J 7 -5.13 32.19 -22.63
N LYS J 8 -5.56 32.64 -23.82
CA LYS J 8 -4.61 32.95 -24.89
C LYS J 8 -3.98 34.32 -24.71
N PHE J 9 -4.72 35.29 -24.17
CA PHE J 9 -4.21 36.64 -23.94
C PHE J 9 -4.81 37.18 -22.66
N GLN J 10 -4.10 38.12 -22.02
CA GLN J 10 -4.55 38.63 -20.74
C GLN J 10 -3.91 39.98 -20.46
N VAL J 11 -4.74 41.00 -20.24
CA VAL J 11 -4.29 42.25 -19.65
C VAL J 11 -4.46 42.15 -18.13
N LEU J 12 -3.66 42.92 -17.41
CA LEU J 12 -3.76 42.94 -15.95
C LEU J 12 -3.38 44.30 -15.41
N LYS J 13 -4.24 44.86 -14.56
CA LYS J 13 -3.82 46.00 -13.74
C LYS J 13 -2.76 45.52 -12.77
N THR J 14 -1.72 46.34 -12.59
CA THR J 14 -0.61 45.93 -11.75
C THR J 14 -1.07 45.74 -10.31
N GLY J 15 -0.64 44.65 -9.69
CA GLY J 15 -1.08 44.27 -8.36
C GLY J 15 -2.30 43.37 -8.33
N GLN J 16 -2.98 43.17 -9.46
CA GLN J 16 -4.09 42.25 -9.53
C GLN J 16 -3.60 40.80 -9.57
N SER J 17 -4.41 39.90 -9.05
CA SER J 17 -4.09 38.47 -9.02
C SER J 17 -4.61 37.76 -10.26
N MET J 18 -3.90 36.71 -10.66
CA MET J 18 -4.21 35.97 -11.88
C MET J 18 -3.68 34.55 -11.77
N THR J 19 -4.40 33.62 -12.42
CA THR J 19 -4.03 32.22 -12.44
C THR J 19 -4.09 31.71 -13.88
N LEU J 20 -2.99 31.18 -14.38
CA LEU J 20 -2.95 30.55 -15.70
C LEU J 20 -3.29 29.07 -15.56
N GLN J 21 -4.20 28.60 -16.40
CA GLN J 21 -4.62 27.20 -16.40
C GLN J 21 -3.85 26.41 -17.45
N CYS J 22 -3.61 25.14 -17.15
CA CYS J 22 -2.91 24.26 -18.07
C CYS J 22 -3.43 22.84 -17.90
N ALA J 23 -3.28 22.05 -18.95
CA ALA J 23 -3.75 20.67 -18.93
C ALA J 23 -2.96 19.84 -19.92
N GLN J 24 -2.76 18.58 -19.56
CA GLN J 24 -2.16 17.58 -20.45
C GLN J 24 -2.96 16.30 -20.33
N ASP J 25 -3.30 15.69 -21.46
CA ASP J 25 -4.07 14.47 -21.51
C ASP J 25 -3.22 13.25 -21.85
N MET J 26 -1.91 13.43 -21.97
CA MET J 26 -1.01 12.39 -22.47
C MET J 26 -0.54 11.44 -21.38
N ASN J 27 -1.18 11.46 -20.21
CA ASN J 27 -0.80 10.63 -19.07
C ASN J 27 0.62 10.94 -18.60
N HIS J 28 1.08 12.16 -18.84
CA HIS J 28 2.41 12.57 -18.39
C HIS J 28 2.41 12.78 -16.88
N ASN J 29 3.54 12.46 -16.25
CA ASN J 29 3.66 12.63 -14.81
C ASN J 29 4.32 13.96 -14.44
N SER J 30 5.20 14.48 -15.28
CA SER J 30 5.89 15.73 -15.02
C SER J 30 5.29 16.87 -15.83
N MET J 31 5.28 18.06 -15.24
CA MET J 31 4.76 19.26 -15.88
C MET J 31 5.59 20.45 -15.45
N TYR J 32 5.71 21.44 -16.34
CA TYR J 32 6.63 22.56 -16.16
C TYR J 32 5.95 23.86 -16.56
N TRP J 33 6.43 24.96 -15.99
CA TRP J 33 5.96 26.31 -16.32
C TRP J 33 7.17 27.18 -16.60
N TYR J 34 7.32 27.60 -17.85
CA TYR J 34 8.36 28.53 -18.27
C TYR J 34 7.76 29.90 -18.54
N ARG J 35 8.62 30.91 -18.53
CA ARG J 35 8.31 32.22 -19.09
C ARG J 35 9.36 32.57 -20.14
N GLN J 36 8.90 33.07 -21.28
CA GLN J 36 9.78 33.41 -22.39
C GLN J 36 9.90 34.93 -22.46
N ASP J 37 11.13 35.43 -22.37
CA ASP J 37 11.39 36.85 -22.45
C ASP J 37 12.43 37.12 -23.53
N PRO J 38 12.32 38.26 -24.22
CA PRO J 38 13.28 38.55 -25.30
C PRO J 38 14.69 38.63 -24.74
N GLY J 39 15.63 38.06 -25.49
CA GLY J 39 17.02 38.03 -25.08
C GLY J 39 17.36 36.89 -24.13
N MET J 40 16.37 36.25 -23.53
CA MET J 40 16.56 35.08 -22.69
C MET J 40 16.14 33.83 -23.44
N GLY J 41 16.58 32.68 -22.93
CA GLY J 41 16.06 31.41 -23.36
C GLY J 41 14.74 31.16 -22.65
N LEU J 42 14.42 29.89 -22.43
CA LEU J 42 13.32 29.58 -21.53
C LEU J 42 13.84 29.50 -20.10
N ARG J 43 13.00 29.94 -19.17
CA ARG J 43 13.36 29.98 -17.75
C ARG J 43 12.25 29.31 -16.94
N LEU J 44 12.58 28.15 -16.37
CA LEU J 44 11.60 27.41 -15.57
C LEU J 44 11.21 28.22 -14.33
N ILE J 45 9.92 28.26 -14.05
CA ILE J 45 9.40 28.98 -12.89
C ILE J 45 9.18 27.97 -11.77
N TYR J 46 8.34 26.98 -12.02
CA TYR J 46 8.18 25.83 -11.17
C TYR J 46 8.00 24.61 -12.05
N TYR J 47 8.37 23.45 -11.54
CA TYR J 47 8.08 22.18 -12.19
C TYR J 47 7.35 21.28 -11.20
N SER J 48 6.91 20.12 -11.69
CA SER J 48 6.06 19.23 -10.89
C SER J 48 6.40 17.79 -11.29
N ALA J 49 7.12 17.08 -10.42
CA ALA J 49 7.58 15.74 -10.76
C ALA J 49 6.41 14.77 -10.93
N SER J 50 5.35 14.93 -10.17
CA SER J 50 4.20 14.05 -10.22
C SER J 50 3.06 14.70 -9.44
N GLU J 51 2.01 13.94 -9.16
CA GLU J 51 0.86 14.46 -8.43
C GLU J 51 1.27 14.94 -7.05
N GLY J 52 0.71 16.08 -6.64
CA GLY J 52 0.88 16.56 -5.29
C GLY J 52 2.16 17.31 -5.03
N THR J 53 3.23 16.95 -5.75
CA THR J 53 4.54 17.56 -5.55
C THR J 53 4.75 18.69 -6.54
N THR J 54 5.31 19.79 -6.03
CA THR J 54 5.79 20.89 -6.86
C THR J 54 7.10 21.39 -6.29
N ASP J 55 8.07 21.64 -7.17
CA ASP J 55 9.35 22.24 -6.80
C ASP J 55 9.58 23.47 -7.66
N LYS J 56 10.56 24.28 -7.27
CA LYS J 56 10.81 25.57 -7.88
C LYS J 56 11.89 25.50 -8.96
N GLY J 57 11.92 26.54 -9.79
CA GLY J 57 12.88 26.67 -10.87
C GLY J 57 13.73 27.92 -10.77
N GLU J 58 14.19 28.42 -11.93
CA GLU J 58 15.13 29.55 -11.96
C GLU J 58 14.53 30.81 -11.36
N VAL J 59 13.28 31.12 -11.71
CA VAL J 59 12.69 32.40 -11.31
C VAL J 59 11.33 32.12 -10.68
N PRO J 60 11.29 31.65 -9.43
CA PRO J 60 10.00 31.43 -8.76
C PRO J 60 9.49 32.62 -7.96
N ASN J 61 10.28 33.68 -7.81
CA ASN J 61 9.83 34.86 -7.09
C ASN J 61 8.66 35.51 -7.82
N GLY J 62 7.63 35.88 -7.06
CA GLY J 62 6.45 36.49 -7.61
C GLY J 62 5.44 35.54 -8.18
N TYR J 63 5.70 34.23 -8.14
CA TYR J 63 4.83 33.22 -8.70
C TYR J 63 4.60 32.12 -7.68
N ASN J 64 3.53 31.37 -7.87
CA ASN J 64 3.34 30.13 -7.15
C ASN J 64 2.43 29.24 -7.96
N VAL J 65 2.68 27.94 -7.89
CA VAL J 65 1.93 26.96 -8.65
C VAL J 65 1.13 26.08 -7.69
N SER J 66 0.24 25.26 -8.26
CA SER J 66 -0.50 24.29 -7.48
C SER J 66 -0.85 23.13 -8.40
N ARG J 67 -0.04 22.07 -8.37
CA ARG J 67 -0.34 20.87 -9.15
C ARG J 67 -1.55 20.20 -8.52
N LEU J 68 -2.66 20.14 -9.26
CA LEU J 68 -3.92 19.69 -8.71
C LEU J 68 -4.15 18.21 -8.97
N ASN J 69 -4.07 17.81 -10.23
CA ASN J 69 -4.22 16.43 -10.65
C ASN J 69 -3.02 16.06 -11.50
N LYS J 70 -3.00 14.81 -11.99
CA LYS J 70 -1.98 14.43 -12.96
C LYS J 70 -2.16 15.18 -14.27
N ARG J 71 -3.34 15.74 -14.52
CA ARG J 71 -3.67 16.38 -15.78
C ARG J 71 -3.64 17.90 -15.73
N GLU J 72 -3.43 18.53 -14.58
CA GLU J 72 -3.56 19.98 -14.50
C GLU J 72 -2.50 20.59 -13.59
N PHE J 73 -2.10 21.81 -13.92
CA PHE J 73 -0.97 22.48 -13.28
C PHE J 73 -1.17 23.98 -13.48
N SER J 74 -1.50 24.70 -12.40
CA SER J 74 -1.91 26.09 -12.49
C SER J 74 -0.84 27.00 -11.92
N LEU J 75 -0.34 27.92 -12.75
CA LEU J 75 0.55 28.99 -12.31
C LEU J 75 -0.27 30.21 -11.90
N ARG J 76 0.15 30.87 -10.82
CA ARG J 76 -0.62 31.96 -10.24
C ARG J 76 0.27 33.15 -9.94
N LEU J 77 -0.30 34.35 -10.09
CA LEU J 77 0.34 35.61 -9.72
C LEU J 77 -0.42 36.21 -8.56
N GLU J 78 0.24 36.33 -7.40
CA GLU J 78 -0.41 36.94 -6.25
C GLU J 78 -0.58 38.44 -6.45
N SER J 79 0.45 39.12 -6.94
CA SER J 79 0.42 40.55 -7.19
C SER J 79 1.23 40.82 -8.45
N ALA J 80 0.53 40.95 -9.58
CA ALA J 80 1.19 41.09 -10.87
C ALA J 80 1.96 42.40 -10.94
N ALA J 81 3.10 42.35 -11.62
CA ALA J 81 4.01 43.48 -11.75
C ALA J 81 4.45 43.64 -13.20
N PRO J 82 4.87 44.85 -13.59
CA PRO J 82 5.43 45.02 -14.95
C PRO J 82 6.61 44.13 -15.23
N SER J 83 7.39 43.80 -14.21
CA SER J 83 8.47 42.83 -14.37
C SER J 83 7.96 41.48 -14.86
N GLN J 84 6.70 41.15 -14.60
CA GLN J 84 6.11 39.88 -15.00
C GLN J 84 5.41 39.95 -16.35
N THR J 85 5.48 41.07 -17.07
CA THR J 85 4.97 41.12 -18.44
C THR J 85 5.83 40.20 -19.31
N SER J 86 5.26 39.05 -19.69
CA SER J 86 6.03 38.01 -20.35
C SER J 86 5.06 37.07 -21.07
N VAL J 87 5.61 35.99 -21.62
CA VAL J 87 4.83 34.96 -22.30
C VAL J 87 5.12 33.63 -21.61
N TYR J 88 4.11 33.05 -20.97
CA TYR J 88 4.26 31.83 -20.19
C TYR J 88 3.85 30.63 -21.02
N PHE J 89 4.69 29.59 -21.01
CA PHE J 89 4.40 28.33 -21.66
C PHE J 89 4.28 27.23 -20.62
N CYS J 90 3.25 26.39 -20.77
CA CYS J 90 3.13 25.16 -20.00
C CYS J 90 3.72 24.01 -20.80
N ALA J 91 4.23 23.01 -20.09
CA ALA J 91 4.86 21.88 -20.75
C ALA J 91 4.69 20.64 -19.88
N SER J 92 4.92 19.47 -20.48
CA SER J 92 4.82 18.22 -19.75
C SER J 92 5.85 17.24 -20.29
N SER J 93 6.52 16.54 -19.38
CA SER J 93 7.41 15.44 -19.71
C SER J 93 6.77 14.13 -19.26
N GLU J 94 7.12 13.05 -19.94
CA GLU J 94 6.57 11.75 -19.57
C GLU J 94 6.99 11.35 -18.16
N THR J 95 8.23 11.64 -17.78
CA THR J 95 8.70 11.38 -16.43
C THR J 95 9.54 12.48 -15.81
N GLY J 96 10.16 13.36 -16.60
CA GLY J 96 11.19 14.23 -16.09
C GLY J 96 12.53 13.88 -16.70
N GLY J 97 13.08 14.78 -17.51
CA GLY J 97 14.22 14.49 -18.34
C GLY J 97 13.89 13.95 -19.72
N TYR J 98 12.62 13.70 -20.00
CA TYR J 98 12.16 13.33 -21.32
C TYR J 98 11.83 14.57 -22.14
N GLU J 99 11.58 14.37 -23.44
CA GLU J 99 11.17 15.47 -24.30
C GLU J 99 9.88 16.08 -23.77
N GLN J 100 9.83 17.41 -23.75
CA GLN J 100 8.73 18.13 -23.12
C GLN J 100 7.85 18.76 -24.20
N TYR J 101 6.63 18.23 -24.34
CA TYR J 101 5.63 18.83 -25.22
C TYR J 101 5.05 20.08 -24.59
N PHE J 102 4.70 21.05 -25.43
CA PHE J 102 4.33 22.39 -25.00
C PHE J 102 2.87 22.70 -25.34
N GLY J 103 2.35 23.75 -24.70
CA GLY J 103 1.06 24.30 -25.05
C GLY J 103 1.20 25.59 -25.84
N PRO J 104 0.07 26.13 -26.31
CA PRO J 104 0.14 27.38 -27.11
C PRO J 104 0.77 28.55 -26.37
N GLY J 105 0.59 28.63 -25.05
CA GLY J 105 1.23 29.68 -24.27
C GLY J 105 0.35 30.90 -24.07
N THR J 106 0.45 31.51 -22.88
CA THR J 106 -0.32 32.70 -22.56
C THR J 106 0.57 33.94 -22.74
N ARG J 107 0.04 34.94 -23.44
CA ARG J 107 0.75 36.19 -23.66
C ARG J 107 0.21 37.21 -22.66
N LEU J 108 0.95 37.42 -21.58
CA LEU J 108 0.52 38.30 -20.50
C LEU J 108 1.22 39.64 -20.59
N THR J 109 0.46 40.72 -20.41
CA THR J 109 0.99 42.07 -20.31
C THR J 109 0.46 42.68 -19.02
N VAL J 110 1.32 42.77 -18.02
CA VAL J 110 0.97 43.42 -16.75
C VAL J 110 1.49 44.85 -16.81
N THR J 111 0.57 45.80 -16.84
CA THR J 111 0.89 47.20 -17.01
C THR J 111 -0.25 48.02 -16.44
N ASP J 112 -0.11 49.34 -16.50
CA ASP J 112 -1.22 50.21 -16.16
C ASP J 112 -2.33 50.03 -17.19
N LEU J 113 -3.57 49.99 -16.71
CA LEU J 113 -4.71 49.85 -17.61
C LEU J 113 -4.96 51.11 -18.42
N LYS J 114 -4.38 52.24 -18.00
CA LYS J 114 -4.42 53.44 -18.83
C LYS J 114 -3.67 53.23 -20.14
N ASN J 115 -2.71 52.31 -20.15
CA ASN J 115 -1.91 52.03 -21.34
C ASN J 115 -2.64 51.14 -22.35
N VAL J 116 -3.76 50.53 -21.97
CA VAL J 116 -4.53 49.73 -22.91
C VAL J 116 -5.11 50.61 -24.00
N PHE J 117 -5.00 50.17 -25.26
CA PHE J 117 -5.55 50.88 -26.39
C PHE J 117 -6.14 49.89 -27.39
N PRO J 118 -7.17 50.31 -28.13
CA PRO J 118 -7.77 49.42 -29.14
C PRO J 118 -7.18 49.68 -30.53
N PRO J 119 -7.08 48.64 -31.36
CA PRO J 119 -6.59 48.83 -32.73
C PRO J 119 -7.52 49.70 -33.57
N GLU J 120 -6.91 50.43 -34.51
CA GLU J 120 -7.63 51.19 -35.53
C GLU J 120 -7.40 50.52 -36.88
N VAL J 121 -8.45 49.92 -37.44
CA VAL J 121 -8.34 49.19 -38.69
C VAL J 121 -8.61 50.13 -39.86
N ALA J 122 -7.69 50.17 -40.81
CA ALA J 122 -7.84 50.91 -42.06
C ALA J 122 -7.35 50.04 -43.19
N VAL J 123 -8.17 49.87 -44.22
CA VAL J 123 -7.89 48.99 -45.34
C VAL J 123 -7.37 49.81 -46.52
N PHE J 124 -6.37 49.27 -47.21
CA PHE J 124 -5.77 49.91 -48.37
C PHE J 124 -5.94 49.00 -49.58
N GLU J 125 -6.80 49.41 -50.51
CA GLU J 125 -7.04 48.72 -51.76
C GLU J 125 -5.86 48.92 -52.72
N PRO J 126 -5.69 48.02 -53.70
CA PRO J 126 -4.42 47.98 -54.45
C PRO J 126 -4.15 49.28 -55.19
N SER J 127 -2.86 49.60 -55.29
CA SER J 127 -2.38 50.94 -55.64
C SER J 127 -2.68 51.37 -57.08
N GLU J 128 -2.05 50.69 -58.04
CA GLU J 128 -2.20 51.04 -59.45
C GLU J 128 -3.07 50.04 -60.19
N ALA J 129 -3.61 49.02 -59.49
CA ALA J 129 -4.34 47.92 -60.11
C ALA J 129 -3.44 47.22 -61.14
N GLU J 130 -2.44 46.54 -60.59
CA GLU J 130 -1.44 45.83 -61.38
C GLU J 130 -2.05 44.58 -62.00
N ILE J 131 -3.38 44.54 -62.02
CA ILE J 131 -4.17 43.54 -62.74
C ILE J 131 -3.58 43.30 -64.11
N SER J 132 -3.44 44.35 -64.91
CA SER J 132 -2.80 44.18 -66.20
C SER J 132 -1.33 43.81 -66.06
N HIS J 133 -0.65 44.32 -65.02
CA HIS J 133 0.75 43.97 -64.81
C HIS J 133 0.91 42.54 -64.32
N THR J 134 0.03 42.09 -63.42
CA THR J 134 0.25 40.85 -62.68
C THR J 134 -0.91 39.87 -62.70
N GLN J 135 -2.10 40.27 -63.17
CA GLN J 135 -3.30 39.44 -63.14
C GLN J 135 -3.69 38.99 -61.74
N LYS J 136 -3.28 39.73 -60.71
CA LYS J 136 -3.58 39.38 -59.33
C LYS J 136 -3.78 40.64 -58.51
N ALA J 137 -4.92 40.75 -57.84
CA ALA J 137 -5.15 41.83 -56.89
C ALA J 137 -4.63 41.45 -55.51
N THR J 138 -4.22 42.45 -54.75
CA THR J 138 -3.63 42.24 -53.43
C THR J 138 -4.14 43.33 -52.49
N LEU J 139 -5.03 42.96 -51.57
CA LEU J 139 -5.46 43.89 -50.53
C LEU J 139 -4.41 44.01 -49.45
N VAL J 140 -4.30 45.21 -48.88
CA VAL J 140 -3.43 45.47 -47.74
C VAL J 140 -4.29 46.03 -46.61
N CYS J 141 -4.06 45.52 -45.41
CA CYS J 141 -4.75 45.99 -44.22
C CYS J 141 -3.73 46.46 -43.19
N LEU J 142 -4.08 47.53 -42.48
CA LEU J 142 -3.20 48.10 -41.46
C LEU J 142 -4.02 48.39 -40.21
N ALA J 143 -3.51 47.96 -39.06
CA ALA J 143 -4.17 48.17 -37.78
C ALA J 143 -3.12 48.76 -36.82
N THR J 144 -3.10 50.08 -36.73
CA THR J 144 -2.11 50.80 -35.94
C THR J 144 -2.66 51.19 -34.57
N GLY J 145 -1.74 51.38 -33.63
CA GLY J 145 -2.06 51.97 -32.34
C GLY J 145 -2.86 51.13 -31.39
N PHE J 146 -2.36 49.95 -31.04
CA PHE J 146 -3.00 49.08 -30.06
C PHE J 146 -1.98 48.53 -29.09
N TYR J 147 -2.39 48.39 -27.83
CA TYR J 147 -1.55 47.88 -26.76
C TYR J 147 -2.51 47.22 -25.78
N PRO J 148 -2.27 45.98 -25.35
CA PRO J 148 -1.08 45.14 -25.58
C PRO J 148 -1.01 44.56 -27.00
N ASP J 149 0.03 43.77 -27.26
CA ASP J 149 0.23 43.18 -28.58
C ASP J 149 -0.61 41.93 -28.76
N HIS J 150 -1.91 42.03 -28.48
CA HIS J 150 -2.82 40.90 -28.54
C HIS J 150 -3.88 41.19 -29.60
N VAL J 151 -3.68 40.65 -30.81
CA VAL J 151 -4.63 40.83 -31.91
C VAL J 151 -4.69 39.54 -32.71
N GLU J 152 -5.89 39.19 -33.18
CA GLU J 152 -6.12 38.05 -34.06
C GLU J 152 -6.78 38.57 -35.32
N LEU J 153 -5.98 38.80 -36.36
CA LEU J 153 -6.48 39.32 -37.62
C LEU J 153 -6.99 38.21 -38.52
N SER J 154 -7.99 38.53 -39.34
CA SER J 154 -8.53 37.60 -40.31
C SER J 154 -9.26 38.37 -41.40
N TRP J 155 -9.13 37.90 -42.63
CA TRP J 155 -9.90 38.44 -43.76
C TRP J 155 -11.23 37.72 -43.88
N TRP J 156 -12.22 38.43 -44.41
CA TRP J 156 -13.57 37.88 -44.58
C TRP J 156 -14.06 38.18 -45.98
N VAL J 157 -14.42 37.13 -46.72
CA VAL J 157 -14.85 37.23 -48.10
C VAL J 157 -16.26 36.68 -48.21
N ASN J 158 -17.23 37.57 -48.42
CA ASN J 158 -18.62 37.21 -48.67
C ASN J 158 -19.18 36.31 -47.56
N GLY J 159 -18.90 36.69 -46.31
CA GLY J 159 -19.40 35.95 -45.18
C GLY J 159 -18.61 34.71 -44.84
N LYS J 160 -17.46 34.50 -45.47
CA LYS J 160 -16.60 33.34 -45.21
C LYS J 160 -15.17 33.83 -45.10
N GLU J 161 -14.53 33.54 -43.97
CA GLU J 161 -13.12 33.90 -43.81
C GLU J 161 -12.26 33.03 -44.72
N VAL J 162 -11.21 33.64 -45.26
CA VAL J 162 -10.27 32.93 -46.13
C VAL J 162 -9.09 32.46 -45.30
N HIS J 163 -8.69 31.21 -45.50
CA HIS J 163 -7.42 30.69 -45.03
C HIS J 163 -6.45 30.46 -46.18
N SER J 164 -6.69 31.12 -47.32
CA SER J 164 -5.89 30.96 -48.52
C SER J 164 -5.72 32.32 -49.19
N GLY J 165 -4.55 32.56 -49.76
CA GLY J 165 -4.26 33.84 -50.38
C GLY J 165 -3.85 34.92 -49.41
N VAL J 166 -3.69 34.59 -48.13
CA VAL J 166 -3.40 35.58 -47.10
C VAL J 166 -1.95 35.45 -46.65
N CYS J 167 -1.39 36.59 -46.23
CA CYS J 167 -0.08 36.61 -45.55
C CYS J 167 -0.11 37.75 -44.55
N THR J 168 -0.42 37.42 -43.29
CA THR J 168 -0.38 38.40 -42.21
C THR J 168 1.03 38.47 -41.63
N ASP J 169 1.40 39.65 -41.12
CA ASP J 169 2.72 39.83 -40.56
C ASP J 169 2.90 38.90 -39.36
N PRO J 170 3.96 38.09 -39.33
CA PRO J 170 4.11 37.12 -38.24
C PRO J 170 4.16 37.76 -36.86
N GLN J 171 4.74 38.96 -36.73
CA GLN J 171 4.75 39.66 -35.46
C GLN J 171 4.53 41.15 -35.66
N PRO J 172 3.88 41.81 -34.71
CA PRO J 172 3.75 43.27 -34.77
C PRO J 172 5.06 43.99 -34.52
N LEU J 173 5.13 45.22 -35.02
CA LEU J 173 6.22 46.13 -34.68
C LEU J 173 5.73 47.20 -33.71
N LYS J 174 6.62 47.62 -32.81
CA LYS J 174 6.30 48.68 -31.87
C LYS J 174 6.42 50.04 -32.56
N GLU J 175 5.40 50.88 -32.39
CA GLU J 175 5.41 52.18 -33.06
C GLU J 175 6.47 53.11 -32.51
N GLN J 176 6.85 52.93 -31.24
CA GLN J 176 7.97 53.65 -30.63
C GLN J 176 8.85 52.65 -29.89
N PRO J 177 9.95 52.20 -30.50
CA PRO J 177 10.72 51.11 -29.89
C PRO J 177 11.24 51.45 -28.49
N ALA J 178 11.53 52.72 -28.21
CA ALA J 178 12.18 53.10 -26.95
C ALA J 178 11.29 52.92 -25.72
N LEU J 179 9.97 52.85 -25.89
CA LEU J 179 9.04 52.85 -24.76
C LEU J 179 8.50 51.46 -24.46
N ASN J 180 8.48 51.10 -23.17
CA ASN J 180 7.86 49.85 -22.75
C ASN J 180 6.35 49.84 -22.91
N ASP J 181 5.71 51.01 -22.90
CA ASP J 181 4.27 51.12 -23.06
C ASP J 181 3.87 51.43 -24.50
N SER J 182 4.80 51.28 -25.45
CA SER J 182 4.55 51.69 -26.82
C SER J 182 3.45 50.84 -27.47
N ARG J 183 2.64 51.48 -28.30
CA ARG J 183 1.61 50.80 -29.07
C ARG J 183 2.21 50.06 -30.26
N TYR J 184 1.48 49.06 -30.73
CA TYR J 184 1.93 48.16 -31.79
C TYR J 184 1.22 48.48 -33.11
N ALA J 185 1.54 47.69 -34.13
CA ALA J 185 0.91 47.78 -35.44
C ALA J 185 1.05 46.43 -36.14
N LEU J 186 0.06 46.10 -36.97
CA LEU J 186 0.02 44.81 -37.63
C LEU J 186 -0.55 44.99 -39.03
N SER J 187 -0.14 44.11 -39.94
CA SER J 187 -0.54 44.23 -41.33
C SER J 187 -0.69 42.85 -41.95
N SER J 188 -1.46 42.79 -43.04
CA SER J 188 -1.74 41.54 -43.73
C SER J 188 -2.01 41.83 -45.20
N ARG J 189 -1.96 40.78 -46.01
CA ARG J 189 -2.15 40.91 -47.45
C ARG J 189 -2.93 39.72 -47.98
N LEU J 190 -4.01 40.00 -48.71
CA LEU J 190 -4.82 38.98 -49.33
C LEU J 190 -4.72 39.10 -50.85
N ARG J 191 -4.46 37.98 -51.52
CA ARG J 191 -4.29 37.95 -52.97
C ARG J 191 -5.38 37.10 -53.59
N VAL J 192 -6.22 37.72 -54.41
CA VAL J 192 -7.27 37.04 -55.14
C VAL J 192 -7.01 37.21 -56.64
N SER J 193 -7.74 36.42 -57.44
CA SER J 193 -7.66 36.56 -58.88
C SER J 193 -8.15 37.94 -59.28
N ALA J 194 -7.51 38.53 -60.30
CA ALA J 194 -7.81 39.90 -60.67
C ALA J 194 -9.25 40.07 -61.13
N THR J 195 -9.84 39.01 -61.71
CA THR J 195 -11.26 39.04 -62.03
C THR J 195 -12.13 39.07 -60.77
N PHE J 196 -11.61 38.58 -59.64
CA PHE J 196 -12.33 38.60 -58.37
C PHE J 196 -12.25 39.96 -57.68
N TRP J 197 -11.43 40.88 -58.19
CA TRP J 197 -11.27 42.19 -57.57
C TRP J 197 -12.27 43.20 -58.10
N GLN J 198 -12.29 43.40 -59.42
CA GLN J 198 -13.15 44.42 -60.01
C GLN J 198 -14.62 44.00 -59.98
N ASN J 199 -14.91 42.75 -59.62
CA ASN J 199 -16.28 42.36 -59.37
C ASN J 199 -16.74 42.99 -58.06
N PRO J 200 -17.79 43.81 -58.06
CA PRO J 200 -18.28 44.38 -56.79
C PRO J 200 -19.20 43.45 -56.03
N ARG J 201 -19.68 42.37 -56.65
CA ARG J 201 -20.48 41.39 -55.93
C ARG J 201 -19.66 40.70 -54.85
N ASN J 202 -18.35 40.59 -55.03
CA ASN J 202 -17.48 40.04 -54.01
C ASN J 202 -17.17 41.10 -52.95
N HIS J 203 -17.05 40.65 -51.70
CA HIS J 203 -16.88 41.54 -50.56
C HIS J 203 -15.65 41.12 -49.77
N PHE J 204 -14.84 42.09 -49.38
CA PHE J 204 -13.65 41.86 -48.56
C PHE J 204 -13.74 42.73 -47.32
N ARG J 205 -13.40 42.15 -46.17
CA ARG J 205 -13.43 42.88 -44.90
C ARG J 205 -12.27 42.42 -44.04
N CYS J 206 -11.37 43.34 -43.72
CA CYS J 206 -10.29 43.06 -42.77
C CYS J 206 -10.83 43.15 -41.35
N GLN J 207 -10.57 42.12 -40.55
CA GLN J 207 -11.10 42.02 -39.20
C GLN J 207 -9.95 41.78 -38.23
N VAL J 208 -9.94 42.52 -37.12
CA VAL J 208 -8.87 42.45 -36.13
C VAL J 208 -9.52 42.24 -34.78
N GLN J 209 -9.57 41.00 -34.32
CA GLN J 209 -9.99 40.72 -32.96
C GLN J 209 -8.96 41.28 -31.99
N PHE J 210 -9.44 41.91 -30.92
CA PHE J 210 -8.57 42.52 -29.92
C PHE J 210 -8.96 42.01 -28.54
N TYR J 211 -8.05 41.28 -27.91
CA TYR J 211 -8.27 40.76 -26.56
C TYR J 211 -7.79 41.79 -25.57
N GLY J 212 -8.73 42.52 -24.96
CA GLY J 212 -8.43 43.61 -24.05
C GLY J 212 -9.18 43.46 -22.74
N LEU J 213 -9.66 44.60 -22.24
CA LEU J 213 -10.29 44.65 -20.93
C LEU J 213 -11.60 43.86 -20.90
N SER J 214 -11.86 43.21 -19.79
CA SER J 214 -13.15 42.59 -19.50
C SER J 214 -14.04 43.59 -18.78
N GLU J 215 -15.34 43.28 -18.72
CA GLU J 215 -16.28 44.14 -18.01
C GLU J 215 -16.00 44.21 -16.52
N ASN J 216 -15.32 43.21 -15.96
CA ASN J 216 -14.96 43.23 -14.54
C ASN J 216 -13.94 44.31 -14.22
N ASP J 217 -13.18 44.77 -15.21
CA ASP J 217 -12.22 45.85 -15.02
C ASP J 217 -12.94 47.19 -14.92
N GLU J 218 -12.31 48.14 -14.21
CA GLU J 218 -12.90 49.42 -13.88
C GLU J 218 -12.33 50.50 -14.79
N TRP J 219 -13.14 51.01 -15.71
CA TRP J 219 -12.74 52.07 -16.63
C TRP J 219 -13.24 53.42 -16.12
N THR J 220 -12.30 54.28 -15.71
CA THR J 220 -12.64 55.56 -15.12
C THR J 220 -12.37 56.76 -16.03
N GLN J 221 -11.59 56.58 -17.09
CA GLN J 221 -11.10 57.70 -17.88
C GLN J 221 -12.18 58.28 -18.80
N ASP J 222 -12.01 59.56 -19.15
CA ASP J 222 -12.87 60.18 -20.13
C ASP J 222 -12.52 59.62 -21.50
N ARG J 223 -13.06 58.45 -21.81
CA ARG J 223 -12.73 57.68 -23.01
C ARG J 223 -13.82 56.62 -23.20
N ALA J 224 -13.65 55.80 -24.23
CA ALA J 224 -14.39 54.56 -24.35
C ALA J 224 -13.55 53.43 -23.77
N LYS J 225 -14.21 52.51 -23.06
CA LYS J 225 -13.47 51.44 -22.39
C LYS J 225 -12.88 50.48 -23.42
N PRO J 226 -11.58 50.19 -23.35
CA PRO J 226 -10.98 49.27 -24.32
C PRO J 226 -11.34 47.82 -24.04
N VAL J 227 -12.62 47.49 -24.19
CA VAL J 227 -13.14 46.14 -24.00
C VAL J 227 -12.64 45.25 -25.14
N THR J 228 -12.87 43.95 -25.02
CA THR J 228 -12.53 43.03 -26.10
C THR J 228 -13.50 43.26 -27.25
N GLN J 229 -13.15 44.21 -28.11
CA GLN J 229 -13.95 44.63 -29.23
C GLN J 229 -13.45 43.96 -30.51
N ILE J 230 -14.15 44.19 -31.61
CA ILE J 230 -13.69 43.81 -32.94
C ILE J 230 -13.78 45.05 -33.81
N VAL J 231 -12.70 45.84 -33.84
CA VAL J 231 -12.59 46.90 -34.84
C VAL J 231 -12.38 46.27 -36.20
N SER J 232 -13.01 46.83 -37.22
CA SER J 232 -12.95 46.24 -38.56
C SER J 232 -13.11 47.30 -39.65
#